data_2R4Q
# 
_entry.id   2R4Q 
# 
_audit_conform.dict_name       mmcif_pdbx.dic 
_audit_conform.dict_version    5.399 
_audit_conform.dict_location   http://mmcif.pdb.org/dictionaries/ascii/mmcif_pdbx.dic 
# 
loop_
_database_2.database_id 
_database_2.database_code 
_database_2.pdbx_database_accession 
_database_2.pdbx_DOI 
PDB   2R4Q         pdb_00002r4q 10.2210/pdb2r4q/pdb 
RCSB  RCSB044422   ?            ?                   
WWPDB D_1000044422 ?            ?                   
# 
loop_
_pdbx_audit_revision_history.ordinal 
_pdbx_audit_revision_history.data_content_type 
_pdbx_audit_revision_history.major_revision 
_pdbx_audit_revision_history.minor_revision 
_pdbx_audit_revision_history.revision_date 
1 'Structure model' 1 0 2007-09-18 
2 'Structure model' 1 1 2011-07-13 
3 'Structure model' 1 2 2017-10-25 
4 'Structure model' 1 3 2024-11-20 
# 
_pdbx_audit_revision_details.ordinal             1 
_pdbx_audit_revision_details.revision_ordinal    1 
_pdbx_audit_revision_details.data_content_type   'Structure model' 
_pdbx_audit_revision_details.provider            repository 
_pdbx_audit_revision_details.type                'Initial release' 
_pdbx_audit_revision_details.description         ? 
_pdbx_audit_revision_details.details             ? 
# 
loop_
_pdbx_audit_revision_group.ordinal 
_pdbx_audit_revision_group.revision_ordinal 
_pdbx_audit_revision_group.data_content_type 
_pdbx_audit_revision_group.group 
1 2 'Structure model' Advisory                    
2 2 'Structure model' 'Source and taxonomy'       
3 2 'Structure model' 'Version format compliance' 
4 3 'Structure model' 'Refinement description'    
5 4 'Structure model' 'Data collection'           
6 4 'Structure model' 'Database references'       
7 4 'Structure model' 'Derived calculations'      
8 4 'Structure model' 'Structure summary'         
# 
loop_
_pdbx_audit_revision_category.ordinal 
_pdbx_audit_revision_category.revision_ordinal 
_pdbx_audit_revision_category.data_content_type 
_pdbx_audit_revision_category.category 
1 3 'Structure model' software                  
2 4 'Structure model' chem_comp_atom            
3 4 'Structure model' chem_comp_bond            
4 4 'Structure model' database_2                
5 4 'Structure model' pdbx_entry_details        
6 4 'Structure model' pdbx_modification_feature 
7 4 'Structure model' struct_conn               
8 4 'Structure model' struct_ref_seq_dif        
# 
loop_
_pdbx_audit_revision_item.ordinal 
_pdbx_audit_revision_item.revision_ordinal 
_pdbx_audit_revision_item.data_content_type 
_pdbx_audit_revision_item.item 
1 4 'Structure model' '_database_2.pdbx_DOI'                
2 4 'Structure model' '_database_2.pdbx_database_accession' 
3 4 'Structure model' '_struct_conn.pdbx_leaving_atom_flag' 
4 4 'Structure model' '_struct_ref_seq_dif.details'         
# 
_pdbx_database_status.entry_id                        2R4Q 
_pdbx_database_status.deposit_site                    RCSB 
_pdbx_database_status.process_site                    RCSB 
_pdbx_database_status.recvd_initial_deposition_date   2007-08-31 
_pdbx_database_status.status_code                     REL 
_pdbx_database_status.status_code_sf                  REL 
_pdbx_database_status.status_code_mr                  ? 
_pdbx_database_status.SG_entry                        Y 
_pdbx_database_status.pdb_format_compatible           Y 
_pdbx_database_status.status_code_cs                  ? 
_pdbx_database_status.methods_development_category    ? 
_pdbx_database_status.status_code_nmr_data            ? 
# 
loop_
_pdbx_database_related.db_name 
_pdbx_database_related.db_id 
_pdbx_database_related.details 
_pdbx_database_related.content_type 
TargetDB APC86784.1 'This entry' unspecified 
TargetDB APC1979.1  Homologue    unspecified 
# 
loop_
_audit_author.name 
_audit_author.pdbx_ordinal 
'Cuff, M.E.'                                    1 
'Sather, A.'                                    2 
'Nocek, B.'                                     3 
'Clancy, S.'                                    4 
'Joachimiak, A.'                                5 
'Midwest Center for Structural Genomics (MCSG)' 6 
# 
_citation.id                        primary 
_citation.title                     'The structure of a domain of fruA from Bacillus subtilis.' 
_citation.journal_abbrev            'TO BE PUBLISHED' 
_citation.journal_volume            ? 
_citation.page_first                ? 
_citation.page_last                 ? 
_citation.year                      ? 
_citation.journal_id_ASTM           ? 
_citation.country                   ? 
_citation.journal_id_ISSN           ? 
_citation.journal_id_CSD            0353 
_citation.book_publisher            ? 
_citation.pdbx_database_id_PubMed   ? 
_citation.pdbx_database_id_DOI      ? 
# 
loop_
_citation_author.citation_id 
_citation_author.name 
_citation_author.ordinal 
_citation_author.identifier_ORCID 
primary 'Cuff, M.E.'     1 ? 
primary 'Sather, A.'     2 ? 
primary 'Nocek, B.'      3 ? 
primary 'Clancy, S.'     4 ? 
primary 'Joachimiak, A.' 5 ? 
# 
loop_
_entity.id 
_entity.type 
_entity.src_method 
_entity.pdbx_description 
_entity.formula_weight 
_entity.pdbx_number_of_molecules 
_entity.pdbx_ec 
_entity.pdbx_mutation 
_entity.pdbx_fragment 
_entity.details 
1 polymer man 'Phosphotransferase system (PTS) fructose-specific enzyme IIABC component' 11609.996 1   ? ? 
'Targeted domain: Residues 171-273' ? 
2 water   nat water                                                                      18.015    209 ? ? ? ? 
# 
_entity_name_com.entity_id   1 
_entity_name_com.name        'Fructose PTS IIABC' 
# 
_entity_poly.entity_id                      1 
_entity_poly.type                           'polypeptide(L)' 
_entity_poly.nstd_linkage                   no 
_entity_poly.nstd_monomer                   yes 
_entity_poly.pdbx_seq_one_letter_code       
;SNAKILAVTACPTGIAHTF(MSE)AADALKEKAKELGVEIKVETNGSSGIKHKLTAQEIEDAPAIIVAADKQVE(MSE)E
RFKGKRVLQVPVTAGIRRPQELIEKA(MSE)NQDAPIY
;
_entity_poly.pdbx_seq_one_letter_code_can   
;SNAKILAVTACPTGIAHTFMAADALKEKAKELGVEIKVETNGSSGIKHKLTAQEIEDAPAIIVAADKQVEMERFKGKRVL
QVPVTAGIRRPQELIEKAMNQDAPIY
;
_entity_poly.pdbx_strand_id                 A 
_entity_poly.pdbx_target_identifier         APC86784.1 
# 
_pdbx_entity_nonpoly.entity_id   2 
_pdbx_entity_nonpoly.name        water 
_pdbx_entity_nonpoly.comp_id     HOH 
# 
loop_
_entity_poly_seq.entity_id 
_entity_poly_seq.num 
_entity_poly_seq.mon_id 
_entity_poly_seq.hetero 
1 1   SER n 
1 2   ASN n 
1 3   ALA n 
1 4   LYS n 
1 5   ILE n 
1 6   LEU n 
1 7   ALA n 
1 8   VAL n 
1 9   THR n 
1 10  ALA n 
1 11  CYS n 
1 12  PRO n 
1 13  THR n 
1 14  GLY n 
1 15  ILE n 
1 16  ALA n 
1 17  HIS n 
1 18  THR n 
1 19  PHE n 
1 20  MSE n 
1 21  ALA n 
1 22  ALA n 
1 23  ASP n 
1 24  ALA n 
1 25  LEU n 
1 26  LYS n 
1 27  GLU n 
1 28  LYS n 
1 29  ALA n 
1 30  LYS n 
1 31  GLU n 
1 32  LEU n 
1 33  GLY n 
1 34  VAL n 
1 35  GLU n 
1 36  ILE n 
1 37  LYS n 
1 38  VAL n 
1 39  GLU n 
1 40  THR n 
1 41  ASN n 
1 42  GLY n 
1 43  SER n 
1 44  SER n 
1 45  GLY n 
1 46  ILE n 
1 47  LYS n 
1 48  HIS n 
1 49  LYS n 
1 50  LEU n 
1 51  THR n 
1 52  ALA n 
1 53  GLN n 
1 54  GLU n 
1 55  ILE n 
1 56  GLU n 
1 57  ASP n 
1 58  ALA n 
1 59  PRO n 
1 60  ALA n 
1 61  ILE n 
1 62  ILE n 
1 63  VAL n 
1 64  ALA n 
1 65  ALA n 
1 66  ASP n 
1 67  LYS n 
1 68  GLN n 
1 69  VAL n 
1 70  GLU n 
1 71  MSE n 
1 72  GLU n 
1 73  ARG n 
1 74  PHE n 
1 75  LYS n 
1 76  GLY n 
1 77  LYS n 
1 78  ARG n 
1 79  VAL n 
1 80  LEU n 
1 81  GLN n 
1 82  VAL n 
1 83  PRO n 
1 84  VAL n 
1 85  THR n 
1 86  ALA n 
1 87  GLY n 
1 88  ILE n 
1 89  ARG n 
1 90  ARG n 
1 91  PRO n 
1 92  GLN n 
1 93  GLU n 
1 94  LEU n 
1 95  ILE n 
1 96  GLU n 
1 97  LYS n 
1 98  ALA n 
1 99  MSE n 
1 100 ASN n 
1 101 GLN n 
1 102 ASP n 
1 103 ALA n 
1 104 PRO n 
1 105 ILE n 
1 106 TYR n 
# 
_entity_src_gen.entity_id                          1 
_entity_src_gen.pdbx_src_id                        1 
_entity_src_gen.pdbx_alt_source_flag               sample 
_entity_src_gen.pdbx_seq_type                      ? 
_entity_src_gen.pdbx_beg_seq_num                   ? 
_entity_src_gen.pdbx_end_seq_num                   ? 
_entity_src_gen.gene_src_common_name               ? 
_entity_src_gen.gene_src_genus                     Bacillus 
_entity_src_gen.pdbx_gene_src_gene                 'fruA, BSU14400' 
_entity_src_gen.gene_src_species                   'Bacillus subtilis' 
_entity_src_gen.gene_src_strain                    168 
_entity_src_gen.gene_src_tissue                    ? 
_entity_src_gen.gene_src_tissue_fraction           ? 
_entity_src_gen.gene_src_details                   ? 
_entity_src_gen.pdbx_gene_src_fragment             ? 
_entity_src_gen.pdbx_gene_src_scientific_name      'Bacillus subtilis subsp. subtilis' 
_entity_src_gen.pdbx_gene_src_ncbi_taxonomy_id     224308 
_entity_src_gen.pdbx_gene_src_variant              ? 
_entity_src_gen.pdbx_gene_src_cell_line            ? 
_entity_src_gen.pdbx_gene_src_atcc                 ? 
_entity_src_gen.pdbx_gene_src_organ                ? 
_entity_src_gen.pdbx_gene_src_organelle            ? 
_entity_src_gen.pdbx_gene_src_cell                 ? 
_entity_src_gen.pdbx_gene_src_cellular_location    ? 
_entity_src_gen.host_org_common_name               ? 
_entity_src_gen.pdbx_host_org_scientific_name      'Escherichia coli BL21(DE3)' 
_entity_src_gen.pdbx_host_org_ncbi_taxonomy_id     469008 
_entity_src_gen.host_org_genus                     Escherichia 
_entity_src_gen.pdbx_host_org_gene                 ? 
_entity_src_gen.pdbx_host_org_organ                ? 
_entity_src_gen.host_org_species                   'Escherichia coli' 
_entity_src_gen.pdbx_host_org_tissue               ? 
_entity_src_gen.pdbx_host_org_tissue_fraction      ? 
_entity_src_gen.pdbx_host_org_strain               'BL21(DE3)' 
_entity_src_gen.pdbx_host_org_variant              ? 
_entity_src_gen.pdbx_host_org_cell_line            ? 
_entity_src_gen.pdbx_host_org_atcc                 ? 
_entity_src_gen.pdbx_host_org_culture_collection   ? 
_entity_src_gen.pdbx_host_org_cell                 ? 
_entity_src_gen.pdbx_host_org_organelle            ? 
_entity_src_gen.pdbx_host_org_cellular_location    ? 
_entity_src_gen.pdbx_host_org_vector_type          Plasmid 
_entity_src_gen.pdbx_host_org_vector               ? 
_entity_src_gen.host_org_details                   ? 
_entity_src_gen.expression_system_id               ? 
_entity_src_gen.plasmid_name                       pMCSG7 
_entity_src_gen.plasmid_details                    ? 
_entity_src_gen.pdbx_description                   ? 
# 
loop_
_chem_comp.id 
_chem_comp.type 
_chem_comp.mon_nstd_flag 
_chem_comp.name 
_chem_comp.pdbx_synonyms 
_chem_comp.formula 
_chem_comp.formula_weight 
ALA 'L-peptide linking' y ALANINE          ? 'C3 H7 N O2'     89.093  
ARG 'L-peptide linking' y ARGININE         ? 'C6 H15 N4 O2 1' 175.209 
ASN 'L-peptide linking' y ASPARAGINE       ? 'C4 H8 N2 O3'    132.118 
ASP 'L-peptide linking' y 'ASPARTIC ACID'  ? 'C4 H7 N O4'     133.103 
CYS 'L-peptide linking' y CYSTEINE         ? 'C3 H7 N O2 S'   121.158 
GLN 'L-peptide linking' y GLUTAMINE        ? 'C5 H10 N2 O3'   146.144 
GLU 'L-peptide linking' y 'GLUTAMIC ACID'  ? 'C5 H9 N O4'     147.129 
GLY 'peptide linking'   y GLYCINE          ? 'C2 H5 N O2'     75.067  
HIS 'L-peptide linking' y HISTIDINE        ? 'C6 H10 N3 O2 1' 156.162 
HOH non-polymer         . WATER            ? 'H2 O'           18.015  
ILE 'L-peptide linking' y ISOLEUCINE       ? 'C6 H13 N O2'    131.173 
LEU 'L-peptide linking' y LEUCINE          ? 'C6 H13 N O2'    131.173 
LYS 'L-peptide linking' y LYSINE           ? 'C6 H15 N2 O2 1' 147.195 
MSE 'L-peptide linking' n SELENOMETHIONINE ? 'C5 H11 N O2 Se' 196.106 
PHE 'L-peptide linking' y PHENYLALANINE    ? 'C9 H11 N O2'    165.189 
PRO 'L-peptide linking' y PROLINE          ? 'C5 H9 N O2'     115.130 
SER 'L-peptide linking' y SERINE           ? 'C3 H7 N O3'     105.093 
THR 'L-peptide linking' y THREONINE        ? 'C4 H9 N O3'     119.119 
TYR 'L-peptide linking' y TYROSINE         ? 'C9 H11 N O3'    181.189 
VAL 'L-peptide linking' y VALINE           ? 'C5 H11 N O2'    117.146 
# 
loop_
_pdbx_poly_seq_scheme.asym_id 
_pdbx_poly_seq_scheme.entity_id 
_pdbx_poly_seq_scheme.seq_id 
_pdbx_poly_seq_scheme.mon_id 
_pdbx_poly_seq_scheme.ndb_seq_num 
_pdbx_poly_seq_scheme.pdb_seq_num 
_pdbx_poly_seq_scheme.auth_seq_num 
_pdbx_poly_seq_scheme.pdb_mon_id 
_pdbx_poly_seq_scheme.auth_mon_id 
_pdbx_poly_seq_scheme.pdb_strand_id 
_pdbx_poly_seq_scheme.pdb_ins_code 
_pdbx_poly_seq_scheme.hetero 
A 1 1   SER 1   168 ?   ?   ?   A . n 
A 1 2   ASN 2   169 ?   ?   ?   A . n 
A 1 3   ALA 3   170 170 ALA ALA A . n 
A 1 4   LYS 4   171 171 LYS LYS A . n 
A 1 5   ILE 5   172 172 ILE ILE A . n 
A 1 6   LEU 6   173 173 LEU LEU A . n 
A 1 7   ALA 7   174 174 ALA ALA A . n 
A 1 8   VAL 8   175 175 VAL VAL A . n 
A 1 9   THR 9   176 176 THR THR A . n 
A 1 10  ALA 10  177 177 ALA ALA A . n 
A 1 11  CYS 11  178 178 CYS CYS A . n 
A 1 12  PRO 12  179 179 PRO PRO A . n 
A 1 13  THR 13  180 180 THR THR A . n 
A 1 14  GLY 14  181 181 GLY GLY A . n 
A 1 15  ILE 15  182 ?   ?   ?   A . n 
A 1 16  ALA 16  183 ?   ?   ?   A . n 
A 1 17  HIS 17  184 184 HIS HIS A . n 
A 1 18  THR 18  185 185 THR THR A . n 
A 1 19  PHE 19  186 186 PHE PHE A . n 
A 1 20  MSE 20  187 187 MSE MSE A . n 
A 1 21  ALA 21  188 188 ALA ALA A . n 
A 1 22  ALA 22  189 189 ALA ALA A . n 
A 1 23  ASP 23  190 190 ASP ASP A . n 
A 1 24  ALA 24  191 191 ALA ALA A . n 
A 1 25  LEU 25  192 192 LEU LEU A . n 
A 1 26  LYS 26  193 193 LYS LYS A . n 
A 1 27  GLU 27  194 194 GLU GLU A . n 
A 1 28  LYS 28  195 195 LYS LYS A . n 
A 1 29  ALA 29  196 196 ALA ALA A . n 
A 1 30  LYS 30  197 197 LYS LYS A . n 
A 1 31  GLU 31  198 198 GLU GLU A . n 
A 1 32  LEU 32  199 199 LEU LEU A . n 
A 1 33  GLY 33  200 200 GLY GLY A . n 
A 1 34  VAL 34  201 201 VAL VAL A . n 
A 1 35  GLU 35  202 202 GLU GLU A . n 
A 1 36  ILE 36  203 203 ILE ILE A . n 
A 1 37  LYS 37  204 204 LYS LYS A . n 
A 1 38  VAL 38  205 205 VAL VAL A . n 
A 1 39  GLU 39  206 206 GLU GLU A . n 
A 1 40  THR 40  207 207 THR THR A . n 
A 1 41  ASN 41  208 208 ASN ASN A . n 
A 1 42  GLY 42  209 209 GLY GLY A . n 
A 1 43  SER 43  210 210 SER SER A . n 
A 1 44  SER 44  211 211 SER SER A . n 
A 1 45  GLY 45  212 212 GLY GLY A . n 
A 1 46  ILE 46  213 213 ILE ILE A . n 
A 1 47  LYS 47  214 214 LYS LYS A . n 
A 1 48  HIS 48  215 215 HIS HIS A . n 
A 1 49  LYS 49  216 216 LYS LYS A . n 
A 1 50  LEU 50  217 217 LEU LEU A . n 
A 1 51  THR 51  218 218 THR THR A . n 
A 1 52  ALA 52  219 219 ALA ALA A . n 
A 1 53  GLN 53  220 220 GLN GLN A . n 
A 1 54  GLU 54  221 221 GLU GLU A . n 
A 1 55  ILE 55  222 222 ILE ILE A . n 
A 1 56  GLU 56  223 223 GLU GLU A . n 
A 1 57  ASP 57  224 224 ASP ASP A . n 
A 1 58  ALA 58  225 225 ALA ALA A . n 
A 1 59  PRO 59  226 226 PRO PRO A . n 
A 1 60  ALA 60  227 227 ALA ALA A . n 
A 1 61  ILE 61  228 228 ILE ILE A . n 
A 1 62  ILE 62  229 229 ILE ILE A . n 
A 1 63  VAL 63  230 230 VAL VAL A . n 
A 1 64  ALA 64  231 231 ALA ALA A . n 
A 1 65  ALA 65  232 232 ALA ALA A . n 
A 1 66  ASP 66  233 233 ASP ASP A . n 
A 1 67  LYS 67  234 234 LYS LYS A . n 
A 1 68  GLN 68  235 235 GLN GLN A . n 
A 1 69  VAL 69  236 236 VAL VAL A . n 
A 1 70  GLU 70  237 237 GLU GLU A . n 
A 1 71  MSE 71  238 238 MSE MSE A . n 
A 1 72  GLU 72  239 239 GLU GLU A . n 
A 1 73  ARG 73  240 240 ARG ARG A . n 
A 1 74  PHE 74  241 241 PHE PHE A . n 
A 1 75  LYS 75  242 242 LYS LYS A . n 
A 1 76  GLY 76  243 243 GLY GLY A . n 
A 1 77  LYS 77  244 244 LYS LYS A . n 
A 1 78  ARG 78  245 245 ARG ARG A . n 
A 1 79  VAL 79  246 246 VAL VAL A . n 
A 1 80  LEU 80  247 247 LEU LEU A . n 
A 1 81  GLN 81  248 248 GLN GLN A . n 
A 1 82  VAL 82  249 249 VAL VAL A . n 
A 1 83  PRO 83  250 250 PRO PRO A . n 
A 1 84  VAL 84  251 251 VAL VAL A . n 
A 1 85  THR 85  252 252 THR THR A . n 
A 1 86  ALA 86  253 253 ALA ALA A . n 
A 1 87  GLY 87  254 254 GLY GLY A . n 
A 1 88  ILE 88  255 255 ILE ILE A . n 
A 1 89  ARG 89  256 256 ARG ARG A . n 
A 1 90  ARG 90  257 257 ARG ARG A . n 
A 1 91  PRO 91  258 258 PRO PRO A . n 
A 1 92  GLN 92  259 259 GLN GLN A . n 
A 1 93  GLU 93  260 260 GLU GLU A . n 
A 1 94  LEU 94  261 261 LEU LEU A . n 
A 1 95  ILE 95  262 262 ILE ILE A . n 
A 1 96  GLU 96  263 263 GLU GLU A . n 
A 1 97  LYS 97  264 264 LYS LYS A . n 
A 1 98  ALA 98  265 265 ALA ALA A . n 
A 1 99  MSE 99  266 266 MSE MSE A . n 
A 1 100 ASN 100 267 267 ASN ASN A . n 
A 1 101 GLN 101 268 268 GLN GLN A . n 
A 1 102 ASP 102 269 269 ASP ASP A . n 
A 1 103 ALA 103 270 270 ALA ALA A . n 
A 1 104 PRO 104 271 271 PRO PRO A . n 
A 1 105 ILE 105 272 272 ILE ILE A . n 
A 1 106 TYR 106 273 273 TYR TYR A . n 
# 
loop_
_pdbx_nonpoly_scheme.asym_id 
_pdbx_nonpoly_scheme.entity_id 
_pdbx_nonpoly_scheme.mon_id 
_pdbx_nonpoly_scheme.ndb_seq_num 
_pdbx_nonpoly_scheme.pdb_seq_num 
_pdbx_nonpoly_scheme.auth_seq_num 
_pdbx_nonpoly_scheme.pdb_mon_id 
_pdbx_nonpoly_scheme.auth_mon_id 
_pdbx_nonpoly_scheme.pdb_strand_id 
_pdbx_nonpoly_scheme.pdb_ins_code 
B 2 HOH 1   274 1   HOH HOH A . 
B 2 HOH 2   275 2   HOH HOH A . 
B 2 HOH 3   276 3   HOH HOH A . 
B 2 HOH 4   277 4   HOH HOH A . 
B 2 HOH 5   278 5   HOH HOH A . 
B 2 HOH 6   279 6   HOH HOH A . 
B 2 HOH 7   280 7   HOH HOH A . 
B 2 HOH 8   281 8   HOH HOH A . 
B 2 HOH 9   282 9   HOH HOH A . 
B 2 HOH 10  283 10  HOH HOH A . 
B 2 HOH 11  284 11  HOH HOH A . 
B 2 HOH 12  285 12  HOH HOH A . 
B 2 HOH 13  286 13  HOH HOH A . 
B 2 HOH 14  287 14  HOH HOH A . 
B 2 HOH 15  288 15  HOH HOH A . 
B 2 HOH 16  289 16  HOH HOH A . 
B 2 HOH 17  290 17  HOH HOH A . 
B 2 HOH 18  291 18  HOH HOH A . 
B 2 HOH 19  292 19  HOH HOH A . 
B 2 HOH 20  293 20  HOH HOH A . 
B 2 HOH 21  294 21  HOH HOH A . 
B 2 HOH 22  295 22  HOH HOH A . 
B 2 HOH 23  296 23  HOH HOH A . 
B 2 HOH 24  297 24  HOH HOH A . 
B 2 HOH 25  298 25  HOH HOH A . 
B 2 HOH 26  299 26  HOH HOH A . 
B 2 HOH 27  300 27  HOH HOH A . 
B 2 HOH 28  301 28  HOH HOH A . 
B 2 HOH 29  302 29  HOH HOH A . 
B 2 HOH 30  303 30  HOH HOH A . 
B 2 HOH 31  304 31  HOH HOH A . 
B 2 HOH 32  305 32  HOH HOH A . 
B 2 HOH 33  306 33  HOH HOH A . 
B 2 HOH 34  307 34  HOH HOH A . 
B 2 HOH 35  308 35  HOH HOH A . 
B 2 HOH 36  309 36  HOH HOH A . 
B 2 HOH 37  310 37  HOH HOH A . 
B 2 HOH 38  311 38  HOH HOH A . 
B 2 HOH 39  312 39  HOH HOH A . 
B 2 HOH 40  313 40  HOH HOH A . 
B 2 HOH 41  314 41  HOH HOH A . 
B 2 HOH 42  315 42  HOH HOH A . 
B 2 HOH 43  316 43  HOH HOH A . 
B 2 HOH 44  317 44  HOH HOH A . 
B 2 HOH 45  318 45  HOH HOH A . 
B 2 HOH 46  319 46  HOH HOH A . 
B 2 HOH 47  320 47  HOH HOH A . 
B 2 HOH 48  321 48  HOH HOH A . 
B 2 HOH 49  322 49  HOH HOH A . 
B 2 HOH 50  323 50  HOH HOH A . 
B 2 HOH 51  324 51  HOH HOH A . 
B 2 HOH 52  325 52  HOH HOH A . 
B 2 HOH 53  326 53  HOH HOH A . 
B 2 HOH 54  327 54  HOH HOH A . 
B 2 HOH 55  328 55  HOH HOH A . 
B 2 HOH 56  329 56  HOH HOH A . 
B 2 HOH 57  330 57  HOH HOH A . 
B 2 HOH 58  331 58  HOH HOH A . 
B 2 HOH 59  332 59  HOH HOH A . 
B 2 HOH 60  333 60  HOH HOH A . 
B 2 HOH 61  334 61  HOH HOH A . 
B 2 HOH 62  335 62  HOH HOH A . 
B 2 HOH 63  336 63  HOH HOH A . 
B 2 HOH 64  337 64  HOH HOH A . 
B 2 HOH 65  338 65  HOH HOH A . 
B 2 HOH 66  339 66  HOH HOH A . 
B 2 HOH 67  340 67  HOH HOH A . 
B 2 HOH 68  341 68  HOH HOH A . 
B 2 HOH 69  342 69  HOH HOH A . 
B 2 HOH 70  343 70  HOH HOH A . 
B 2 HOH 71  344 71  HOH HOH A . 
B 2 HOH 72  345 72  HOH HOH A . 
B 2 HOH 73  346 73  HOH HOH A . 
B 2 HOH 74  347 74  HOH HOH A . 
B 2 HOH 75  348 75  HOH HOH A . 
B 2 HOH 76  349 76  HOH HOH A . 
B 2 HOH 77  350 77  HOH HOH A . 
B 2 HOH 78  351 78  HOH HOH A . 
B 2 HOH 79  352 79  HOH HOH A . 
B 2 HOH 80  353 80  HOH HOH A . 
B 2 HOH 81  354 81  HOH HOH A . 
B 2 HOH 82  355 82  HOH HOH A . 
B 2 HOH 83  356 83  HOH HOH A . 
B 2 HOH 84  357 84  HOH HOH A . 
B 2 HOH 85  358 85  HOH HOH A . 
B 2 HOH 86  359 86  HOH HOH A . 
B 2 HOH 87  360 87  HOH HOH A . 
B 2 HOH 88  361 88  HOH HOH A . 
B 2 HOH 89  362 89  HOH HOH A . 
B 2 HOH 90  363 90  HOH HOH A . 
B 2 HOH 91  364 91  HOH HOH A . 
B 2 HOH 92  365 92  HOH HOH A . 
B 2 HOH 93  366 93  HOH HOH A . 
B 2 HOH 94  367 94  HOH HOH A . 
B 2 HOH 95  368 95  HOH HOH A . 
B 2 HOH 96  369 96  HOH HOH A . 
B 2 HOH 97  370 97  HOH HOH A . 
B 2 HOH 98  371 98  HOH HOH A . 
B 2 HOH 99  372 99  HOH HOH A . 
B 2 HOH 100 373 100 HOH HOH A . 
B 2 HOH 101 374 101 HOH HOH A . 
B 2 HOH 102 375 102 HOH HOH A . 
B 2 HOH 103 376 103 HOH HOH A . 
B 2 HOH 104 377 104 HOH HOH A . 
B 2 HOH 105 378 105 HOH HOH A . 
B 2 HOH 106 379 106 HOH HOH A . 
B 2 HOH 107 380 107 HOH HOH A . 
B 2 HOH 108 381 108 HOH HOH A . 
B 2 HOH 109 382 109 HOH HOH A . 
B 2 HOH 110 383 110 HOH HOH A . 
B 2 HOH 111 384 111 HOH HOH A . 
B 2 HOH 112 385 112 HOH HOH A . 
B 2 HOH 113 386 113 HOH HOH A . 
B 2 HOH 114 387 114 HOH HOH A . 
B 2 HOH 115 388 115 HOH HOH A . 
B 2 HOH 116 389 116 HOH HOH A . 
B 2 HOH 117 390 117 HOH HOH A . 
B 2 HOH 118 391 118 HOH HOH A . 
B 2 HOH 119 392 119 HOH HOH A . 
B 2 HOH 120 393 120 HOH HOH A . 
B 2 HOH 121 394 121 HOH HOH A . 
B 2 HOH 122 395 122 HOH HOH A . 
B 2 HOH 123 396 123 HOH HOH A . 
B 2 HOH 124 397 124 HOH HOH A . 
B 2 HOH 125 398 125 HOH HOH A . 
B 2 HOH 126 399 126 HOH HOH A . 
B 2 HOH 127 400 127 HOH HOH A . 
B 2 HOH 128 401 128 HOH HOH A . 
B 2 HOH 129 402 129 HOH HOH A . 
B 2 HOH 130 403 130 HOH HOH A . 
B 2 HOH 131 404 131 HOH HOH A . 
B 2 HOH 132 405 132 HOH HOH A . 
B 2 HOH 133 406 133 HOH HOH A . 
B 2 HOH 134 407 134 HOH HOH A . 
B 2 HOH 135 408 135 HOH HOH A . 
B 2 HOH 136 409 136 HOH HOH A . 
B 2 HOH 137 410 137 HOH HOH A . 
B 2 HOH 138 411 138 HOH HOH A . 
B 2 HOH 139 412 139 HOH HOH A . 
B 2 HOH 140 413 140 HOH HOH A . 
B 2 HOH 141 414 141 HOH HOH A . 
B 2 HOH 142 415 142 HOH HOH A . 
B 2 HOH 143 416 143 HOH HOH A . 
B 2 HOH 144 417 144 HOH HOH A . 
B 2 HOH 145 418 145 HOH HOH A . 
B 2 HOH 146 419 146 HOH HOH A . 
B 2 HOH 147 420 147 HOH HOH A . 
B 2 HOH 148 421 148 HOH HOH A . 
B 2 HOH 149 422 149 HOH HOH A . 
B 2 HOH 150 423 150 HOH HOH A . 
B 2 HOH 151 424 151 HOH HOH A . 
B 2 HOH 152 425 152 HOH HOH A . 
B 2 HOH 153 426 153 HOH HOH A . 
B 2 HOH 154 427 154 HOH HOH A . 
B 2 HOH 155 428 155 HOH HOH A . 
B 2 HOH 156 429 156 HOH HOH A . 
B 2 HOH 157 430 157 HOH HOH A . 
B 2 HOH 158 431 158 HOH HOH A . 
B 2 HOH 159 432 159 HOH HOH A . 
B 2 HOH 160 433 160 HOH HOH A . 
B 2 HOH 161 434 161 HOH HOH A . 
B 2 HOH 162 435 162 HOH HOH A . 
B 2 HOH 163 436 163 HOH HOH A . 
B 2 HOH 164 437 164 HOH HOH A . 
B 2 HOH 165 438 165 HOH HOH A . 
B 2 HOH 166 439 166 HOH HOH A . 
B 2 HOH 167 440 167 HOH HOH A . 
B 2 HOH 168 441 168 HOH HOH A . 
B 2 HOH 169 442 169 HOH HOH A . 
B 2 HOH 170 443 170 HOH HOH A . 
B 2 HOH 171 444 171 HOH HOH A . 
B 2 HOH 172 445 172 HOH HOH A . 
B 2 HOH 173 446 173 HOH HOH A . 
B 2 HOH 174 447 174 HOH HOH A . 
B 2 HOH 175 448 175 HOH HOH A . 
B 2 HOH 176 449 176 HOH HOH A . 
B 2 HOH 177 450 177 HOH HOH A . 
B 2 HOH 178 451 178 HOH HOH A . 
B 2 HOH 179 452 179 HOH HOH A . 
B 2 HOH 180 453 180 HOH HOH A . 
B 2 HOH 181 454 181 HOH HOH A . 
B 2 HOH 182 455 182 HOH HOH A . 
B 2 HOH 183 456 183 HOH HOH A . 
B 2 HOH 184 457 184 HOH HOH A . 
B 2 HOH 185 458 185 HOH HOH A . 
B 2 HOH 186 459 186 HOH HOH A . 
B 2 HOH 187 460 187 HOH HOH A . 
B 2 HOH 188 461 188 HOH HOH A . 
B 2 HOH 189 462 189 HOH HOH A . 
B 2 HOH 190 463 190 HOH HOH A . 
B 2 HOH 191 464 191 HOH HOH A . 
B 2 HOH 192 465 192 HOH HOH A . 
B 2 HOH 193 466 193 HOH HOH A . 
B 2 HOH 194 467 194 HOH HOH A . 
B 2 HOH 195 468 195 HOH HOH A . 
B 2 HOH 196 469 196 HOH HOH A . 
B 2 HOH 197 470 197 HOH HOH A . 
B 2 HOH 198 471 198 HOH HOH A . 
B 2 HOH 199 472 199 HOH HOH A . 
B 2 HOH 200 473 200 HOH HOH A . 
B 2 HOH 201 474 201 HOH HOH A . 
B 2 HOH 202 475 202 HOH HOH A . 
B 2 HOH 203 476 203 HOH HOH A . 
B 2 HOH 204 477 204 HOH HOH A . 
B 2 HOH 205 478 205 HOH HOH A . 
B 2 HOH 206 479 206 HOH HOH A . 
B 2 HOH 207 480 207 HOH HOH A . 
B 2 HOH 208 481 208 HOH HOH A . 
B 2 HOH 209 482 209 HOH HOH A . 
# 
loop_
_software.name 
_software.version 
_software.date 
_software.type 
_software.contact_author 
_software.contact_author_email 
_software.classification 
_software.location 
_software.language 
_software.citation_id 
_software.pdbx_ordinal 
DENZO       .     ?              package 'Zbyszek Otwinowski'       zbyszek@mix.swmed.edu                   'data reduction'  
http://www.lnls.br/infra/linhasluz/denzo-hkl.htm ?          ? 1  
SCALEPACK   .     ?              package 'Zbyszek Otwinowski'       zbyszek@mix.swmed.edu                   'data scaling'    
http://www.lnls.br/infra/linhasluz/denzo-hkl.htm ?          ? 2  
MLPHARE     .     ?              other   'Z.Otwinowski or E.Dodson' 'ccp4@dl.ac.uk, ccp4@yorvic.york.ac.uk' phasing           
http://www.ccp4.ac.uk/main.html                  Fortran_77 ? 3  
DM          5.0   ?              program K.Cowtan                   ccp4@dl.ac.uk                           phasing           
http://www.ccp4.ac.uk/main.html                  Fortran_77 ? 4  
REFMAC      .     ?              program 'Murshudov, G.N.'          ccp4@dl.ac.uk                           refinement        
http://www.ccp4.ac.uk/main.html                  Fortran_77 ? 5  
PDB_EXTRACT 3.000 'July 2, 2007' package PDB                        sw-help@rcsb.rutgers.edu                'data extraction' 
http://pdb.rutgers.edu/software/                 C++        ? 6  
SBC-Collect .     ?              ?       ?                          ?                                       'data collection' ? ? 
? 7  
HKL-3000    .     ?              ?       ?                          ?                                       'data reduction'  ? ? 
? 8  
HKL-3000    .     ?              ?       ?                          ?                                       'data scaling'    ? ? 
? 9  
HKL-3000    .     ?              ?       ?                          ?                                       phasing           ? ? 
? 10 
SHELXD      .     ?              ?       ?                          ?                                       phasing           ? ? 
? 11 
SHELXE      .     ?              ?       ?                          ?                                       'model building'  ? ? 
? 12 
SOLVE       .     ?              ?       ?                          ?                                       phasing           ? ? 
? 13 
RESOLVE     .     ?              ?       ?                          ?                                       phasing           ? ? 
? 14 
ARP/wARP    .     ?              ?       ?                          ?                                       'model building'  ? ? 
? 15 
CCP4        .     ?              ?       ?                          ?                                       phasing           ? ? 
? 16 
O           .     ?              ?       ?                          ?                                       'model building'  ? ? 
? 17 
Coot        .     ?              ?       ?                          ?                                       'model building'  ? ? 
? 18 
# 
_cell.length_a           43.661 
_cell.length_b           43.661 
_cell.length_c           110.896 
_cell.angle_alpha        90.000 
_cell.angle_beta         90.000 
_cell.angle_gamma        90.000 
_cell.entry_id           2R4Q 
_cell.pdbx_unique_axis   ? 
_cell.Z_PDB              8 
_cell.length_a_esd       ? 
_cell.length_b_esd       ? 
_cell.length_c_esd       ? 
_cell.angle_alpha_esd    ? 
_cell.angle_beta_esd     ? 
_cell.angle_gamma_esd    ? 
# 
_symmetry.space_group_name_H-M             'P 43 21 2' 
_symmetry.entry_id                         2R4Q 
_symmetry.Int_Tables_number                96 
_symmetry.pdbx_full_space_group_name_H-M   ? 
_symmetry.cell_setting                     ? 
_symmetry.space_group_name_Hall            ? 
# 
_exptl.crystals_number   1 
_exptl.entry_id          2R4Q 
_exptl.method            'X-RAY DIFFRACTION' 
# 
_exptl_crystal.id                    1 
_exptl_crystal.density_Matthews      2.28 
_exptl_crystal.density_meas          ? 
_exptl_crystal.density_percent_sol   45.96 
_exptl_crystal.description           ? 
_exptl_crystal.F_000                 ? 
_exptl_crystal.preparation           ? 
# 
_exptl_crystal_grow.crystal_id      1 
_exptl_crystal_grow.method          'VAPOR DIFFUSION, SITTING DROP' 
_exptl_crystal_grow.pH              7.5 
_exptl_crystal_grow.temp            291 
_exptl_crystal_grow.temp_details    ? 
_exptl_crystal_grow.pdbx_details    '0.1M HEPES pH 7.5, 25% PEG 3350, VAPOR DIFFUSION, SITTING DROP, temperature 291K' 
_exptl_crystal_grow.pdbx_pH_range   . 
# 
_diffrn.id                     1 
_diffrn.ambient_temp           100 
_diffrn.ambient_temp_details   ? 
_diffrn.crystal_id             1 
# 
_diffrn_detector.diffrn_id              1 
_diffrn_detector.detector               CCD 
_diffrn_detector.type                   CUSTOM-MADE 
_diffrn_detector.pdbx_collection_date   2007-08-05 
_diffrn_detector.details                ? 
# 
_diffrn_radiation.diffrn_id                        1 
_diffrn_radiation.wavelength_id                    1 
_diffrn_radiation.pdbx_diffrn_protocol             MAD 
_diffrn_radiation.monochromator                    'SAGITALLY FOCUSED Si(111)' 
_diffrn_radiation.pdbx_monochromatic_or_laue_m_l   M 
_diffrn_radiation.pdbx_scattering_type             x-ray 
# 
loop_
_diffrn_radiation_wavelength.id 
_diffrn_radiation_wavelength.wavelength 
_diffrn_radiation_wavelength.wt 
1 0.97921 1.0 
2 0.97940 1.0 
# 
_diffrn_source.diffrn_id                   1 
_diffrn_source.source                      SYNCHROTRON 
_diffrn_source.type                        'APS BEAMLINE 19-BM' 
_diffrn_source.pdbx_wavelength             ? 
_diffrn_source.pdbx_wavelength_list        '0.97921, 0.97940' 
_diffrn_source.pdbx_synchrotron_site       APS 
_diffrn_source.pdbx_synchrotron_beamline   19-BM 
# 
_reflns.entry_id                     2R4Q 
_reflns.d_resolution_high            1.600 
_reflns.d_resolution_low             50.000 
_reflns.number_obs                   14676 
_reflns.pdbx_Rmerge_I_obs            0.063 
_reflns.pdbx_netI_over_sigmaI        12.300 
_reflns.pdbx_chi_squared             1.974 
_reflns.pdbx_redundancy              11.400 
_reflns.percent_possible_obs         98.100 
_reflns.observed_criterion_sigma_F   ? 
_reflns.observed_criterion_sigma_I   -3 
_reflns.number_all                   14676 
_reflns.pdbx_Rsym_value              ? 
_reflns.B_iso_Wilson_estimate        23.1 
_reflns.R_free_details               ? 
_reflns.limit_h_max                  ? 
_reflns.limit_h_min                  ? 
_reflns.limit_k_max                  ? 
_reflns.limit_k_min                  ? 
_reflns.limit_l_max                  ? 
_reflns.limit_l_min                  ? 
_reflns.observed_criterion_F_max     ? 
_reflns.observed_criterion_F_min     ? 
_reflns.pdbx_scaling_rejects         ? 
_reflns.pdbx_ordinal                 1 
_reflns.pdbx_diffrn_id               1 
# 
_reflns_shell.d_res_high             1.60 
_reflns_shell.d_res_low              1.64 
_reflns_shell.number_measured_obs    ? 
_reflns_shell.number_measured_all    ? 
_reflns_shell.number_unique_obs      ? 
_reflns_shell.Rmerge_I_obs           0.404 
_reflns_shell.meanI_over_sigI_obs    3.3 
_reflns_shell.pdbx_Rsym_value        ? 
_reflns_shell.pdbx_chi_squared       0.694 
_reflns_shell.pdbx_redundancy        5.60 
_reflns_shell.percent_possible_obs   ? 
_reflns_shell.number_unique_all      876 
_reflns_shell.percent_possible_all   90.80 
_reflns_shell.pdbx_ordinal           1 
_reflns_shell.pdbx_diffrn_id         1 
# 
_refine.entry_id                                 2R4Q 
_refine.ls_d_res_high                            1.600 
_refine.ls_d_res_low                             23.700 
_refine.pdbx_ls_sigma_F                          0.00 
_refine.ls_percent_reflns_obs                    98.390 
_refine.ls_number_reflns_obs                     14648 
_refine.pdbx_ls_cross_valid_method               THROUGHOUT 
_refine.pdbx_R_Free_selection_details            RANDOM 
_refine.details                                  'HYDROGENS HAVE BEEN ADDED IN THE RIDING POSITIONS' 
_refine.ls_R_factor_obs                          0.200 
_refine.ls_R_factor_R_work                       0.198 
_refine.ls_R_factor_R_free                       0.233 
_refine.ls_percent_reflns_R_free                 5.100 
_refine.ls_number_reflns_R_free                  740 
_refine.B_iso_mean                               27.751 
_refine.aniso_B[1][1]                            0.290 
_refine.aniso_B[2][2]                            0.290 
_refine.aniso_B[3][3]                            -0.580 
_refine.aniso_B[1][2]                            0.000 
_refine.aniso_B[1][3]                            0.000 
_refine.aniso_B[2][3]                            0.000 
_refine.correlation_coeff_Fo_to_Fc               0.956 
_refine.correlation_coeff_Fo_to_Fc_free          0.947 
_refine.pdbx_overall_ESU_R                       0.107 
_refine.pdbx_overall_ESU_R_Free                  0.105 
_refine.overall_SU_ML                            0.066 
_refine.overall_SU_B                             3.557 
_refine.solvent_model_details                    MASK 
_refine.pdbx_solvent_vdw_probe_radii             1.200 
_refine.pdbx_solvent_ion_probe_radii             0.800 
_refine.pdbx_solvent_shrinkage_radii             0.800 
_refine.pdbx_method_to_determine_struct          MAD 
_refine.pdbx_stereochemistry_target_values       'MAXIMUM LIKELIHOOD WITH PHASES' 
_refine.pdbx_ls_sigma_I                          ? 
_refine.ls_number_reflns_all                     14648 
_refine.ls_R_factor_all                          0.200 
_refine.ls_redundancy_reflns_obs                 ? 
_refine.pdbx_data_cutoff_high_absF               ? 
_refine.pdbx_data_cutoff_low_absF                ? 
_refine.ls_number_parameters                     ? 
_refine.ls_number_restraints                     ? 
_refine.ls_R_factor_R_free_error                 ? 
_refine.ls_R_factor_R_free_error_details         ? 
_refine.pdbx_starting_model                      ? 
_refine.pdbx_stereochem_target_val_spec_case     ? 
_refine.solvent_model_param_bsol                 ? 
_refine.solvent_model_param_ksol                 ? 
_refine.occupancy_max                            ? 
_refine.occupancy_min                            ? 
_refine.pdbx_isotropic_thermal_model             ? 
_refine.B_iso_min                                ? 
_refine.B_iso_max                                ? 
_refine.overall_SU_R_Cruickshank_DPI             ? 
_refine.overall_SU_R_free                        ? 
_refine.pdbx_data_cutoff_high_rms_absF           ? 
_refine.ls_wR_factor_R_free                      ? 
_refine.ls_wR_factor_R_work                      ? 
_refine.overall_FOM_free_R_set                   ? 
_refine.overall_FOM_work_R_set                   ? 
_refine.pdbx_refine_id                           'X-RAY DIFFRACTION' 
_refine.pdbx_TLS_residual_ADP_flag               'LIKELY RESIDUAL' 
_refine.pdbx_diffrn_id                           1 
_refine.pdbx_overall_phase_error                 ? 
_refine.pdbx_overall_SU_R_free_Cruickshank_DPI   ? 
_refine.pdbx_overall_SU_R_Blow_DPI               ? 
_refine.pdbx_overall_SU_R_free_Blow_DPI          ? 
# 
_refine_hist.pdbx_refine_id                   'X-RAY DIFFRACTION' 
_refine_hist.cycle_id                         LAST 
_refine_hist.pdbx_number_atoms_protein        775 
_refine_hist.pdbx_number_atoms_nucleic_acid   0 
_refine_hist.pdbx_number_atoms_ligand         0 
_refine_hist.number_atoms_solvent             209 
_refine_hist.number_atoms_total               984 
_refine_hist.d_res_high                       1.600 
_refine_hist.d_res_low                        23.700 
# 
loop_
_refine_ls_restr.type 
_refine_ls_restr.number 
_refine_ls_restr.dev_ideal 
_refine_ls_restr.dev_ideal_target 
_refine_ls_restr.weight 
_refine_ls_restr.pdbx_refine_id 
_refine_ls_restr.pdbx_restraint_function 
r_bond_refined_d         858  0.014  0.022  ? 'X-RAY DIFFRACTION' ? 
r_angle_refined_deg      1165 1.439  1.989  ? 'X-RAY DIFFRACTION' ? 
r_dihedral_angle_1_deg   118  5.407  5.000  ? 'X-RAY DIFFRACTION' ? 
r_dihedral_angle_2_deg   32   38.122 25.938 ? 'X-RAY DIFFRACTION' ? 
r_dihedral_angle_3_deg   173  12.171 15.000 ? 'X-RAY DIFFRACTION' ? 
r_dihedral_angle_4_deg   4    17.765 15.000 ? 'X-RAY DIFFRACTION' ? 
r_chiral_restr           137  0.098  0.200  ? 'X-RAY DIFFRACTION' ? 
r_gen_planes_refined     630  0.006  0.020  ? 'X-RAY DIFFRACTION' ? 
r_nbd_refined            430  0.210  0.200  ? 'X-RAY DIFFRACTION' ? 
r_nbtor_refined          609  0.305  0.200  ? 'X-RAY DIFFRACTION' ? 
r_xyhbond_nbd_refined    143  0.163  0.200  ? 'X-RAY DIFFRACTION' ? 
r_symmetry_vdw_refined   31   0.293  0.200  ? 'X-RAY DIFFRACTION' ? 
r_symmetry_hbond_refined 36   0.253  0.200  ? 'X-RAY DIFFRACTION' ? 
r_mcbond_it              573  0.845  1.500  ? 'X-RAY DIFFRACTION' ? 
r_mcangle_it             907  1.273  2.000  ? 'X-RAY DIFFRACTION' ? 
r_scbond_it              310  2.660  3.000  ? 'X-RAY DIFFRACTION' ? 
r_scangle_it             255  4.342  4.500  ? 'X-RAY DIFFRACTION' ? 
# 
_refine_ls_shell.d_res_high                       1.600 
_refine_ls_shell.d_res_low                        1.642 
_refine_ls_shell.pdbx_total_number_of_bins_used   20 
_refine_ls_shell.percent_reflns_obs               91.510 
_refine_ls_shell.number_reflns_R_work             909 
_refine_ls_shell.R_factor_all                     ? 
_refine_ls_shell.R_factor_R_work                  0.295 
_refine_ls_shell.R_factor_R_free                  0.330 
_refine_ls_shell.percent_reflns_R_free            ? 
_refine_ls_shell.number_reflns_R_free             61 
_refine_ls_shell.R_factor_R_free_error            ? 
_refine_ls_shell.number_reflns_all                970 
_refine_ls_shell.number_reflns_obs                ? 
_refine_ls_shell.redundancy_reflns_obs            ? 
_refine_ls_shell.pdbx_refine_id                   'X-RAY DIFFRACTION' 
# 
_struct.entry_id                  2R4Q 
_struct.title                     'The structure of a domain of fruA from Bacillus subtilis' 
_struct.pdbx_model_details        ? 
_struct.pdbx_CASP_flag            ? 
_struct.pdbx_model_type_details   ? 
# 
_struct_keywords.entry_id        2R4Q 
_struct_keywords.pdbx_keywords   'TRANSFERASE, TRANSPORT PROTEIN' 
_struct_keywords.text            
;Phosphotransferase system, Fructose specific IIB subunit, pfam02379, Structural Genomics, PSI-2, Protein Structure Initiative, Midwest Center for Structural Genomics, MCSG, Membrane, Sugar transport, Transmembrane, Transport, TRANSFERASE, TRANSPORT PROTEIN
;
# 
loop_
_struct_asym.id 
_struct_asym.pdbx_blank_PDB_chainid_flag 
_struct_asym.pdbx_modified 
_struct_asym.entity_id 
_struct_asym.details 
A N N 1 ? 
B N N 2 ? 
# 
_struct_ref.id                         1 
_struct_ref.db_name                    UNP 
_struct_ref.db_code                    P71012_BACSU 
_struct_ref.pdbx_db_accession          P71012 
_struct_ref.entity_id                  1 
_struct_ref.pdbx_seq_one_letter_code   
;KILAVTACPTGIAHTFMAADALKEKAKELGVEIKVETNGSSGIKHKLTAQEIEDAPAIIVAADKQVEMERFKGKRVLQVP
VTAGIRRPQELIEKAMNQDAPIY
;
_struct_ref.pdbx_align_begin           171 
_struct_ref.pdbx_db_isoform            ? 
# 
_struct_ref_seq.align_id                      1 
_struct_ref_seq.ref_id                        1 
_struct_ref_seq.pdbx_PDB_id_code              2R4Q 
_struct_ref_seq.pdbx_strand_id                A 
_struct_ref_seq.seq_align_beg                 4 
_struct_ref_seq.pdbx_seq_align_beg_ins_code   ? 
_struct_ref_seq.seq_align_end                 106 
_struct_ref_seq.pdbx_seq_align_end_ins_code   ? 
_struct_ref_seq.pdbx_db_accession             P71012 
_struct_ref_seq.db_align_beg                  171 
_struct_ref_seq.pdbx_db_align_beg_ins_code    ? 
_struct_ref_seq.db_align_end                  273 
_struct_ref_seq.pdbx_db_align_end_ins_code    ? 
_struct_ref_seq.pdbx_auth_seq_align_beg       171 
_struct_ref_seq.pdbx_auth_seq_align_end       273 
# 
loop_
_struct_ref_seq_dif.align_id 
_struct_ref_seq_dif.pdbx_pdb_id_code 
_struct_ref_seq_dif.mon_id 
_struct_ref_seq_dif.pdbx_pdb_strand_id 
_struct_ref_seq_dif.seq_num 
_struct_ref_seq_dif.pdbx_pdb_ins_code 
_struct_ref_seq_dif.pdbx_seq_db_name 
_struct_ref_seq_dif.pdbx_seq_db_accession_code 
_struct_ref_seq_dif.db_mon_id 
_struct_ref_seq_dif.pdbx_seq_db_seq_num 
_struct_ref_seq_dif.details 
_struct_ref_seq_dif.pdbx_auth_seq_num 
_struct_ref_seq_dif.pdbx_ordinal 
1 2R4Q SER A 1 ? UNP P71012 ? ? 'expression tag' 168 1 
1 2R4Q ASN A 2 ? UNP P71012 ? ? 'expression tag' 169 2 
1 2R4Q ALA A 3 ? UNP P71012 ? ? 'expression tag' 170 3 
# 
_pdbx_struct_assembly.id                   1 
_pdbx_struct_assembly.details              software_defined_assembly 
_pdbx_struct_assembly.method_details       PISA 
_pdbx_struct_assembly.oligomeric_details   monomeric 
_pdbx_struct_assembly.oligomeric_count     1 
# 
_pdbx_struct_assembly_gen.assembly_id       1 
_pdbx_struct_assembly_gen.oper_expression   1 
_pdbx_struct_assembly_gen.asym_id_list      A,B 
# 
_pdbx_struct_oper_list.id                   1 
_pdbx_struct_oper_list.type                 'identity operation' 
_pdbx_struct_oper_list.name                 1_555 
_pdbx_struct_oper_list.symmetry_operation   x,y,z 
_pdbx_struct_oper_list.matrix[1][1]         1.0000000000 
_pdbx_struct_oper_list.matrix[1][2]         0.0000000000 
_pdbx_struct_oper_list.matrix[1][3]         0.0000000000 
_pdbx_struct_oper_list.vector[1]            0.0000000000 
_pdbx_struct_oper_list.matrix[2][1]         0.0000000000 
_pdbx_struct_oper_list.matrix[2][2]         1.0000000000 
_pdbx_struct_oper_list.matrix[2][3]         0.0000000000 
_pdbx_struct_oper_list.vector[2]            0.0000000000 
_pdbx_struct_oper_list.matrix[3][1]         0.0000000000 
_pdbx_struct_oper_list.matrix[3][2]         0.0000000000 
_pdbx_struct_oper_list.matrix[3][3]         1.0000000000 
_pdbx_struct_oper_list.vector[3]            0.0000000000 
# 
_struct_biol.id        1 
_struct_biol.details   'Authors state that the biological unit of this polypeptide is unknown.' 
# 
loop_
_struct_conf.conf_type_id 
_struct_conf.id 
_struct_conf.pdbx_PDB_helix_id 
_struct_conf.beg_label_comp_id 
_struct_conf.beg_label_asym_id 
_struct_conf.beg_label_seq_id 
_struct_conf.pdbx_beg_PDB_ins_code 
_struct_conf.end_label_comp_id 
_struct_conf.end_label_asym_id 
_struct_conf.end_label_seq_id 
_struct_conf.pdbx_end_PDB_ins_code 
_struct_conf.beg_auth_comp_id 
_struct_conf.beg_auth_asym_id 
_struct_conf.beg_auth_seq_id 
_struct_conf.end_auth_comp_id 
_struct_conf.end_auth_asym_id 
_struct_conf.end_auth_seq_id 
_struct_conf.pdbx_PDB_helix_class 
_struct_conf.details 
_struct_conf.pdbx_PDB_helix_length 
HELX_P HELX_P1 1 HIS A 17 ? GLY A 33  ? HIS A 184 GLY A 200 1 ? 17 
HELX_P HELX_P2 2 THR A 51 ? ALA A 58  ? THR A 218 ALA A 225 1 ? 8  
HELX_P HELX_P3 3 MSE A 71 ? LYS A 75  ? MSE A 238 LYS A 242 5 ? 5  
HELX_P HELX_P4 4 PRO A 83 ? ARG A 90  ? PRO A 250 ARG A 257 1 ? 8  
HELX_P HELX_P5 5 ARG A 90 ? ASN A 100 ? ARG A 257 ASN A 267 1 ? 11 
# 
_struct_conf_type.id          HELX_P 
_struct_conf_type.criteria    ? 
_struct_conf_type.reference   ? 
# 
loop_
_struct_conn.id 
_struct_conn.conn_type_id 
_struct_conn.pdbx_leaving_atom_flag 
_struct_conn.pdbx_PDB_id 
_struct_conn.ptnr1_label_asym_id 
_struct_conn.ptnr1_label_comp_id 
_struct_conn.ptnr1_label_seq_id 
_struct_conn.ptnr1_label_atom_id 
_struct_conn.pdbx_ptnr1_label_alt_id 
_struct_conn.pdbx_ptnr1_PDB_ins_code 
_struct_conn.pdbx_ptnr1_standard_comp_id 
_struct_conn.ptnr1_symmetry 
_struct_conn.ptnr2_label_asym_id 
_struct_conn.ptnr2_label_comp_id 
_struct_conn.ptnr2_label_seq_id 
_struct_conn.ptnr2_label_atom_id 
_struct_conn.pdbx_ptnr2_label_alt_id 
_struct_conn.pdbx_ptnr2_PDB_ins_code 
_struct_conn.ptnr1_auth_asym_id 
_struct_conn.ptnr1_auth_comp_id 
_struct_conn.ptnr1_auth_seq_id 
_struct_conn.ptnr2_auth_asym_id 
_struct_conn.ptnr2_auth_comp_id 
_struct_conn.ptnr2_auth_seq_id 
_struct_conn.ptnr2_symmetry 
_struct_conn.pdbx_ptnr3_label_atom_id 
_struct_conn.pdbx_ptnr3_label_seq_id 
_struct_conn.pdbx_ptnr3_label_comp_id 
_struct_conn.pdbx_ptnr3_label_asym_id 
_struct_conn.pdbx_ptnr3_label_alt_id 
_struct_conn.pdbx_ptnr3_PDB_ins_code 
_struct_conn.details 
_struct_conn.pdbx_dist_value 
_struct_conn.pdbx_value_order 
_struct_conn.pdbx_role 
covale1 covale both ? A PHE 19 C ? ? ? 1_555 A MSE 20  N ? ? A PHE 186 A MSE 187 1_555 ? ? ? ? ? ? ? 1.322 ? ? 
covale2 covale both ? A MSE 20 C ? ? ? 1_555 A ALA 21  N ? ? A MSE 187 A ALA 188 1_555 ? ? ? ? ? ? ? 1.332 ? ? 
covale3 covale both ? A GLU 70 C ? ? ? 1_555 A MSE 71  N ? ? A GLU 237 A MSE 238 1_555 ? ? ? ? ? ? ? 1.334 ? ? 
covale4 covale both ? A MSE 71 C ? ? ? 1_555 A GLU 72  N B ? A MSE 238 A GLU 239 1_555 ? ? ? ? ? ? ? 1.338 ? ? 
covale5 covale both ? A MSE 71 C ? ? ? 1_555 A GLU 72  N A ? A MSE 238 A GLU 239 1_555 ? ? ? ? ? ? ? 1.328 ? ? 
covale6 covale both ? A ALA 98 C ? ? ? 1_555 A MSE 99  N ? ? A ALA 265 A MSE 266 1_555 ? ? ? ? ? ? ? 1.339 ? ? 
covale7 covale both ? A MSE 99 C ? ? ? 1_555 A ASN 100 N ? ? A MSE 266 A ASN 267 1_555 ? ? ? ? ? ? ? 1.337 ? ? 
# 
_struct_conn_type.id          covale 
_struct_conn_type.criteria    ? 
_struct_conn_type.reference   ? 
# 
loop_
_pdbx_modification_feature.ordinal 
_pdbx_modification_feature.label_comp_id 
_pdbx_modification_feature.label_asym_id 
_pdbx_modification_feature.label_seq_id 
_pdbx_modification_feature.label_alt_id 
_pdbx_modification_feature.modified_residue_label_comp_id 
_pdbx_modification_feature.modified_residue_label_asym_id 
_pdbx_modification_feature.modified_residue_label_seq_id 
_pdbx_modification_feature.modified_residue_label_alt_id 
_pdbx_modification_feature.auth_comp_id 
_pdbx_modification_feature.auth_asym_id 
_pdbx_modification_feature.auth_seq_id 
_pdbx_modification_feature.PDB_ins_code 
_pdbx_modification_feature.symmetry 
_pdbx_modification_feature.modified_residue_auth_comp_id 
_pdbx_modification_feature.modified_residue_auth_asym_id 
_pdbx_modification_feature.modified_residue_auth_seq_id 
_pdbx_modification_feature.modified_residue_PDB_ins_code 
_pdbx_modification_feature.modified_residue_symmetry 
_pdbx_modification_feature.comp_id_linking_atom 
_pdbx_modification_feature.modified_residue_id_linking_atom 
_pdbx_modification_feature.modified_residue_id 
_pdbx_modification_feature.ref_pcm_id 
_pdbx_modification_feature.ref_comp_id 
_pdbx_modification_feature.type 
_pdbx_modification_feature.category 
1 MSE A 20 ? . . . . MSE A 187 ? 1_555 . . . . . . . MET 1 MSE Selenomethionine 'Named protein modification' 
2 MSE A 71 ? . . . . MSE A 238 ? 1_555 . . . . . . . MET 1 MSE Selenomethionine 'Named protein modification' 
3 MSE A 99 ? . . . . MSE A 266 ? 1_555 . . . . . . . MET 1 MSE Selenomethionine 'Named protein modification' 
# 
_struct_sheet.id               A 
_struct_sheet.type             ? 
_struct_sheet.number_strands   5 
_struct_sheet.details          ? 
# 
loop_
_struct_sheet_order.sheet_id 
_struct_sheet_order.range_id_1 
_struct_sheet_order.range_id_2 
_struct_sheet_order.offset 
_struct_sheet_order.sense 
A 1 2 ? anti-parallel 
A 2 3 ? parallel      
A 3 4 ? parallel      
A 4 5 ? parallel      
# 
loop_
_struct_sheet_range.sheet_id 
_struct_sheet_range.id 
_struct_sheet_range.beg_label_comp_id 
_struct_sheet_range.beg_label_asym_id 
_struct_sheet_range.beg_label_seq_id 
_struct_sheet_range.pdbx_beg_PDB_ins_code 
_struct_sheet_range.end_label_comp_id 
_struct_sheet_range.end_label_asym_id 
_struct_sheet_range.end_label_seq_id 
_struct_sheet_range.pdbx_end_PDB_ins_code 
_struct_sheet_range.beg_auth_comp_id 
_struct_sheet_range.beg_auth_asym_id 
_struct_sheet_range.beg_auth_seq_id 
_struct_sheet_range.end_auth_comp_id 
_struct_sheet_range.end_auth_asym_id 
_struct_sheet_range.end_auth_seq_id 
A 1 GLY A 45 ? LYS A 47 ? GLY A 212 LYS A 214 
A 2 ILE A 36 ? GLY A 42 ? ILE A 203 GLY A 209 
A 3 ILE A 5  ? ALA A 10 ? ILE A 172 ALA A 177 
A 4 ILE A 61 ? ALA A 65 ? ILE A 228 ALA A 232 
A 5 VAL A 79 ? VAL A 82 ? VAL A 246 VAL A 249 
# 
loop_
_pdbx_struct_sheet_hbond.sheet_id 
_pdbx_struct_sheet_hbond.range_id_1 
_pdbx_struct_sheet_hbond.range_id_2 
_pdbx_struct_sheet_hbond.range_1_label_atom_id 
_pdbx_struct_sheet_hbond.range_1_label_comp_id 
_pdbx_struct_sheet_hbond.range_1_label_asym_id 
_pdbx_struct_sheet_hbond.range_1_label_seq_id 
_pdbx_struct_sheet_hbond.range_1_PDB_ins_code 
_pdbx_struct_sheet_hbond.range_1_auth_atom_id 
_pdbx_struct_sheet_hbond.range_1_auth_comp_id 
_pdbx_struct_sheet_hbond.range_1_auth_asym_id 
_pdbx_struct_sheet_hbond.range_1_auth_seq_id 
_pdbx_struct_sheet_hbond.range_2_label_atom_id 
_pdbx_struct_sheet_hbond.range_2_label_comp_id 
_pdbx_struct_sheet_hbond.range_2_label_asym_id 
_pdbx_struct_sheet_hbond.range_2_label_seq_id 
_pdbx_struct_sheet_hbond.range_2_PDB_ins_code 
_pdbx_struct_sheet_hbond.range_2_auth_atom_id 
_pdbx_struct_sheet_hbond.range_2_auth_comp_id 
_pdbx_struct_sheet_hbond.range_2_auth_asym_id 
_pdbx_struct_sheet_hbond.range_2_auth_seq_id 
A 1 2 O GLY A 45 ? O GLY A 212 N GLY A 42 ? N GLY A 209 
A 2 3 O GLU A 39 ? O GLU A 206 N ALA A 7  ? N ALA A 174 
A 3 4 N LEU A 6  ? N LEU A 173 O ILE A 62 ? O ILE A 229 
A 4 5 N VAL A 63 ? N VAL A 230 O LEU A 80 ? O LEU A 247 
# 
_pdbx_entry_details.entry_id                   2R4Q 
_pdbx_entry_details.compound_details           ? 
_pdbx_entry_details.source_details             ? 
_pdbx_entry_details.nonpolymer_details         ? 
_pdbx_entry_details.sequence_details           ? 
_pdbx_entry_details.has_ligand_of_interest     ? 
_pdbx_entry_details.has_protein_modification   Y 
# 
loop_
_pdbx_validate_close_contact.id 
_pdbx_validate_close_contact.PDB_model_num 
_pdbx_validate_close_contact.auth_atom_id_1 
_pdbx_validate_close_contact.auth_asym_id_1 
_pdbx_validate_close_contact.auth_comp_id_1 
_pdbx_validate_close_contact.auth_seq_id_1 
_pdbx_validate_close_contact.PDB_ins_code_1 
_pdbx_validate_close_contact.label_alt_id_1 
_pdbx_validate_close_contact.auth_atom_id_2 
_pdbx_validate_close_contact.auth_asym_id_2 
_pdbx_validate_close_contact.auth_comp_id_2 
_pdbx_validate_close_contact.auth_seq_id_2 
_pdbx_validate_close_contact.PDB_ins_code_2 
_pdbx_validate_close_contact.label_alt_id_2 
_pdbx_validate_close_contact.dist 
1 1 O A HOH 346 ? ? O  A HOH 476 ? ? 1.94 
2 1 O A THR 180 ? ? OG A SER 210 ? B 2.12 
# 
loop_
_pdbx_validate_symm_contact.id 
_pdbx_validate_symm_contact.PDB_model_num 
_pdbx_validate_symm_contact.auth_atom_id_1 
_pdbx_validate_symm_contact.auth_asym_id_1 
_pdbx_validate_symm_contact.auth_comp_id_1 
_pdbx_validate_symm_contact.auth_seq_id_1 
_pdbx_validate_symm_contact.PDB_ins_code_1 
_pdbx_validate_symm_contact.label_alt_id_1 
_pdbx_validate_symm_contact.site_symmetry_1 
_pdbx_validate_symm_contact.auth_atom_id_2 
_pdbx_validate_symm_contact.auth_asym_id_2 
_pdbx_validate_symm_contact.auth_comp_id_2 
_pdbx_validate_symm_contact.auth_seq_id_2 
_pdbx_validate_symm_contact.PDB_ins_code_2 
_pdbx_validate_symm_contact.label_alt_id_2 
_pdbx_validate_symm_contact.site_symmetry_2 
_pdbx_validate_symm_contact.dist 
1 1 O A HOH 318 ? ? 1_555 O A HOH 433 ? ? 3_554 1.83 
2 1 O A HOH 318 ? ? 1_555 O A HOH 435 ? ? 3_554 2.05 
# 
_pdbx_validate_torsion.id              1 
_pdbx_validate_torsion.PDB_model_num   1 
_pdbx_validate_torsion.auth_comp_id    ARG 
_pdbx_validate_torsion.auth_asym_id    A 
_pdbx_validate_torsion.auth_seq_id     257 
_pdbx_validate_torsion.PDB_ins_code    ? 
_pdbx_validate_torsion.label_alt_id    ? 
_pdbx_validate_torsion.phi             -142.43 
_pdbx_validate_torsion.psi             49.25 
# 
_pdbx_SG_project.id                    1 
_pdbx_SG_project.project_name          'PSI, Protein Structure Initiative' 
_pdbx_SG_project.full_name_of_center   'Midwest Center for Structural Genomics' 
_pdbx_SG_project.initial_of_center     MCSG 
# 
loop_
_pdbx_struct_mod_residue.id 
_pdbx_struct_mod_residue.label_asym_id 
_pdbx_struct_mod_residue.label_comp_id 
_pdbx_struct_mod_residue.label_seq_id 
_pdbx_struct_mod_residue.auth_asym_id 
_pdbx_struct_mod_residue.auth_comp_id 
_pdbx_struct_mod_residue.auth_seq_id 
_pdbx_struct_mod_residue.PDB_ins_code 
_pdbx_struct_mod_residue.parent_comp_id 
_pdbx_struct_mod_residue.details 
1 A MSE 20 A MSE 187 ? MET SELENOMETHIONINE 
2 A MSE 71 A MSE 238 ? MET SELENOMETHIONINE 
3 A MSE 99 A MSE 266 ? MET SELENOMETHIONINE 
# 
_pdbx_struct_special_symmetry.id              1 
_pdbx_struct_special_symmetry.PDB_model_num   1 
_pdbx_struct_special_symmetry.auth_asym_id    A 
_pdbx_struct_special_symmetry.auth_comp_id    HOH 
_pdbx_struct_special_symmetry.auth_seq_id     289 
_pdbx_struct_special_symmetry.PDB_ins_code    ? 
_pdbx_struct_special_symmetry.label_asym_id   B 
_pdbx_struct_special_symmetry.label_comp_id   HOH 
_pdbx_struct_special_symmetry.label_seq_id    . 
# 
_diffrn_reflns.diffrn_id                   1 
_diffrn_reflns.pdbx_d_res_high             1.600 
_diffrn_reflns.pdbx_d_res_low              50.000 
_diffrn_reflns.pdbx_number_obs             14676 
_diffrn_reflns.pdbx_Rmerge_I_obs           0.063 
_diffrn_reflns.pdbx_Rsym_value             ? 
_diffrn_reflns.pdbx_chi_squared            1.97 
_diffrn_reflns.av_sigmaI_over_netI         12.30 
_diffrn_reflns.pdbx_redundancy             11.40 
_diffrn_reflns.pdbx_percent_possible_obs   98.10 
_diffrn_reflns.number                      167802 
_diffrn_reflns.pdbx_observed_criterion     ? 
_diffrn_reflns.limit_h_max                 ? 
_diffrn_reflns.limit_h_min                 ? 
_diffrn_reflns.limit_k_max                 ? 
_diffrn_reflns.limit_k_min                 ? 
_diffrn_reflns.limit_l_max                 ? 
_diffrn_reflns.limit_l_min                 ? 
# 
loop_
_pdbx_diffrn_reflns_shell.diffrn_id 
_pdbx_diffrn_reflns_shell.d_res_high 
_pdbx_diffrn_reflns_shell.d_res_low 
_pdbx_diffrn_reflns_shell.number_obs 
_pdbx_diffrn_reflns_shell.rejects 
_pdbx_diffrn_reflns_shell.Rmerge_I_obs 
_pdbx_diffrn_reflns_shell.Rsym_value 
_pdbx_diffrn_reflns_shell.chi_squared 
_pdbx_diffrn_reflns_shell.redundancy 
_pdbx_diffrn_reflns_shell.percent_possible_obs 
1 3.95 50.00 ? ? 0.057 ? 6.260 10.90 90.80  
1 3.13 3.95  ? ? 0.049 ? 3.555 12.10 97.50  
1 2.74 3.13  ? ? 0.059 ? 3.089 12.70 98.50  
1 2.49 2.74  ? ? 0.065 ? 2.435 13.10 98.80  
1 2.31 2.49  ? ? 0.067 ? 1.978 13.10 99.50  
1 2.17 2.31  ? ? 0.069 ? 1.647 13.20 99.60  
1 2.06 2.17  ? ? 0.080 ? 1.507 13.30 99.80  
1 1.97 2.06  ? ? 0.091 ? 1.288 13.30 99.70  
1 1.90 1.97  ? ? 0.108 ? 1.185 13.40 99.90  
1 1.83 1.90  ? ? 0.139 ? 1.010 13.50 100.00 
1 1.77 1.83  ? ? 0.188 ? 0.909 12.50 100.00 
1 1.72 1.77  ? ? 0.229 ? 0.852 9.40  100.00 
1 1.68 1.72  ? ? 0.285 ? 0.729 7.90  99.80  
1 1.64 1.68  ? ? 0.330 ? 0.707 6.70  97.70  
1 1.60 1.64  ? ? 0.404 ? 0.694 5.60  90.80  
# 
_pdbx_refine_tls.id               1 
_pdbx_refine_tls.details          ? 
_pdbx_refine_tls.method           refined 
_pdbx_refine_tls.origin_x         0.2159 
_pdbx_refine_tls.origin_y         0.0330 
_pdbx_refine_tls.origin_z         0.0964 
_pdbx_refine_tls.T[1][1]          -0.1364 
_pdbx_refine_tls.T[2][2]          -0.1001 
_pdbx_refine_tls.T[3][3]          -0.1306 
_pdbx_refine_tls.T[1][2]          -0.0065 
_pdbx_refine_tls.T[1][3]          0.0184 
_pdbx_refine_tls.T[2][3]          -0.0266 
_pdbx_refine_tls.L[1][1]          3.3164 
_pdbx_refine_tls.L[2][2]          2.2519 
_pdbx_refine_tls.L[3][3]          2.1571 
_pdbx_refine_tls.L[1][2]          -0.0337 
_pdbx_refine_tls.L[1][3]          0.2306 
_pdbx_refine_tls.L[2][3]          -0.0022 
_pdbx_refine_tls.S[1][1]          -0.0209 
_pdbx_refine_tls.S[2][2]          0.1668 
_pdbx_refine_tls.S[3][3]          -0.1459 
_pdbx_refine_tls.S[1][2]          -0.0271 
_pdbx_refine_tls.S[1][3]          0.1723 
_pdbx_refine_tls.S[2][3]          -0.1336 
_pdbx_refine_tls.S[2][1]          0.0846 
_pdbx_refine_tls.S[3][1]          0.0012 
_pdbx_refine_tls.S[3][2]          0.0169 
_pdbx_refine_tls.pdbx_refine_id   'X-RAY DIFFRACTION' 
# 
_pdbx_refine_tls_group.id                  1 
_pdbx_refine_tls_group.refine_tls_id       1 
_pdbx_refine_tls_group.beg_label_asym_id   A 
_pdbx_refine_tls_group.beg_label_seq_id    3 
_pdbx_refine_tls_group.end_label_asym_id   A 
_pdbx_refine_tls_group.end_label_seq_id    106 
_pdbx_refine_tls_group.selection           ? 
_pdbx_refine_tls_group.beg_auth_asym_id    A 
_pdbx_refine_tls_group.beg_auth_seq_id     170 
_pdbx_refine_tls_group.end_auth_asym_id    A 
_pdbx_refine_tls_group.end_auth_seq_id     273 
_pdbx_refine_tls_group.pdbx_refine_id      'X-RAY DIFFRACTION' 
_pdbx_refine_tls_group.selection_details   ? 
# 
loop_
_pdbx_phasing_MAD_set.id 
_pdbx_phasing_MAD_set.d_res_high 
_pdbx_phasing_MAD_set.d_res_low 
_pdbx_phasing_MAD_set.reflns_acentric 
_pdbx_phasing_MAD_set.loc_acentric 
_pdbx_phasing_MAD_set.power_acentric 
_pdbx_phasing_MAD_set.R_cullis_acentric 
_pdbx_phasing_MAD_set.reflns_centric 
_pdbx_phasing_MAD_set.loc_centric 
_pdbx_phasing_MAD_set.power_centric 
_pdbx_phasing_MAD_set.R_cullis_centric 
1 1.60 40.62 12051 0.100 0.000 1.850 2599 0.100 0.000 1.000 
2 1.60 40.62 11976 2.300 0.500 0.940 2551 3.300 0.440 0.880 
# 
loop_
_pdbx_phasing_MAD_set_shell.id 
_pdbx_phasing_MAD_set_shell.d_res_high 
_pdbx_phasing_MAD_set_shell.d_res_low 
_pdbx_phasing_MAD_set_shell.reflns_acentric 
_pdbx_phasing_MAD_set_shell.loc_acentric 
_pdbx_phasing_MAD_set_shell.power_acentric 
_pdbx_phasing_MAD_set_shell.R_cullis_acentric 
_pdbx_phasing_MAD_set_shell.reflns_centric 
_pdbx_phasing_MAD_set_shell.loc_centric 
_pdbx_phasing_MAD_set_shell.power_centric 
_pdbx_phasing_MAD_set_shell.R_cullis_centric 
1 10.03 40.62 19   0.400 0.000 1.400  44  0.200 0.000 1.000 
1 5.72  10.03 167  0.400 0.000 1.690  121 0.200 0.000 1.000 
1 4.00  5.72  457  0.300 0.000 1.370  183 0.200 0.000 1.000 
1 3.08  4.00  883  0.200 0.000 1.190  283 0.200 0.000 1.000 
1 2.50  3.08  1446 0.100 0.000 1.740  370 0.100 0.000 1.000 
1 2.11  2.50  2164 0.100 0.000 1.900  462 0.000 0.000 1.000 
1 1.82  2.11  2990 0.000 0.000 3.090  539 0.000 0.000 1.000 
1 1.60  1.82  3925 0.000 0.000 18.680 597 0.000 0.000 1.000 
2 10.03 40.62 19   5.600 1.040 0.790  44  3.600 1.630 0.580 
2 5.72  10.03 166  3.300 1.580 0.690  120 4.100 1.160 0.620 
2 4.00  5.72  457  3.300 1.170 0.750  178 3.900 0.990 0.680 
2 3.08  4.00  883  2.500 1.100 0.840  282 3.500 0.680 0.850 
2 2.50  3.08  1446 1.900 0.910 0.880  370 2.900 0.540 0.870 
2 2.11  2.50  2164 1.900 0.580 0.960  445 3.000 0.360 0.960 
2 1.82  2.11  2989 1.900 0.350 0.990  536 3.000 0.200 0.980 
2 1.60  1.82  3852 2.700 0.150 1.000  576 3.700 0.090 1.000 
# 
loop_
_pdbx_phasing_MAD_set_site.id 
_pdbx_phasing_MAD_set_site.atom_type_symbol 
_pdbx_phasing_MAD_set_site.fract_x 
_pdbx_phasing_MAD_set_site.fract_y 
_pdbx_phasing_MAD_set_site.fract_z 
_pdbx_phasing_MAD_set_site.b_iso 
_pdbx_phasing_MAD_set_site.occupancy 
1 Se 0.473 0.933 0.111 25.43415 0.000  
2 Se 0.236 1.268 0.028 33.39766 0.000  
3 Se 0.306 1.280 0.189 24.24919 0.000  
4 Se 0.267 1.251 0.197 55.81196 0.000  
5 Se 0.472 0.933 0.111 22.90797 -0.046 
6 Se 0.236 1.268 0.028 33.00828 -0.055 
7 Se 0.306 1.280 0.189 23.79784 -0.015 
8 Se 0.267 1.250 0.197 56.88612 -0.036 
# 
loop_
_pdbx_phasing_MAD_shell.d_res_high 
_pdbx_phasing_MAD_shell.d_res_low 
_pdbx_phasing_MAD_shell.reflns 
_pdbx_phasing_MAD_shell.fom 
_pdbx_phasing_MAD_shell.reflns_centric 
_pdbx_phasing_MAD_shell.fom_centric 
_pdbx_phasing_MAD_shell.reflns_acentric 
_pdbx_phasing_MAD_shell.fom_acentric 
10.03 40.62 63   0.489 44  0.419 19   0.650 
5.72  10.03 288  0.699 121 0.536 167  0.817 
4.00  5.72  640  0.662 183 0.459 457  0.743 
3.08  4.00  1166 0.626 283 0.339 883  0.718 
2.50  3.08  1816 0.599 370 0.276 1446 0.681 
2.11  2.50  2626 0.503 462 0.165 2164 0.575 
1.82  2.11  3529 0.389 539 0.097 2990 0.442 
1.60  1.82  4522 0.155 597 0.032 3925 0.174 
# 
_pdbx_phasing_dm.entry_id   2R4Q 
_pdbx_phasing_dm.method     'Solvent flattening and Histogram matching' 
_pdbx_phasing_dm.reflns     14650 
# 
loop_
_pdbx_phasing_dm_shell.d_res_high 
_pdbx_phasing_dm_shell.d_res_low 
_pdbx_phasing_dm_shell.delta_phi_final 
_pdbx_phasing_dm_shell.delta_phi_initial 
_pdbx_phasing_dm_shell.fom_acentric 
_pdbx_phasing_dm_shell.fom_centric 
_pdbx_phasing_dm_shell.fom 
_pdbx_phasing_dm_shell.reflns_acentric 
_pdbx_phasing_dm_shell.reflns_centric 
_pdbx_phasing_dm_shell.reflns 
5.080 100.000 42.400 ? ? ? 0.841 ? ? 502 
3.990 5.080   45.100 ? ? ? 0.895 ? ? 502 
3.470 3.990   49.600 ? ? ? 0.883 ? ? 512 
3.140 3.470   49.400 ? ? ? 0.873 ? ? 507 
2.910 3.140   48.700 ? ? ? 0.857 ? ? 503 
2.740 2.910   44.000 ? ? ? 0.908 ? ? 509 
2.600 2.740   49.000 ? ? ? 0.879 ? ? 519 
2.480 2.600   48.700 ? ? ? 0.876 ? ? 511 
2.380 2.480   50.200 ? ? ? 0.893 ? ? 506 
2.300 2.380   51.300 ? ? ? 0.879 ? ? 516 
2.220 2.300   54.400 ? ? ? 0.884 ? ? 540 
2.150 2.220   51.800 ? ? ? 0.880 ? ? 560 
2.090 2.150   52.900 ? ? ? 0.892 ? ? 551 
2.030 2.090   55.700 ? ? ? 0.899 ? ? 605 
1.980 2.030   55.000 ? ? ? 0.875 ? ? 590 
1.930 1.980   56.900 ? ? ? 0.856 ? ? 605 
1.880 1.930   58.800 ? ? ? 0.845 ? ? 629 
1.840 1.880   63.700 ? ? ? 0.850 ? ? 639 
1.800 1.840   66.300 ? ? ? 0.815 ? ? 660 
1.760 1.800   68.300 ? ? ? 0.821 ? ? 667 
1.730 1.760   74.100 ? ? ? 0.811 ? ? 673 
1.690 1.730   74.300 ? ? ? 0.828 ? ? 700 
1.660 1.690   76.400 ? ? ? 0.825 ? ? 696 
1.630 1.660   77.400 ? ? ? 0.787 ? ? 689 
1.600 1.630   81.700 ? ? ? 0.791 ? ? 759 
# 
_phasing.method   MAD 
# 
_phasing_MAD.entry_id               2R4Q 
_phasing_MAD.pdbx_d_res_high        1.60 
_phasing_MAD.pdbx_d_res_low         40.62 
_phasing_MAD.pdbx_reflns            14650 
_phasing_MAD.pdbx_fom               0.401 
_phasing_MAD.pdbx_reflns_centric    2599 
_phasing_MAD.pdbx_fom_centric       0.198 
_phasing_MAD.pdbx_reflns_acentric   12051 
_phasing_MAD.pdbx_fom_acentric      0.445 
# 
loop_
_pdbx_unobs_or_zero_occ_residues.id 
_pdbx_unobs_or_zero_occ_residues.PDB_model_num 
_pdbx_unobs_or_zero_occ_residues.polymer_flag 
_pdbx_unobs_or_zero_occ_residues.occupancy_flag 
_pdbx_unobs_or_zero_occ_residues.auth_asym_id 
_pdbx_unobs_or_zero_occ_residues.auth_comp_id 
_pdbx_unobs_or_zero_occ_residues.auth_seq_id 
_pdbx_unobs_or_zero_occ_residues.PDB_ins_code 
_pdbx_unobs_or_zero_occ_residues.label_asym_id 
_pdbx_unobs_or_zero_occ_residues.label_comp_id 
_pdbx_unobs_or_zero_occ_residues.label_seq_id 
1 1 Y 1 A SER 168 ? A SER 1  
2 1 Y 1 A ASN 169 ? A ASN 2  
3 1 Y 1 A ILE 182 ? A ILE 15 
4 1 Y 1 A ALA 183 ? A ALA 16 
# 
loop_
_chem_comp_atom.comp_id 
_chem_comp_atom.atom_id 
_chem_comp_atom.type_symbol 
_chem_comp_atom.pdbx_aromatic_flag 
_chem_comp_atom.pdbx_stereo_config 
_chem_comp_atom.pdbx_ordinal 
ALA N    N  N N 1   
ALA CA   C  N S 2   
ALA C    C  N N 3   
ALA O    O  N N 4   
ALA CB   C  N N 5   
ALA OXT  O  N N 6   
ALA H    H  N N 7   
ALA H2   H  N N 8   
ALA HA   H  N N 9   
ALA HB1  H  N N 10  
ALA HB2  H  N N 11  
ALA HB3  H  N N 12  
ALA HXT  H  N N 13  
ARG N    N  N N 14  
ARG CA   C  N S 15  
ARG C    C  N N 16  
ARG O    O  N N 17  
ARG CB   C  N N 18  
ARG CG   C  N N 19  
ARG CD   C  N N 20  
ARG NE   N  N N 21  
ARG CZ   C  N N 22  
ARG NH1  N  N N 23  
ARG NH2  N  N N 24  
ARG OXT  O  N N 25  
ARG H    H  N N 26  
ARG H2   H  N N 27  
ARG HA   H  N N 28  
ARG HB2  H  N N 29  
ARG HB3  H  N N 30  
ARG HG2  H  N N 31  
ARG HG3  H  N N 32  
ARG HD2  H  N N 33  
ARG HD3  H  N N 34  
ARG HE   H  N N 35  
ARG HH11 H  N N 36  
ARG HH12 H  N N 37  
ARG HH21 H  N N 38  
ARG HH22 H  N N 39  
ARG HXT  H  N N 40  
ASN N    N  N N 41  
ASN CA   C  N S 42  
ASN C    C  N N 43  
ASN O    O  N N 44  
ASN CB   C  N N 45  
ASN CG   C  N N 46  
ASN OD1  O  N N 47  
ASN ND2  N  N N 48  
ASN OXT  O  N N 49  
ASN H    H  N N 50  
ASN H2   H  N N 51  
ASN HA   H  N N 52  
ASN HB2  H  N N 53  
ASN HB3  H  N N 54  
ASN HD21 H  N N 55  
ASN HD22 H  N N 56  
ASN HXT  H  N N 57  
ASP N    N  N N 58  
ASP CA   C  N S 59  
ASP C    C  N N 60  
ASP O    O  N N 61  
ASP CB   C  N N 62  
ASP CG   C  N N 63  
ASP OD1  O  N N 64  
ASP OD2  O  N N 65  
ASP OXT  O  N N 66  
ASP H    H  N N 67  
ASP H2   H  N N 68  
ASP HA   H  N N 69  
ASP HB2  H  N N 70  
ASP HB3  H  N N 71  
ASP HD2  H  N N 72  
ASP HXT  H  N N 73  
CYS N    N  N N 74  
CYS CA   C  N R 75  
CYS C    C  N N 76  
CYS O    O  N N 77  
CYS CB   C  N N 78  
CYS SG   S  N N 79  
CYS OXT  O  N N 80  
CYS H    H  N N 81  
CYS H2   H  N N 82  
CYS HA   H  N N 83  
CYS HB2  H  N N 84  
CYS HB3  H  N N 85  
CYS HG   H  N N 86  
CYS HXT  H  N N 87  
GLN N    N  N N 88  
GLN CA   C  N S 89  
GLN C    C  N N 90  
GLN O    O  N N 91  
GLN CB   C  N N 92  
GLN CG   C  N N 93  
GLN CD   C  N N 94  
GLN OE1  O  N N 95  
GLN NE2  N  N N 96  
GLN OXT  O  N N 97  
GLN H    H  N N 98  
GLN H2   H  N N 99  
GLN HA   H  N N 100 
GLN HB2  H  N N 101 
GLN HB3  H  N N 102 
GLN HG2  H  N N 103 
GLN HG3  H  N N 104 
GLN HE21 H  N N 105 
GLN HE22 H  N N 106 
GLN HXT  H  N N 107 
GLU N    N  N N 108 
GLU CA   C  N S 109 
GLU C    C  N N 110 
GLU O    O  N N 111 
GLU CB   C  N N 112 
GLU CG   C  N N 113 
GLU CD   C  N N 114 
GLU OE1  O  N N 115 
GLU OE2  O  N N 116 
GLU OXT  O  N N 117 
GLU H    H  N N 118 
GLU H2   H  N N 119 
GLU HA   H  N N 120 
GLU HB2  H  N N 121 
GLU HB3  H  N N 122 
GLU HG2  H  N N 123 
GLU HG3  H  N N 124 
GLU HE2  H  N N 125 
GLU HXT  H  N N 126 
GLY N    N  N N 127 
GLY CA   C  N N 128 
GLY C    C  N N 129 
GLY O    O  N N 130 
GLY OXT  O  N N 131 
GLY H    H  N N 132 
GLY H2   H  N N 133 
GLY HA2  H  N N 134 
GLY HA3  H  N N 135 
GLY HXT  H  N N 136 
HIS N    N  N N 137 
HIS CA   C  N S 138 
HIS C    C  N N 139 
HIS O    O  N N 140 
HIS CB   C  N N 141 
HIS CG   C  Y N 142 
HIS ND1  N  Y N 143 
HIS CD2  C  Y N 144 
HIS CE1  C  Y N 145 
HIS NE2  N  Y N 146 
HIS OXT  O  N N 147 
HIS H    H  N N 148 
HIS H2   H  N N 149 
HIS HA   H  N N 150 
HIS HB2  H  N N 151 
HIS HB3  H  N N 152 
HIS HD1  H  N N 153 
HIS HD2  H  N N 154 
HIS HE1  H  N N 155 
HIS HE2  H  N N 156 
HIS HXT  H  N N 157 
HOH O    O  N N 158 
HOH H1   H  N N 159 
HOH H2   H  N N 160 
ILE N    N  N N 161 
ILE CA   C  N S 162 
ILE C    C  N N 163 
ILE O    O  N N 164 
ILE CB   C  N S 165 
ILE CG1  C  N N 166 
ILE CG2  C  N N 167 
ILE CD1  C  N N 168 
ILE OXT  O  N N 169 
ILE H    H  N N 170 
ILE H2   H  N N 171 
ILE HA   H  N N 172 
ILE HB   H  N N 173 
ILE HG12 H  N N 174 
ILE HG13 H  N N 175 
ILE HG21 H  N N 176 
ILE HG22 H  N N 177 
ILE HG23 H  N N 178 
ILE HD11 H  N N 179 
ILE HD12 H  N N 180 
ILE HD13 H  N N 181 
ILE HXT  H  N N 182 
LEU N    N  N N 183 
LEU CA   C  N S 184 
LEU C    C  N N 185 
LEU O    O  N N 186 
LEU CB   C  N N 187 
LEU CG   C  N N 188 
LEU CD1  C  N N 189 
LEU CD2  C  N N 190 
LEU OXT  O  N N 191 
LEU H    H  N N 192 
LEU H2   H  N N 193 
LEU HA   H  N N 194 
LEU HB2  H  N N 195 
LEU HB3  H  N N 196 
LEU HG   H  N N 197 
LEU HD11 H  N N 198 
LEU HD12 H  N N 199 
LEU HD13 H  N N 200 
LEU HD21 H  N N 201 
LEU HD22 H  N N 202 
LEU HD23 H  N N 203 
LEU HXT  H  N N 204 
LYS N    N  N N 205 
LYS CA   C  N S 206 
LYS C    C  N N 207 
LYS O    O  N N 208 
LYS CB   C  N N 209 
LYS CG   C  N N 210 
LYS CD   C  N N 211 
LYS CE   C  N N 212 
LYS NZ   N  N N 213 
LYS OXT  O  N N 214 
LYS H    H  N N 215 
LYS H2   H  N N 216 
LYS HA   H  N N 217 
LYS HB2  H  N N 218 
LYS HB3  H  N N 219 
LYS HG2  H  N N 220 
LYS HG3  H  N N 221 
LYS HD2  H  N N 222 
LYS HD3  H  N N 223 
LYS HE2  H  N N 224 
LYS HE3  H  N N 225 
LYS HZ1  H  N N 226 
LYS HZ2  H  N N 227 
LYS HZ3  H  N N 228 
LYS HXT  H  N N 229 
MSE N    N  N N 230 
MSE CA   C  N S 231 
MSE C    C  N N 232 
MSE O    O  N N 233 
MSE OXT  O  N N 234 
MSE CB   C  N N 235 
MSE CG   C  N N 236 
MSE SE   SE N N 237 
MSE CE   C  N N 238 
MSE H    H  N N 239 
MSE H2   H  N N 240 
MSE HA   H  N N 241 
MSE HXT  H  N N 242 
MSE HB2  H  N N 243 
MSE HB3  H  N N 244 
MSE HG2  H  N N 245 
MSE HG3  H  N N 246 
MSE HE1  H  N N 247 
MSE HE2  H  N N 248 
MSE HE3  H  N N 249 
PHE N    N  N N 250 
PHE CA   C  N S 251 
PHE C    C  N N 252 
PHE O    O  N N 253 
PHE CB   C  N N 254 
PHE CG   C  Y N 255 
PHE CD1  C  Y N 256 
PHE CD2  C  Y N 257 
PHE CE1  C  Y N 258 
PHE CE2  C  Y N 259 
PHE CZ   C  Y N 260 
PHE OXT  O  N N 261 
PHE H    H  N N 262 
PHE H2   H  N N 263 
PHE HA   H  N N 264 
PHE HB2  H  N N 265 
PHE HB3  H  N N 266 
PHE HD1  H  N N 267 
PHE HD2  H  N N 268 
PHE HE1  H  N N 269 
PHE HE2  H  N N 270 
PHE HZ   H  N N 271 
PHE HXT  H  N N 272 
PRO N    N  N N 273 
PRO CA   C  N S 274 
PRO C    C  N N 275 
PRO O    O  N N 276 
PRO CB   C  N N 277 
PRO CG   C  N N 278 
PRO CD   C  N N 279 
PRO OXT  O  N N 280 
PRO H    H  N N 281 
PRO HA   H  N N 282 
PRO HB2  H  N N 283 
PRO HB3  H  N N 284 
PRO HG2  H  N N 285 
PRO HG3  H  N N 286 
PRO HD2  H  N N 287 
PRO HD3  H  N N 288 
PRO HXT  H  N N 289 
SER N    N  N N 290 
SER CA   C  N S 291 
SER C    C  N N 292 
SER O    O  N N 293 
SER CB   C  N N 294 
SER OG   O  N N 295 
SER OXT  O  N N 296 
SER H    H  N N 297 
SER H2   H  N N 298 
SER HA   H  N N 299 
SER HB2  H  N N 300 
SER HB3  H  N N 301 
SER HG   H  N N 302 
SER HXT  H  N N 303 
THR N    N  N N 304 
THR CA   C  N S 305 
THR C    C  N N 306 
THR O    O  N N 307 
THR CB   C  N R 308 
THR OG1  O  N N 309 
THR CG2  C  N N 310 
THR OXT  O  N N 311 
THR H    H  N N 312 
THR H2   H  N N 313 
THR HA   H  N N 314 
THR HB   H  N N 315 
THR HG1  H  N N 316 
THR HG21 H  N N 317 
THR HG22 H  N N 318 
THR HG23 H  N N 319 
THR HXT  H  N N 320 
TYR N    N  N N 321 
TYR CA   C  N S 322 
TYR C    C  N N 323 
TYR O    O  N N 324 
TYR CB   C  N N 325 
TYR CG   C  Y N 326 
TYR CD1  C  Y N 327 
TYR CD2  C  Y N 328 
TYR CE1  C  Y N 329 
TYR CE2  C  Y N 330 
TYR CZ   C  Y N 331 
TYR OH   O  N N 332 
TYR OXT  O  N N 333 
TYR H    H  N N 334 
TYR H2   H  N N 335 
TYR HA   H  N N 336 
TYR HB2  H  N N 337 
TYR HB3  H  N N 338 
TYR HD1  H  N N 339 
TYR HD2  H  N N 340 
TYR HE1  H  N N 341 
TYR HE2  H  N N 342 
TYR HH   H  N N 343 
TYR HXT  H  N N 344 
VAL N    N  N N 345 
VAL CA   C  N S 346 
VAL C    C  N N 347 
VAL O    O  N N 348 
VAL CB   C  N N 349 
VAL CG1  C  N N 350 
VAL CG2  C  N N 351 
VAL OXT  O  N N 352 
VAL H    H  N N 353 
VAL H2   H  N N 354 
VAL HA   H  N N 355 
VAL HB   H  N N 356 
VAL HG11 H  N N 357 
VAL HG12 H  N N 358 
VAL HG13 H  N N 359 
VAL HG21 H  N N 360 
VAL HG22 H  N N 361 
VAL HG23 H  N N 362 
VAL HXT  H  N N 363 
# 
loop_
_chem_comp_bond.comp_id 
_chem_comp_bond.atom_id_1 
_chem_comp_bond.atom_id_2 
_chem_comp_bond.value_order 
_chem_comp_bond.pdbx_aromatic_flag 
_chem_comp_bond.pdbx_stereo_config 
_chem_comp_bond.pdbx_ordinal 
ALA N   CA   sing N N 1   
ALA N   H    sing N N 2   
ALA N   H2   sing N N 3   
ALA CA  C    sing N N 4   
ALA CA  CB   sing N N 5   
ALA CA  HA   sing N N 6   
ALA C   O    doub N N 7   
ALA C   OXT  sing N N 8   
ALA CB  HB1  sing N N 9   
ALA CB  HB2  sing N N 10  
ALA CB  HB3  sing N N 11  
ALA OXT HXT  sing N N 12  
ARG N   CA   sing N N 13  
ARG N   H    sing N N 14  
ARG N   H2   sing N N 15  
ARG CA  C    sing N N 16  
ARG CA  CB   sing N N 17  
ARG CA  HA   sing N N 18  
ARG C   O    doub N N 19  
ARG C   OXT  sing N N 20  
ARG CB  CG   sing N N 21  
ARG CB  HB2  sing N N 22  
ARG CB  HB3  sing N N 23  
ARG CG  CD   sing N N 24  
ARG CG  HG2  sing N N 25  
ARG CG  HG3  sing N N 26  
ARG CD  NE   sing N N 27  
ARG CD  HD2  sing N N 28  
ARG CD  HD3  sing N N 29  
ARG NE  CZ   sing N N 30  
ARG NE  HE   sing N N 31  
ARG CZ  NH1  sing N N 32  
ARG CZ  NH2  doub N N 33  
ARG NH1 HH11 sing N N 34  
ARG NH1 HH12 sing N N 35  
ARG NH2 HH21 sing N N 36  
ARG NH2 HH22 sing N N 37  
ARG OXT HXT  sing N N 38  
ASN N   CA   sing N N 39  
ASN N   H    sing N N 40  
ASN N   H2   sing N N 41  
ASN CA  C    sing N N 42  
ASN CA  CB   sing N N 43  
ASN CA  HA   sing N N 44  
ASN C   O    doub N N 45  
ASN C   OXT  sing N N 46  
ASN CB  CG   sing N N 47  
ASN CB  HB2  sing N N 48  
ASN CB  HB3  sing N N 49  
ASN CG  OD1  doub N N 50  
ASN CG  ND2  sing N N 51  
ASN ND2 HD21 sing N N 52  
ASN ND2 HD22 sing N N 53  
ASN OXT HXT  sing N N 54  
ASP N   CA   sing N N 55  
ASP N   H    sing N N 56  
ASP N   H2   sing N N 57  
ASP CA  C    sing N N 58  
ASP CA  CB   sing N N 59  
ASP CA  HA   sing N N 60  
ASP C   O    doub N N 61  
ASP C   OXT  sing N N 62  
ASP CB  CG   sing N N 63  
ASP CB  HB2  sing N N 64  
ASP CB  HB3  sing N N 65  
ASP CG  OD1  doub N N 66  
ASP CG  OD2  sing N N 67  
ASP OD2 HD2  sing N N 68  
ASP OXT HXT  sing N N 69  
CYS N   CA   sing N N 70  
CYS N   H    sing N N 71  
CYS N   H2   sing N N 72  
CYS CA  C    sing N N 73  
CYS CA  CB   sing N N 74  
CYS CA  HA   sing N N 75  
CYS C   O    doub N N 76  
CYS C   OXT  sing N N 77  
CYS CB  SG   sing N N 78  
CYS CB  HB2  sing N N 79  
CYS CB  HB3  sing N N 80  
CYS SG  HG   sing N N 81  
CYS OXT HXT  sing N N 82  
GLN N   CA   sing N N 83  
GLN N   H    sing N N 84  
GLN N   H2   sing N N 85  
GLN CA  C    sing N N 86  
GLN CA  CB   sing N N 87  
GLN CA  HA   sing N N 88  
GLN C   O    doub N N 89  
GLN C   OXT  sing N N 90  
GLN CB  CG   sing N N 91  
GLN CB  HB2  sing N N 92  
GLN CB  HB3  sing N N 93  
GLN CG  CD   sing N N 94  
GLN CG  HG2  sing N N 95  
GLN CG  HG3  sing N N 96  
GLN CD  OE1  doub N N 97  
GLN CD  NE2  sing N N 98  
GLN NE2 HE21 sing N N 99  
GLN NE2 HE22 sing N N 100 
GLN OXT HXT  sing N N 101 
GLU N   CA   sing N N 102 
GLU N   H    sing N N 103 
GLU N   H2   sing N N 104 
GLU CA  C    sing N N 105 
GLU CA  CB   sing N N 106 
GLU CA  HA   sing N N 107 
GLU C   O    doub N N 108 
GLU C   OXT  sing N N 109 
GLU CB  CG   sing N N 110 
GLU CB  HB2  sing N N 111 
GLU CB  HB3  sing N N 112 
GLU CG  CD   sing N N 113 
GLU CG  HG2  sing N N 114 
GLU CG  HG3  sing N N 115 
GLU CD  OE1  doub N N 116 
GLU CD  OE2  sing N N 117 
GLU OE2 HE2  sing N N 118 
GLU OXT HXT  sing N N 119 
GLY N   CA   sing N N 120 
GLY N   H    sing N N 121 
GLY N   H2   sing N N 122 
GLY CA  C    sing N N 123 
GLY CA  HA2  sing N N 124 
GLY CA  HA3  sing N N 125 
GLY C   O    doub N N 126 
GLY C   OXT  sing N N 127 
GLY OXT HXT  sing N N 128 
HIS N   CA   sing N N 129 
HIS N   H    sing N N 130 
HIS N   H2   sing N N 131 
HIS CA  C    sing N N 132 
HIS CA  CB   sing N N 133 
HIS CA  HA   sing N N 134 
HIS C   O    doub N N 135 
HIS C   OXT  sing N N 136 
HIS CB  CG   sing N N 137 
HIS CB  HB2  sing N N 138 
HIS CB  HB3  sing N N 139 
HIS CG  ND1  sing Y N 140 
HIS CG  CD2  doub Y N 141 
HIS ND1 CE1  doub Y N 142 
HIS ND1 HD1  sing N N 143 
HIS CD2 NE2  sing Y N 144 
HIS CD2 HD2  sing N N 145 
HIS CE1 NE2  sing Y N 146 
HIS CE1 HE1  sing N N 147 
HIS NE2 HE2  sing N N 148 
HIS OXT HXT  sing N N 149 
HOH O   H1   sing N N 150 
HOH O   H2   sing N N 151 
ILE N   CA   sing N N 152 
ILE N   H    sing N N 153 
ILE N   H2   sing N N 154 
ILE CA  C    sing N N 155 
ILE CA  CB   sing N N 156 
ILE CA  HA   sing N N 157 
ILE C   O    doub N N 158 
ILE C   OXT  sing N N 159 
ILE CB  CG1  sing N N 160 
ILE CB  CG2  sing N N 161 
ILE CB  HB   sing N N 162 
ILE CG1 CD1  sing N N 163 
ILE CG1 HG12 sing N N 164 
ILE CG1 HG13 sing N N 165 
ILE CG2 HG21 sing N N 166 
ILE CG2 HG22 sing N N 167 
ILE CG2 HG23 sing N N 168 
ILE CD1 HD11 sing N N 169 
ILE CD1 HD12 sing N N 170 
ILE CD1 HD13 sing N N 171 
ILE OXT HXT  sing N N 172 
LEU N   CA   sing N N 173 
LEU N   H    sing N N 174 
LEU N   H2   sing N N 175 
LEU CA  C    sing N N 176 
LEU CA  CB   sing N N 177 
LEU CA  HA   sing N N 178 
LEU C   O    doub N N 179 
LEU C   OXT  sing N N 180 
LEU CB  CG   sing N N 181 
LEU CB  HB2  sing N N 182 
LEU CB  HB3  sing N N 183 
LEU CG  CD1  sing N N 184 
LEU CG  CD2  sing N N 185 
LEU CG  HG   sing N N 186 
LEU CD1 HD11 sing N N 187 
LEU CD1 HD12 sing N N 188 
LEU CD1 HD13 sing N N 189 
LEU CD2 HD21 sing N N 190 
LEU CD2 HD22 sing N N 191 
LEU CD2 HD23 sing N N 192 
LEU OXT HXT  sing N N 193 
LYS N   CA   sing N N 194 
LYS N   H    sing N N 195 
LYS N   H2   sing N N 196 
LYS CA  C    sing N N 197 
LYS CA  CB   sing N N 198 
LYS CA  HA   sing N N 199 
LYS C   O    doub N N 200 
LYS C   OXT  sing N N 201 
LYS CB  CG   sing N N 202 
LYS CB  HB2  sing N N 203 
LYS CB  HB3  sing N N 204 
LYS CG  CD   sing N N 205 
LYS CG  HG2  sing N N 206 
LYS CG  HG3  sing N N 207 
LYS CD  CE   sing N N 208 
LYS CD  HD2  sing N N 209 
LYS CD  HD3  sing N N 210 
LYS CE  NZ   sing N N 211 
LYS CE  HE2  sing N N 212 
LYS CE  HE3  sing N N 213 
LYS NZ  HZ1  sing N N 214 
LYS NZ  HZ2  sing N N 215 
LYS NZ  HZ3  sing N N 216 
LYS OXT HXT  sing N N 217 
MSE N   CA   sing N N 218 
MSE N   H    sing N N 219 
MSE N   H2   sing N N 220 
MSE CA  C    sing N N 221 
MSE CA  CB   sing N N 222 
MSE CA  HA   sing N N 223 
MSE C   O    doub N N 224 
MSE C   OXT  sing N N 225 
MSE OXT HXT  sing N N 226 
MSE CB  CG   sing N N 227 
MSE CB  HB2  sing N N 228 
MSE CB  HB3  sing N N 229 
MSE CG  SE   sing N N 230 
MSE CG  HG2  sing N N 231 
MSE CG  HG3  sing N N 232 
MSE SE  CE   sing N N 233 
MSE CE  HE1  sing N N 234 
MSE CE  HE2  sing N N 235 
MSE CE  HE3  sing N N 236 
PHE N   CA   sing N N 237 
PHE N   H    sing N N 238 
PHE N   H2   sing N N 239 
PHE CA  C    sing N N 240 
PHE CA  CB   sing N N 241 
PHE CA  HA   sing N N 242 
PHE C   O    doub N N 243 
PHE C   OXT  sing N N 244 
PHE CB  CG   sing N N 245 
PHE CB  HB2  sing N N 246 
PHE CB  HB3  sing N N 247 
PHE CG  CD1  doub Y N 248 
PHE CG  CD2  sing Y N 249 
PHE CD1 CE1  sing Y N 250 
PHE CD1 HD1  sing N N 251 
PHE CD2 CE2  doub Y N 252 
PHE CD2 HD2  sing N N 253 
PHE CE1 CZ   doub Y N 254 
PHE CE1 HE1  sing N N 255 
PHE CE2 CZ   sing Y N 256 
PHE CE2 HE2  sing N N 257 
PHE CZ  HZ   sing N N 258 
PHE OXT HXT  sing N N 259 
PRO N   CA   sing N N 260 
PRO N   CD   sing N N 261 
PRO N   H    sing N N 262 
PRO CA  C    sing N N 263 
PRO CA  CB   sing N N 264 
PRO CA  HA   sing N N 265 
PRO C   O    doub N N 266 
PRO C   OXT  sing N N 267 
PRO CB  CG   sing N N 268 
PRO CB  HB2  sing N N 269 
PRO CB  HB3  sing N N 270 
PRO CG  CD   sing N N 271 
PRO CG  HG2  sing N N 272 
PRO CG  HG3  sing N N 273 
PRO CD  HD2  sing N N 274 
PRO CD  HD3  sing N N 275 
PRO OXT HXT  sing N N 276 
SER N   CA   sing N N 277 
SER N   H    sing N N 278 
SER N   H2   sing N N 279 
SER CA  C    sing N N 280 
SER CA  CB   sing N N 281 
SER CA  HA   sing N N 282 
SER C   O    doub N N 283 
SER C   OXT  sing N N 284 
SER CB  OG   sing N N 285 
SER CB  HB2  sing N N 286 
SER CB  HB3  sing N N 287 
SER OG  HG   sing N N 288 
SER OXT HXT  sing N N 289 
THR N   CA   sing N N 290 
THR N   H    sing N N 291 
THR N   H2   sing N N 292 
THR CA  C    sing N N 293 
THR CA  CB   sing N N 294 
THR CA  HA   sing N N 295 
THR C   O    doub N N 296 
THR C   OXT  sing N N 297 
THR CB  OG1  sing N N 298 
THR CB  CG2  sing N N 299 
THR CB  HB   sing N N 300 
THR OG1 HG1  sing N N 301 
THR CG2 HG21 sing N N 302 
THR CG2 HG22 sing N N 303 
THR CG2 HG23 sing N N 304 
THR OXT HXT  sing N N 305 
TYR N   CA   sing N N 306 
TYR N   H    sing N N 307 
TYR N   H2   sing N N 308 
TYR CA  C    sing N N 309 
TYR CA  CB   sing N N 310 
TYR CA  HA   sing N N 311 
TYR C   O    doub N N 312 
TYR C   OXT  sing N N 313 
TYR CB  CG   sing N N 314 
TYR CB  HB2  sing N N 315 
TYR CB  HB3  sing N N 316 
TYR CG  CD1  doub Y N 317 
TYR CG  CD2  sing Y N 318 
TYR CD1 CE1  sing Y N 319 
TYR CD1 HD1  sing N N 320 
TYR CD2 CE2  doub Y N 321 
TYR CD2 HD2  sing N N 322 
TYR CE1 CZ   doub Y N 323 
TYR CE1 HE1  sing N N 324 
TYR CE2 CZ   sing Y N 325 
TYR CE2 HE2  sing N N 326 
TYR CZ  OH   sing N N 327 
TYR OH  HH   sing N N 328 
TYR OXT HXT  sing N N 329 
VAL N   CA   sing N N 330 
VAL N   H    sing N N 331 
VAL N   H2   sing N N 332 
VAL CA  C    sing N N 333 
VAL CA  CB   sing N N 334 
VAL CA  HA   sing N N 335 
VAL C   O    doub N N 336 
VAL C   OXT  sing N N 337 
VAL CB  CG1  sing N N 338 
VAL CB  CG2  sing N N 339 
VAL CB  HB   sing N N 340 
VAL CG1 HG11 sing N N 341 
VAL CG1 HG12 sing N N 342 
VAL CG1 HG13 sing N N 343 
VAL CG2 HG21 sing N N 344 
VAL CG2 HG22 sing N N 345 
VAL CG2 HG23 sing N N 346 
VAL OXT HXT  sing N N 347 
# 
_atom_sites.entry_id                    2R4Q 
_atom_sites.fract_transf_matrix[1][1]   0.00109446 
_atom_sites.fract_transf_matrix[1][2]   0.01738816 
_atom_sites.fract_transf_matrix[1][3]   -0.01486766 
_atom_sites.fract_transf_matrix[2][1]   0.00737572 
_atom_sites.fract_transf_matrix[2][2]   -0.01435807 
_atom_sites.fract_transf_matrix[2][3]   -0.01624924 
_atom_sites.fract_transf_matrix[3][1]   -0.00852579 
_atom_sites.fract_transf_matrix[3][2]   -0.00157921 
_atom_sites.fract_transf_matrix[3][3]   -0.00247454 
_atom_sites.fract_transf_vector[1]      0.078490 
_atom_sites.fract_transf_vector[2]      0.542719 
_atom_sites.fract_transf_vector[3]      -0.049933 
# 
loop_
_atom_type.symbol 
C  
N  
O  
S  
SE 
# 
loop_
_atom_site.group_PDB 
_atom_site.id 
_atom_site.type_symbol 
_atom_site.label_atom_id 
_atom_site.label_alt_id 
_atom_site.label_comp_id 
_atom_site.label_asym_id 
_atom_site.label_entity_id 
_atom_site.label_seq_id 
_atom_site.pdbx_PDB_ins_code 
_atom_site.Cartn_x 
_atom_site.Cartn_y 
_atom_site.Cartn_z 
_atom_site.occupancy 
_atom_site.B_iso_or_equiv 
_atom_site.pdbx_formal_charge 
_atom_site.auth_seq_id 
_atom_site.auth_comp_id 
_atom_site.auth_asym_id 
_atom_site.auth_atom_id 
_atom_site.pdbx_PDB_model_num 
ATOM   1    N  N   A ALA A 1 3   ? 3.002   -11.166 -10.480 0.50 27.33 ? 170 ALA A N   1 
ATOM   2    N  N   B ALA A 1 3   ? 2.894   -10.917 -9.178  0.50 28.28 ? 170 ALA A N   1 
ATOM   3    C  CA  A ALA A 1 3   ? 3.428   -10.070 -9.584  0.50 27.10 ? 170 ALA A CA  1 
ATOM   4    C  CA  B ALA A 1 3   ? 3.935   -9.859  -9.254  0.50 27.62 ? 170 ALA A CA  1 
ATOM   5    C  C   A ALA A 1 3   ? 2.478   -8.873  -9.678  0.50 27.28 ? 170 ALA A C   1 
ATOM   6    C  C   B ALA A 1 3   ? 3.348   -8.435  -9.138  0.50 27.17 ? 170 ALA A C   1 
ATOM   7    O  O   A ALA A 1 3   ? 2.023   -8.492  -10.754 0.50 27.62 ? 170 ALA A O   1 
ATOM   8    O  O   B ALA A 1 3   ? 3.956   -7.462  -9.597  0.50 27.26 ? 170 ALA A O   1 
ATOM   9    C  CB  A ALA A 1 3   ? 4.864   -9.633  -9.887  0.50 27.66 ? 170 ALA A CB  1 
ATOM   10   C  CB  B ALA A 1 3   ? 4.748   -10.009 -10.539 0.50 28.15 ? 170 ALA A CB  1 
ATOM   11   N  N   . LYS A 1 4   ? 2.168   -8.302  -8.531  1.00 27.11 ? 171 LYS A N   1 
ATOM   12   C  CA  . LYS A 1 4   ? 1.546   -6.989  -8.482  1.00 26.10 ? 171 LYS A CA  1 
ATOM   13   C  C   . LYS A 1 4   ? 1.977   -6.235  -7.240  1.00 25.04 ? 171 LYS A C   1 
ATOM   14   O  O   . LYS A 1 4   ? 2.245   -6.812  -6.169  1.00 24.47 ? 171 LYS A O   1 
ATOM   15   C  CB  . LYS A 1 4   ? 0.023   -7.034  -8.550  1.00 27.56 ? 171 LYS A CB  1 
ATOM   16   C  CG  . LYS A 1 4   ? -0.610  -7.750  -7.415  1.00 28.36 ? 171 LYS A CG  1 
ATOM   17   C  CD  . LYS A 1 4   ? -2.145  -7.739  -7.486  1.00 31.22 ? 171 LYS A CD  1 
ATOM   18   C  CE  . LYS A 1 4   ? -2.694  -8.695  -6.438  1.00 34.09 ? 171 LYS A CE  1 
ATOM   19   N  NZ  . LYS A 1 4   ? -2.525  -10.141 -6.838  1.00 37.66 ? 171 LYS A NZ  1 
ATOM   20   N  N   A ILE A 1 5   ? 2.069   -4.926  -7.376  0.50 24.12 ? 172 ILE A N   1 
ATOM   21   N  N   B ILE A 1 5   ? 2.018   -4.919  -7.408  0.50 24.46 ? 172 ILE A N   1 
ATOM   22   C  CA  A ILE A 1 5   ? 2.344   -4.119  -6.206  0.50 23.59 ? 172 ILE A CA  1 
ATOM   23   C  CA  B ILE A 1 5   ? 2.132   -3.965  -6.310  0.50 24.35 ? 172 ILE A CA  1 
ATOM   24   C  C   A ILE A 1 5   ? 1.135   -4.132  -5.249  0.50 22.86 ? 172 ILE A C   1 
ATOM   25   C  C   B ILE A 1 5   ? 1.070   -4.216  -5.233  0.50 23.12 ? 172 ILE A C   1 
ATOM   26   O  O   A ILE A 1 5   ? -0.037  -4.270  -5.648  0.50 23.34 ? 172 ILE A O   1 
ATOM   27   O  O   B ILE A 1 5   ? -0.082  -4.599  -5.539  0.50 23.19 ? 172 ILE A O   1 
ATOM   28   C  CB  A ILE A 1 5   ? 2.816   -2.700  -6.576  0.50 23.90 ? 172 ILE A CB  1 
ATOM   29   C  CB  B ILE A 1 5   ? 2.002   -2.501  -6.857  0.50 24.65 ? 172 ILE A CB  1 
ATOM   30   C  CG1 A ILE A 1 5   ? 1.711   -1.950  -7.306  0.50 24.52 ? 172 ILE A CG1 1 
ATOM   31   C  CG1 B ILE A 1 5   ? 3.084   -2.213  -7.911  0.50 26.66 ? 172 ILE A CG1 1 
ATOM   32   C  CG2 A ILE A 1 5   ? 4.038   -2.800  -7.494  0.50 24.02 ? 172 ILE A CG2 1 
ATOM   33   C  CG2 B ILE A 1 5   ? 2.038   -1.465  -5.724  0.50 26.32 ? 172 ILE A CG2 1 
ATOM   34   C  CD1 A ILE A 1 5   ? 1.832   -0.462  -7.176  0.50 25.33 ? 172 ILE A CD1 1 
ATOM   35   C  CD1 B ILE A 1 5   ? 4.525   -2.424  -7.421  0.50 29.05 ? 172 ILE A CD1 1 
ATOM   36   N  N   . LEU A 1 6   ? 1.454   -4.007  -3.970  1.00 22.51 ? 173 LEU A N   1 
ATOM   37   C  CA  . LEU A 1 6   ? 0.491   -4.075  -2.886  1.00 21.62 ? 173 LEU A CA  1 
ATOM   38   C  C   . LEU A 1 6   ? 0.558   -2.796  -2.082  1.00 21.53 ? 173 LEU A C   1 
ATOM   39   O  O   . LEU A 1 6   ? 1.564   -2.103  -2.091  1.00 22.07 ? 173 LEU A O   1 
ATOM   40   C  CB  . LEU A 1 6   ? 0.785   -5.234  -1.944  1.00 22.05 ? 173 LEU A CB  1 
ATOM   41   C  CG  . LEU A 1 6   ? 0.998   -6.580  -2.643  1.00 21.82 ? 173 LEU A CG  1 
ATOM   42   C  CD1 . LEU A 1 6   ? 1.470   -7.628  -1.616  1.00 23.39 ? 173 LEU A CD1 1 
ATOM   43   C  CD2 . LEU A 1 6   ? -0.311  -7.034  -3.306  1.00 23.04 ? 173 LEU A CD2 1 
ATOM   44   N  N   . ALA A 1 7   ? -0.515  -2.503  -1.362  1.00 21.71 ? 174 ALA A N   1 
ATOM   45   C  CA  . ALA A 1 7   ? -0.497  -1.376  -0.426  1.00 21.61 ? 174 ALA A CA  1 
ATOM   46   C  C   . ALA A 1 7   ? -1.248  -1.739  0.824   1.00 21.83 ? 174 ALA A C   1 
ATOM   47   O  O   . ALA A 1 7   ? -2.138  -2.584  0.786   1.00 22.42 ? 174 ALA A O   1 
ATOM   48   C  CB  . ALA A 1 7   ? -1.119  -0.091  -1.061  1.00 21.93 ? 174 ALA A CB  1 
ATOM   49   N  N   . VAL A 1 8   ? -0.910  -1.044  1.905   1.00 20.95 ? 175 VAL A N   1 
ATOM   50   C  CA  . VAL A 1 8   ? -1.710  -1.034  3.140   1.00 20.63 ? 175 VAL A CA  1 
ATOM   51   C  C   . VAL A 1 8   ? -1.987  0.422   3.466   1.00 21.58 ? 175 VAL A C   1 
ATOM   52   O  O   . VAL A 1 8   ? -1.060  1.235   3.463   1.00 22.43 ? 175 VAL A O   1 
ATOM   53   C  CB  . VAL A 1 8   ? -0.968  -1.675  4.349   1.00 21.50 ? 175 VAL A CB  1 
ATOM   54   C  CG1 . VAL A 1 8   ? -1.887  -1.773  5.556   1.00 21.78 ? 175 VAL A CG1 1 
ATOM   55   C  CG2 . VAL A 1 8   ? -0.421  -3.045  3.966   1.00 23.48 ? 175 VAL A CG2 1 
ATOM   56   N  N   . THR A 1 9   ? -3.251  0.739   3.746   1.00 21.15 ? 176 THR A N   1 
ATOM   57   C  CA  . THR A 1 9   ? -3.552  2.079   4.240   1.00 20.29 ? 176 THR A CA  1 
ATOM   58   C  C   . THR A 1 9   ? -4.124  1.962   5.653   1.00 21.35 ? 176 THR A C   1 
ATOM   59   O  O   . THR A 1 9   ? -4.814  0.998   5.963   1.00 21.32 ? 176 THR A O   1 
ATOM   60   C  CB  . THR A 1 9   ? -4.539  2.805   3.305   1.00 20.72 ? 176 THR A CB  1 
ATOM   61   O  OG1 . THR A 1 9   ? -5.842  2.182   3.358   1.00 20.71 ? 176 THR A OG1 1 
ATOM   62   C  CG2 . THR A 1 9   ? -4.004  2.882   1.879   1.00 21.09 ? 176 THR A CG2 1 
ATOM   63   N  N   . ALA A 1 10  ? -3.835  2.957   6.506   1.00 21.56 ? 177 ALA A N   1 
ATOM   64   C  CA  . ALA A 1 10  ? -4.318  2.913   7.892   1.00 22.98 ? 177 ALA A CA  1 
ATOM   65   C  C   . ALA A 1 10  ? -4.386  4.313   8.465   1.00 23.75 ? 177 ALA A C   1 
ATOM   66   O  O   . ALA A 1 10  ? -3.553  5.149   8.169   1.00 23.44 ? 177 ALA A O   1 
ATOM   67   C  CB  . ALA A 1 10  ? -3.377  2.054   8.737   1.00 23.50 ? 177 ALA A CB  1 
ATOM   68   N  N   . CYS A 1 11  ? -5.357  4.567   9.315   1.00 25.35 ? 178 CYS A N   1 
ATOM   69   C  CA  . CYS A 1 11  ? -5.334  5.825   10.059  1.00 26.51 ? 178 CYS A CA  1 
ATOM   70   C  C   . CYS A 1 11  ? -5.933  5.619   11.450  1.00 27.53 ? 178 CYS A C   1 
ATOM   71   O  O   . CYS A 1 11  ? -6.609  4.604   11.659  1.00 26.30 ? 178 CYS A O   1 
ATOM   72   C  CB  . CYS A 1 11  ? -6.041  6.934   9.270   1.00 27.32 ? 178 CYS A CB  1 
ATOM   73   S  SG  . CYS A 1 11  ? -7.816  6.738   9.203   1.00 27.43 ? 178 CYS A SG  1 
ATOM   74   N  N   . PRO A 1 12  ? -5.632  6.534   12.408  1.00 28.24 ? 179 PRO A N   1 
ATOM   75   C  CA  . PRO A 1 12  ? -6.034  6.369   13.814  1.00 29.40 ? 179 PRO A CA  1 
ATOM   76   C  C   . PRO A 1 12  ? -7.531  6.212   14.022  1.00 30.44 ? 179 PRO A C   1 
ATOM   77   O  O   . PRO A 1 12  ? -7.959  5.384   14.830  1.00 30.55 ? 179 PRO A O   1 
ATOM   78   C  CB  . PRO A 1 12  ? -5.549  7.669   14.486  1.00 29.42 ? 179 PRO A CB  1 
ATOM   79   C  CG  . PRO A 1 12  ? -4.447  8.158   13.614  1.00 29.87 ? 179 PRO A CG  1 
ATOM   80   C  CD  . PRO A 1 12  ? -4.824  7.760   12.216  1.00 28.63 ? 179 PRO A CD  1 
ATOM   81   N  N   . THR A 1 13  ? -8.332  6.991   13.309  1.00 31.71 ? 180 THR A N   1 
ATOM   82   C  CA  . THR A 1 13  ? -9.765  6.953   13.595  1.00 33.71 ? 180 THR A CA  1 
ATOM   83   C  C   . THR A 1 13  ? -10.363 5.861   12.733  1.00 34.12 ? 180 THR A C   1 
ATOM   84   O  O   . THR A 1 13  ? -11.470 5.382   13.000  1.00 34.55 ? 180 THR A O   1 
ATOM   85   C  CB  . THR A 1 13  ? -10.471 8.310   13.375  1.00 33.59 ? 180 THR A CB  1 
ATOM   86   O  OG1 . THR A 1 13  ? -10.344 8.701   12.003  1.00 35.86 ? 180 THR A OG1 1 
ATOM   87   C  CG2 . THR A 1 13  ? -9.862  9.375   14.282  1.00 33.73 ? 180 THR A CG2 1 
ATOM   88   N  N   . GLY A 1 14  ? -9.604  5.462   11.715  1.00 34.62 ? 181 GLY A N   1 
ATOM   89   C  CA  . GLY A 1 14  ? -9.994  4.393   10.832  1.00 35.23 ? 181 GLY A CA  1 
ATOM   90   C  C   . GLY A 1 14  ? -11.268 4.705   10.068  1.00 35.99 ? 181 GLY A C   1 
ATOM   91   O  O   . GLY A 1 14  ? -11.766 3.851   9.324   1.00 37.11 ? 181 GLY A O   1 
ATOM   92   N  N   . HIS A 1 17  ? -9.440  8.774   6.470   1.00 27.74 ? 184 HIS A N   1 
ATOM   93   C  CA  . HIS A 1 17  ? -8.268  8.710   5.577   1.00 27.64 ? 184 HIS A CA  1 
ATOM   94   C  C   . HIS A 1 17  ? -7.897  7.329   5.008   1.00 27.35 ? 184 HIS A C   1 
ATOM   95   O  O   . HIS A 1 17  ? -7.494  7.225   3.851   1.00 25.74 ? 184 HIS A O   1 
ATOM   96   C  CB  . HIS A 1 17  ? -7.030  9.286   6.268   1.00 28.54 ? 184 HIS A CB  1 
ATOM   97   C  CG  . HIS A 1 17  ? -7.166  10.725  6.635   1.00 30.83 ? 184 HIS A CG  1 
ATOM   98   N  ND1 . HIS A 1 17  ? -6.450  11.303  7.663   1.00 35.70 ? 184 HIS A ND1 1 
ATOM   99   C  CD2 . HIS A 1 17  ? -7.961  11.700  6.134   1.00 33.50 ? 184 HIS A CD2 1 
ATOM   100  C  CE1 . HIS A 1 17  ? -6.787  12.578  7.768   1.00 36.60 ? 184 HIS A CE1 1 
ATOM   101  N  NE2 . HIS A 1 17  ? -7.709  12.844  6.858   1.00 35.08 ? 184 HIS A NE2 1 
ATOM   102  N  N   . THR A 1 18  ? -8.002  6.281   5.830   1.00 26.00 ? 185 THR A N   1 
ATOM   103  C  CA  . THR A 1 18  ? -7.725  4.916   5.363   1.00 26.17 ? 185 THR A CA  1 
ATOM   104  C  C   . THR A 1 18  ? -8.320  4.606   3.959   1.00 26.12 ? 185 THR A C   1 
ATOM   105  O  O   . THR A 1 18  ? -7.616  4.192   2.982   1.00 24.02 ? 185 THR A O   1 
ATOM   106  C  CB  . THR A 1 18  ? -8.266  3.873   6.376   1.00 26.96 ? 185 THR A CB  1 
ATOM   107  O  OG1 . THR A 1 18  ? -7.558  4.021   7.616   1.00 26.53 ? 185 THR A OG1 1 
ATOM   108  C  CG2 . THR A 1 18  ? -7.975  2.484   5.859   1.00 27.17 ? 185 THR A CG2 1 
ATOM   109  N  N   . PHE A 1 19  ? -9.604  4.901   3.850   1.00 26.06 ? 186 PHE A N   1 
ATOM   110  C  CA  . PHE A 1 19  ? -10.390 4.522   2.637   1.00 26.04 ? 186 PHE A CA  1 
ATOM   111  C  C   . PHE A 1 19  ? -10.239 5.477   1.444   1.00 25.04 ? 186 PHE A C   1 
ATOM   112  O  O   . PHE A 1 19  ? -10.205 5.047   0.267   1.00 24.19 ? 186 PHE A O   1 
ATOM   113  C  CB  . PHE A 1 19  ? -11.816 4.340   3.074   1.00 26.69 ? 186 PHE A CB  1 
ATOM   114  C  CG  . PHE A 1 19  ? -11.960 3.208   4.047   1.00 29.46 ? 186 PHE A CG  1 
ATOM   115  C  CD1 . PHE A 1 19  ? -11.880 1.893   3.593   1.00 30.92 ? 186 PHE A CD1 1 
ATOM   116  C  CD2 . PHE A 1 19  ? -12.073 3.456   5.421   1.00 31.58 ? 186 PHE A CD2 1 
ATOM   117  C  CE1 . PHE A 1 19  ? -11.953 0.827   4.504   1.00 33.09 ? 186 PHE A CE1 1 
ATOM   118  C  CE2 . PHE A 1 19  ? -12.143 2.405   6.327   1.00 31.71 ? 186 PHE A CE2 1 
ATOM   119  C  CZ  . PHE A 1 19  ? -12.071 1.087   5.858   1.00 30.93 ? 186 PHE A CZ  1 
HETATM 120  N  N   . MSE A 1 20  ? -10.102 6.754   1.757   1.00 24.67 ? 187 MSE A N   1 
HETATM 121  C  CA  A MSE A 1 20  ? -9.761  7.757   0.753   0.50 25.12 ? 187 MSE A CA  1 
HETATM 122  C  CA  B MSE A 1 20  ? -9.781  7.746   0.735   0.50 25.24 ? 187 MSE A CA  1 
HETATM 123  C  C   . MSE A 1 20  ? -8.416  7.470   0.092   1.00 23.72 ? 187 MSE A C   1 
HETATM 124  O  O   . MSE A 1 20  ? -8.273  7.621   -1.132  1.00 22.80 ? 187 MSE A O   1 
HETATM 125  C  CB  A MSE A 1 20  ? -9.732  9.137   1.385   0.50 24.94 ? 187 MSE A CB  1 
HETATM 126  C  CB  B MSE A 1 20  ? -9.868  9.167   1.294   0.50 25.16 ? 187 MSE A CB  1 
HETATM 127  C  CG  A MSE A 1 20  ? -11.076 9.560   1.911   0.50 26.03 ? 187 MSE A CG  1 
HETATM 128  C  CG  B MSE A 1 20  ? -11.165 9.400   2.053   0.50 26.73 ? 187 MSE A CG  1 
HETATM 129  SE SE  A MSE A 1 20  ? -11.172 11.456  1.875   0.40 30.63 ? 187 MSE A SE  1 
HETATM 130  SE SE  B MSE A 1 20  ? -12.164 11.004  1.638   0.40 30.78 ? 187 MSE A SE  1 
HETATM 131  C  CE  A MSE A 1 20  ? -9.986  11.827  3.370   0.50 21.41 ? 187 MSE A CE  1 
HETATM 132  C  CE  B MSE A 1 20  ? -12.044 11.074  -0.318  0.50 26.33 ? 187 MSE A CE  1 
ATOM   133  N  N   . ALA A 1 21  ? -7.441  7.043   0.894   1.00 22.61 ? 188 ALA A N   1 
ATOM   134  C  CA  . ALA A 1 21  ? -6.118  6.686   0.341   1.00 21.61 ? 188 ALA A CA  1 
ATOM   135  C  C   . ALA A 1 21  ? -6.249  5.442   -0.558  1.00 20.92 ? 188 ALA A C   1 
ATOM   136  O  O   . ALA A 1 21  ? -5.696  5.404   -1.664  1.00 21.58 ? 188 ALA A O   1 
ATOM   137  C  CB  . ALA A 1 21  ? -5.118  6.445   1.452   1.00 22.30 ? 188 ALA A CB  1 
ATOM   138  N  N   . ALA A 1 22  ? -6.990  4.424   -0.092  1.00 20.69 ? 189 ALA A N   1 
ATOM   139  C  CA  . ALA A 1 22  ? -7.178  3.199   -0.894  1.00 21.37 ? 189 ALA A CA  1 
ATOM   140  C  C   . ALA A 1 22  ? -7.841  3.545   -2.218  1.00 21.19 ? 189 ALA A C   1 
ATOM   141  O  O   . ALA A 1 22  ? -7.396  3.110   -3.279  1.00 21.11 ? 189 ALA A O   1 
ATOM   142  C  CB  . ALA A 1 22  ? -8.051  2.212   -0.137  1.00 21.03 ? 189 ALA A CB  1 
ATOM   143  N  N   . ASP A 1 23  ? -8.893  4.371   -2.159  1.00 20.92 ? 190 ASP A N   1 
ATOM   144  C  CA  . ASP A 1 23  ? -9.599  4.800   -3.358  1.00 20.56 ? 190 ASP A CA  1 
ATOM   145  C  C   . ASP A 1 23  ? -8.657  5.486   -4.343  1.00 20.56 ? 190 ASP A C   1 
ATOM   146  O  O   . ASP A 1 23  ? -8.645  5.182   -5.540  1.00 21.17 ? 190 ASP A O   1 
ATOM   147  C  CB  . ASP A 1 23  ? -10.714 5.800   -3.013  1.00 19.95 ? 190 ASP A CB  1 
ATOM   148  C  CG  . ASP A 1 23  ? -11.904 5.162   -2.293  1.00 22.70 ? 190 ASP A CG  1 
ATOM   149  O  OD1 . ASP A 1 23  ? -11.978 3.925   -2.213  1.00 21.59 ? 190 ASP A OD1 1 
ATOM   150  O  OD2 . ASP A 1 23  ? -12.782 5.922   -1.809  1.00 23.55 ? 190 ASP A OD2 1 
ATOM   151  N  N   . ALA A 1 24  ? -7.887  6.442   -3.832  1.00 20.21 ? 191 ALA A N   1 
ATOM   152  C  CA  . ALA A 1 24  ? -7.019  7.226   -4.712  1.00 21.02 ? 191 ALA A CA  1 
ATOM   153  C  C   . ALA A 1 24  ? -5.987  6.317   -5.367  1.00 20.47 ? 191 ALA A C   1 
ATOM   154  O  O   . ALA A 1 24  ? -5.680  6.499   -6.558  1.00 21.69 ? 191 ALA A O   1 
ATOM   155  C  CB  . ALA A 1 24  ? -6.332  8.335   -3.935  1.00 22.13 ? 191 ALA A CB  1 
ATOM   156  N  N   . LEU A 1 25  ? -5.452  5.362   -4.589  1.00 20.99 ? 192 LEU A N   1 
ATOM   157  C  CA  . LEU A 1 25  ? -4.477  4.408   -5.120  1.00 21.59 ? 192 LEU A CA  1 
ATOM   158  C  C   . LEU A 1 25  ? -5.090  3.522   -6.194  1.00 21.78 ? 192 LEU A C   1 
ATOM   159  O  O   . LEU A 1 25  ? -4.501  3.335   -7.266  1.00 21.84 ? 192 LEU A O   1 
ATOM   160  C  CB  . LEU A 1 25  ? -3.829  3.567   -4.014  1.00 22.26 ? 192 LEU A CB  1 
ATOM   161  C  CG  . LEU A 1 25  ? -2.824  4.342   -3.160  1.00 22.93 ? 192 LEU A CG  1 
ATOM   162  C  CD1 . LEU A 1 25  ? -2.576  3.572   -1.861  1.00 22.99 ? 192 LEU A CD1 1 
ATOM   163  C  CD2 . LEU A 1 25  ? -1.507  4.591   -3.937  1.00 24.26 ? 192 LEU A CD2 1 
ATOM   164  N  N   . LYS A 1 26  ? -6.295  3.007   -5.922  1.00 21.43 ? 193 LYS A N   1 
ATOM   165  C  CA  . LYS A 1 26  ? -6.959  2.161   -6.892  1.00 22.40 ? 193 LYS A CA  1 
ATOM   166  C  C   . LYS A 1 26  ? -7.324  2.923   -8.165  1.00 22.62 ? 193 LYS A C   1 
ATOM   167  O  O   . LYS A 1 26  ? -7.111  2.432   -9.286  1.00 22.71 ? 193 LYS A O   1 
ATOM   168  C  CB  . LYS A 1 26  ? -8.211  1.544   -6.265  1.00 22.51 ? 193 LYS A CB  1 
ATOM   169  C  CG  . LYS A 1 26  ? -7.917  0.528   -5.200  1.00 22.02 ? 193 LYS A CG  1 
ATOM   170  C  CD  . LYS A 1 26  ? -9.239  -0.121  -4.726  1.00 23.70 ? 193 LYS A CD  1 
ATOM   171  C  CE  . LYS A 1 26  ? -8.959  -0.943  -3.536  1.00 29.23 ? 193 LYS A CE  1 
ATOM   172  N  NZ  . LYS A 1 26  ? -10.164 -1.787  -3.207  1.00 28.78 ? 193 LYS A NZ  1 
ATOM   173  N  N   . GLU A 1 27  ? -7.866  4.135   -8.018  1.00 22.73 ? 194 GLU A N   1 
ATOM   174  C  CA  . GLU A 1 27  ? -8.273  4.885   -9.220  1.00 23.98 ? 194 GLU A CA  1 
ATOM   175  C  C   . GLU A 1 27  ? -7.053  5.239   -10.070 1.00 23.69 ? 194 GLU A C   1 
ATOM   176  O  O   . GLU A 1 27  ? -7.096  5.142   -11.311 1.00 24.46 ? 194 GLU A O   1 
ATOM   177  C  CB  . GLU A 1 27  ? -9.062  6.141   -8.860  1.00 25.08 ? 194 GLU A CB  1 
ATOM   178  C  CG  . GLU A 1 27  ? -10.447 5.860   -8.349  1.00 30.22 ? 194 GLU A CG  1 
ATOM   179  C  CD  . GLU A 1 27  ? -11.412 6.994   -8.682  1.00 36.29 ? 194 GLU A CD  1 
ATOM   180  O  OE1 . GLU A 1 27  ? -11.053 8.172   -8.446  1.00 41.16 ? 194 GLU A OE1 1 
ATOM   181  O  OE2 . GLU A 1 27  ? -12.517 6.713   -9.201  1.00 39.75 ? 194 GLU A OE2 1 
ATOM   182  N  N   . LYS A 1 28  ? -5.961  5.628   -9.408  1.00 22.74 ? 195 LYS A N   1 
ATOM   183  C  CA  . LYS A 1 28  ? -4.738  5.995   -10.129 1.00 23.37 ? 195 LYS A CA  1 
ATOM   184  C  C   . LYS A 1 28  ? -4.106  4.771   -10.812 1.00 23.31 ? 195 LYS A C   1 
ATOM   185  O  O   . LYS A 1 28  ? -3.684  4.859   -11.969 1.00 23.48 ? 195 LYS A O   1 
ATOM   186  C  CB  . LYS A 1 28  ? -3.752  6.727   -9.214  1.00 23.70 ? 195 LYS A CB  1 
ATOM   187  C  CG  . LYS A 1 28  ? -2.488  7.236   -9.933  1.00 23.60 ? 195 LYS A CG  1 
ATOM   188  C  CD  . LYS A 1 28  ? -2.830  8.160   -11.112 1.00 26.80 ? 195 LYS A CD  1 
ATOM   189  C  CE  . LYS A 1 28  ? -3.478  9.467   -10.645 1.00 27.68 ? 195 LYS A CE  1 
ATOM   190  N  NZ  . LYS A 1 28  ? -3.664  10.408  -11.800 1.00 31.42 ? 195 LYS A NZ  1 
ATOM   191  N  N   . ALA A 1 29  ? -4.063  3.635   -10.119 1.00 22.15 ? 196 ALA A N   1 
ATOM   192  C  CA  . ALA A 1 29  ? -3.525  2.404   -10.692 1.00 22.72 ? 196 ALA A CA  1 
ATOM   193  C  C   . ALA A 1 29  ? -4.294  2.061   -11.966 1.00 23.20 ? 196 ALA A C   1 
ATOM   194  O  O   . ALA A 1 29  ? -3.700  1.663   -12.983 1.00 23.15 ? 196 ALA A O   1 
ATOM   195  C  CB  . ALA A 1 29  ? -3.624  1.244   -9.665  1.00 23.63 ? 196 ALA A CB  1 
ATOM   196  N  N   . LYS A 1 30  ? -5.616  2.206   -11.933 1.00 23.68 ? 197 LYS A N   1 
ATOM   197  C  CA  A LYS A 1 30  ? -6.402  1.893   -13.124 0.50 24.01 ? 197 LYS A CA  1 
ATOM   198  C  CA  B LYS A 1 30  ? -6.431  1.906   -13.114 0.50 24.13 ? 197 LYS A CA  1 
ATOM   199  C  C   . LYS A 1 30  ? -6.054  2.845   -14.255 1.00 24.41 ? 197 LYS A C   1 
ATOM   200  O  O   . LYS A 1 30  ? -5.880  2.414   -15.397 1.00 25.04 ? 197 LYS A O   1 
ATOM   201  C  CB  A LYS A 1 30  ? -7.907  1.895   -12.865 0.50 23.99 ? 197 LYS A CB  1 
ATOM   202  C  CB  B LYS A 1 30  ? -7.930  1.987   -12.790 0.50 24.00 ? 197 LYS A CB  1 
ATOM   203  C  CG  A LYS A 1 30  ? -8.670  1.448   -14.116 0.50 24.73 ? 197 LYS A CG  1 
ATOM   204  C  CG  B LYS A 1 30  ? -8.854  1.633   -13.971 0.50 24.25 ? 197 LYS A CG  1 
ATOM   205  C  CD  A LYS A 1 30  ? -10.138 1.804   -14.087 0.50 28.05 ? 197 LYS A CD  1 
ATOM   206  C  CD  B LYS A 1 30  ? -10.291 1.390   -13.494 0.50 25.00 ? 197 LYS A CD  1 
ATOM   207  C  CE  A LYS A 1 30  ? -10.797 1.405   -15.406 0.50 29.02 ? 197 LYS A CE  1 
ATOM   208  C  CE  B LYS A 1 30  ? -11.273 1.216   -14.656 0.50 26.23 ? 197 LYS A CE  1 
ATOM   209  N  NZ  A LYS A 1 30  ? -10.540 -0.017  -15.799 0.50 29.74 ? 197 LYS A NZ  1 
ATOM   210  N  NZ  B LYS A 1 30  ? -11.607 2.508   -15.344 0.50 28.67 ? 197 LYS A NZ  1 
ATOM   211  N  N   . GLU A 1 31  ? -5.922  4.133   -13.935 1.00 24.40 ? 198 GLU A N   1 
ATOM   212  C  CA  . GLU A 1 31  ? -5.505  5.147   -14.907 1.00 25.80 ? 198 GLU A CA  1 
ATOM   213  C  C   . GLU A 1 31  ? -4.171  4.770   -15.558 1.00 24.59 ? 198 GLU A C   1 
ATOM   214  O  O   . GLU A 1 31  ? -3.965  4.959   -16.775 1.00 24.74 ? 198 GLU A O   1 
ATOM   215  C  CB  . GLU A 1 31  ? -5.413  6.517   -14.218 1.00 25.85 ? 198 GLU A CB  1 
ATOM   216  C  CG  . GLU A 1 31  ? -5.020  7.709   -15.095 1.00 28.62 ? 198 GLU A CG  1 
ATOM   217  C  CD  . GLU A 1 31  ? -5.287  9.054   -14.398 1.00 29.71 ? 198 GLU A CD  1 
ATOM   218  O  OE1 . GLU A 1 31  ? -5.433  9.085   -13.151 1.00 34.44 ? 198 GLU A OE1 1 
ATOM   219  O  OE2 . GLU A 1 31  ? -5.391  10.085  -15.103 1.00 36.65 ? 198 GLU A OE2 1 
ATOM   220  N  N   . LEU A 1 32  ? -3.258  4.242   -14.748 1.00 24.04 ? 199 LEU A N   1 
ATOM   221  C  CA  . LEU A 1 32  ? -1.909  3.935   -15.198 1.00 23.21 ? 199 LEU A CA  1 
ATOM   222  C  C   . LEU A 1 32  ? -1.805  2.540   -15.844 1.00 22.55 ? 199 LEU A C   1 
ATOM   223  O  O   . LEU A 1 32  ? -0.756  2.174   -16.386 1.00 21.89 ? 199 LEU A O   1 
ATOM   224  C  CB  . LEU A 1 32  ? -0.936  4.067   -14.021 1.00 23.36 ? 199 LEU A CB  1 
ATOM   225  C  CG  . LEU A 1 32  ? -0.770  5.458   -13.368 1.00 23.95 ? 199 LEU A CG  1 
ATOM   226  C  CD1 . LEU A 1 32  ? 0.125   5.284   -12.146 1.00 24.65 ? 199 LEU A CD1 1 
ATOM   227  C  CD2 . LEU A 1 32  ? -0.178  6.479   -14.322 1.00 24.12 ? 199 LEU A CD2 1 
ATOM   228  N  N   . GLY A 1 33  ? -2.898  1.787   -15.793 1.00 22.24 ? 200 GLY A N   1 
ATOM   229  C  CA  . GLY A 1 33  ? -2.957  0.460   -16.400 1.00 22.20 ? 200 GLY A CA  1 
ATOM   230  C  C   . GLY A 1 33  ? -2.137  -0.542  -15.602 1.00 22.41 ? 200 GLY A C   1 
ATOM   231  O  O   . GLY A 1 33  ? -1.515  -1.433  -16.181 1.00 21.72 ? 200 GLY A O   1 
ATOM   232  N  N   . VAL A 1 34  ? -2.089  -0.369  -14.282 1.00 22.39 ? 201 VAL A N   1 
ATOM   233  C  CA  . VAL A 1 34  ? -1.358  -1.336  -13.445 1.00 23.75 ? 201 VAL A CA  1 
ATOM   234  C  C   . VAL A 1 34  ? -2.260  -1.922  -12.382 1.00 23.81 ? 201 VAL A C   1 
ATOM   235  O  O   . VAL A 1 34  ? -3.218  -1.263  -11.951 1.00 23.37 ? 201 VAL A O   1 
ATOM   236  C  CB  . VAL A 1 34  ? -0.072  -0.775  -12.798 1.00 24.98 ? 201 VAL A CB  1 
ATOM   237  C  CG1 . VAL A 1 34  ? 0.820   -0.097  -13.853 1.00 25.58 ? 201 VAL A CG1 1 
ATOM   238  C  CG2 . VAL A 1 34  ? -0.355  0.187   -11.725 1.00 25.59 ? 201 VAL A CG2 1 
ATOM   239  N  N   . GLU A 1 35  ? -1.980  -3.166  -12.003 1.00 23.46 ? 202 GLU A N   1 
ATOM   240  C  CA  . GLU A 1 35  ? -2.784  -3.811  -10.958 1.00 24.57 ? 202 GLU A CA  1 
ATOM   241  C  C   . GLU A 1 35  ? -2.273  -3.421  -9.592  1.00 23.37 ? 202 GLU A C   1 
ATOM   242  O  O   . GLU A 1 35  ? -1.071  -3.244  -9.373  1.00 23.72 ? 202 GLU A O   1 
ATOM   243  C  CB  . GLU A 1 35  ? -2.702  -5.332  -11.046 1.00 25.74 ? 202 GLU A CB  1 
ATOM   244  C  CG  . GLU A 1 35  ? -3.292  -5.962  -12.271 1.00 30.43 ? 202 GLU A CG  1 
ATOM   245  C  CD  . GLU A 1 35  ? -3.344  -7.473  -12.113 1.00 38.14 ? 202 GLU A CD  1 
ATOM   246  O  OE1 . GLU A 1 35  ? -2.282  -8.091  -11.846 1.00 41.53 ? 202 GLU A OE1 1 
ATOM   247  O  OE2 . GLU A 1 35  ? -4.445  -8.031  -12.226 1.00 42.50 ? 202 GLU A OE2 1 
ATOM   248  N  N   . ILE A 1 36  ? -3.203  -3.362  -8.644  1.00 23.14 ? 203 ILE A N   1 
ATOM   249  C  CA  . ILE A 1 36  ? -2.835  -3.135  -7.250  1.00 22.94 ? 203 ILE A CA  1 
ATOM   250  C  C   . ILE A 1 36  ? -3.854  -3.828  -6.346  1.00 22.53 ? 203 ILE A C   1 
ATOM   251  O  O   . ILE A 1 36  ? -5.024  -3.958  -6.720  1.00 23.87 ? 203 ILE A O   1 
ATOM   252  C  CB  . ILE A 1 36  ? -2.725  -1.627  -6.910  1.00 22.79 ? 203 ILE A CB  1 
ATOM   253  C  CG1 . ILE A 1 36  ? -1.982  -1.430  -5.587  1.00 24.29 ? 203 ILE A CG1 1 
ATOM   254  C  CG2 . ILE A 1 36  ? -4.116  -0.924  -6.919  1.00 23.56 ? 203 ILE A CG2 1 
ATOM   255  C  CD1 . ILE A 1 36  ? -1.558  0.050   -5.308  1.00 24.76 ? 203 ILE A CD1 1 
ATOM   256  N  N   . LYS A 1 37  ? -3.390  -4.307  -5.193  1.00 21.67 ? 204 LYS A N   1 
ATOM   257  C  CA  . LYS A 1 37  ? -4.294  -4.796  -4.141  1.00 20.89 ? 204 LYS A CA  1 
ATOM   258  C  C   . LYS A 1 37  ? -4.003  -3.927  -2.922  1.00 21.34 ? 204 LYS A C   1 
ATOM   259  O  O   . LYS A 1 37  ? -2.839  -3.743  -2.556  1.00 22.46 ? 204 LYS A O   1 
ATOM   260  C  CB  . LYS A 1 37  ? -4.055  -6.280  -3.795  1.00 21.24 ? 204 LYS A CB  1 
ATOM   261  C  CG  . LYS A 1 37  ? -4.953  -6.748  -2.628  1.00 21.15 ? 204 LYS A CG  1 
ATOM   262  C  CD  . LYS A 1 37  ? -4.775  -8.236  -2.326  1.00 21.06 ? 204 LYS A CD  1 
ATOM   263  C  CE  . LYS A 1 37  ? -5.576  -8.654  -1.093  1.00 23.69 ? 204 LYS A CE  1 
ATOM   264  N  NZ  . LYS A 1 37  ? -5.483  -10.129 -0.889  1.00 23.01 ? 204 LYS A NZ  1 
ATOM   265  N  N   . VAL A 1 38  ? -5.061  -3.396  -2.321  1.00 21.65 ? 205 VAL A N   1 
ATOM   266  C  CA  . VAL A 1 38  ? -4.925  -2.525  -1.177  1.00 21.66 ? 205 VAL A CA  1 
ATOM   267  C  C   . VAL A 1 38  ? -5.632  -3.125  0.045   1.00 22.42 ? 205 VAL A C   1 
ATOM   268  O  O   . VAL A 1 38  ? -6.882  -3.283  0.052   1.00 22.16 ? 205 VAL A O   1 
ATOM   269  C  CB  . VAL A 1 38  ? -5.528  -1.109  -1.439  1.00 21.15 ? 205 VAL A CB  1 
ATOM   270  C  CG1 . VAL A 1 38  ? -5.261  -0.258  -0.219  1.00 23.73 ? 205 VAL A CG1 1 
ATOM   271  C  CG2 . VAL A 1 38  ? -4.896  -0.478  -2.694  1.00 22.39 ? 205 VAL A CG2 1 
ATOM   272  N  N   . GLU A 1 39  ? -4.832  -3.451  1.058   1.00 20.94 ? 206 GLU A N   1 
ATOM   273  C  CA  . GLU A 1 39  ? -5.373  -3.847  2.375   1.00 21.88 ? 206 GLU A CA  1 
ATOM   274  C  C   . GLU A 1 39  ? -5.697  -2.583  3.127   1.00 22.03 ? 206 GLU A C   1 
ATOM   275  O  O   . GLU A 1 39  ? -4.881  -1.689  3.152   1.00 22.17 ? 206 GLU A O   1 
ATOM   276  C  CB  . GLU A 1 39  ? -4.320  -4.631  3.161   1.00 21.78 ? 206 GLU A CB  1 
ATOM   277  C  CG  . GLU A 1 39  ? -4.680  -4.863  4.624   1.00 21.91 ? 206 GLU A CG  1 
ATOM   278  C  CD  . GLU A 1 39  ? -3.580  -5.586  5.372   1.00 22.78 ? 206 GLU A CD  1 
ATOM   279  O  OE1 . GLU A 1 39  ? -3.022  -6.553  4.815   1.00 21.76 ? 206 GLU A OE1 1 
ATOM   280  O  OE2 . GLU A 1 39  ? -3.298  -5.214  6.544   1.00 21.66 ? 206 GLU A OE2 1 
ATOM   281  N  N   . THR A 1 40  ? -6.862  -2.527  3.777   1.00 21.16 ? 207 THR A N   1 
ATOM   282  C  CA  . THR A 1 40  ? -7.196  -1.377  4.614   1.00 21.16 ? 207 THR A CA  1 
ATOM   283  C  C   . THR A 1 40  ? -7.237  -1.763  6.086   1.00 20.67 ? 207 THR A C   1 
ATOM   284  O  O   . THR A 1 40  ? -7.690  -2.853  6.452   1.00 20.28 ? 207 THR A O   1 
ATOM   285  C  CB  . THR A 1 40  ? -8.538  -0.718  4.240   1.00 22.23 ? 207 THR A CB  1 
ATOM   286  O  OG1 . THR A 1 40  ? -9.602  -1.683  4.298   1.00 23.66 ? 207 THR A OG1 1 
ATOM   287  C  CG2 . THR A 1 40  ? -8.402  -0.099  2.826   1.00 21.53 ? 207 THR A CG2 1 
ATOM   288  N  N   . ASN A 1 41  ? -6.744  -0.855  6.921   1.00 21.30 ? 208 ASN A N   1 
ATOM   289  C  CA  . ASN A 1 41  ? -6.779  -1.075  8.366   1.00 23.82 ? 208 ASN A CA  1 
ATOM   290  C  C   . ASN A 1 41  ? -7.578  0.038   8.993   1.00 25.90 ? 208 ASN A C   1 
ATOM   291  O  O   . ASN A 1 41  ? -7.010  1.017   9.433   1.00 28.96 ? 208 ASN A O   1 
ATOM   292  C  CB  . ASN A 1 41  ? -5.354  -1.002  8.949   1.00 23.09 ? 208 ASN A CB  1 
ATOM   293  C  CG  . ASN A 1 41  ? -4.445  -2.192  8.570   1.00 25.52 ? 208 ASN A CG  1 
ATOM   294  O  OD1 . ASN A 1 41  ? -3.292  -2.226  9.026   1.00 25.96 ? 208 ASN A OD1 1 
ATOM   295  N  ND2 . ASN A 1 41  ? -4.921  -3.132  7.757   1.00 22.64 ? 208 ASN A ND2 1 
ATOM   296  N  N   . GLY A 1 42  ? -8.891  -0.113  9.056   1.00 26.01 ? 209 GLY A N   1 
ATOM   297  C  CA  . GLY A 1 42  ? -9.762  0.962   9.552   1.00 26.22 ? 209 GLY A CA  1 
ATOM   298  C  C   . GLY A 1 42  ? -10.398 0.659   10.891  1.00 26.01 ? 209 GLY A C   1 
ATOM   299  O  O   . GLY A 1 42  ? -9.996  -0.279  11.596  1.00 26.12 ? 209 GLY A O   1 
ATOM   300  N  N   A SER A 1 43  ? -11.472 1.398   11.172  0.50 25.43 ? 210 SER A N   1 
ATOM   301  N  N   B SER A 1 43  ? -11.338 1.509   11.304  0.50 26.19 ? 210 SER A N   1 
ATOM   302  C  CA  A SER A 1 43  ? -12.202 1.311   12.432  0.50 24.36 ? 210 SER A CA  1 
ATOM   303  C  CA  B SER A 1 43  ? -12.022 1.334   12.586  0.50 25.72 ? 210 SER A CA  1 
ATOM   304  C  C   A SER A 1 43  ? -12.981 0.008   12.565  0.50 24.27 ? 210 SER A C   1 
ATOM   305  C  C   B SER A 1 43  ? -12.863 0.089   12.489  0.50 25.60 ? 210 SER A C   1 
ATOM   306  O  O   A SER A 1 43  ? -13.157 -0.501  13.670  0.50 23.43 ? 210 SER A O   1 
ATOM   307  O  O   B SER A 1 43  ? -13.248 -0.523  13.487  0.50 24.96 ? 210 SER A O   1 
ATOM   308  C  CB  A SER A 1 43  ? -13.165 2.501   12.568  0.50 24.55 ? 210 SER A CB  1 
ATOM   309  C  CB  B SER A 1 43  ? -12.920 2.535   12.883  0.50 26.06 ? 210 SER A CB  1 
ATOM   310  O  OG  A SER A 1 43  ? -14.186 2.424   11.591  0.50 24.05 ? 210 SER A OG  1 
ATOM   311  O  OG  B SER A 1 43  ? -12.201 3.491   13.625  0.50 27.40 ? 210 SER A OG  1 
ATOM   312  N  N   A SER A 1 44  ? -13.471 -0.513  11.444  0.50 23.83 ? 211 SER A N   1 
ATOM   313  N  N   B SER A 1 44  ? -13.123 -0.267  11.243  0.50 25.27 ? 211 SER A N   1 
ATOM   314  C  CA  A SER A 1 44  ? -14.196 -1.780  11.458  0.50 23.83 ? 211 SER A CA  1 
ATOM   315  C  CA  B SER A 1 44  ? -13.970 -1.369  10.878  0.50 25.38 ? 211 SER A CA  1 
ATOM   316  C  C   A SER A 1 44  ? -13.255 -2.969  11.408  0.50 23.75 ? 211 SER A C   1 
ATOM   317  C  C   B SER A 1 44  ? -13.219 -2.705  10.827  0.50 25.07 ? 211 SER A C   1 
ATOM   318  O  O   A SER A 1 44  ? -13.701 -4.125  11.515  0.50 23.66 ? 211 SER A O   1 
ATOM   319  O  O   B SER A 1 44  ? -13.792 -3.712  10.429  0.50 26.18 ? 211 SER A O   1 
ATOM   320  C  CB  A SER A 1 44  ? -15.190 -1.860  10.294  0.50 23.97 ? 211 SER A CB  1 
ATOM   321  C  CB  B SER A 1 44  ? -14.578 -1.040  9.510   0.50 25.45 ? 211 SER A CB  1 
ATOM   322  O  OG  A SER A 1 44  ? -16.262 -0.963  10.475  0.50 25.30 ? 211 SER A OG  1 
ATOM   323  O  OG  B SER A 1 44  ? -13.612 -0.389  8.683   0.50 25.23 ? 211 SER A OG  1 
ATOM   324  N  N   . GLY A 1 45  ? -11.954 -2.703  11.261  1.00 23.80 ? 212 GLY A N   1 
ATOM   325  C  CA  . GLY A 1 45  ? -11.020 -3.816  11.126  1.00 23.78 ? 212 GLY A CA  1 
ATOM   326  C  C   . GLY A 1 45  ? -10.240 -3.853  9.805   1.00 23.83 ? 212 GLY A C   1 
ATOM   327  O  O   . GLY A 1 45  ? -10.037 -2.837  9.162   1.00 24.60 ? 212 GLY A O   1 
ATOM   328  N  N   . ILE A 1 46  ? -9.764  -5.042  9.471   1.00 24.21 ? 213 ILE A N   1 
ATOM   329  C  CA  . ILE A 1 46  ? -8.871  -5.270  8.316   1.00 24.79 ? 213 ILE A CA  1 
ATOM   330  C  C   . ILE A 1 46  ? -9.725  -5.754  7.159   1.00 25.63 ? 213 ILE A C   1 
ATOM   331  O  O   . ILE A 1 46  ? -10.576 -6.648  7.321   1.00 26.62 ? 213 ILE A O   1 
ATOM   332  C  CB  . ILE A 1 46  ? -7.783  -6.319  8.675   1.00 24.57 ? 213 ILE A CB  1 
ATOM   333  C  CG1 . ILE A 1 46  ? -6.924  -5.842  9.857   1.00 25.83 ? 213 ILE A CG1 1 
ATOM   334  C  CG2 . ILE A 1 46  ? -6.870  -6.644  7.471   1.00 24.67 ? 213 ILE A CG2 1 
ATOM   335  C  CD1 . ILE A 1 46  ? -6.232  -6.961  10.579  1.00 27.20 ? 213 ILE A CD1 1 
ATOM   336  N  N   . LYS A 1 47  ? -9.545  -5.148  5.998   1.00 26.09 ? 214 LYS A N   1 
ATOM   337  C  CA  . LYS A 1 47  ? -10.238 -5.620  4.807   1.00 26.01 ? 214 LYS A CA  1 
ATOM   338  C  C   . LYS A 1 47  ? -9.186  -5.885  3.727   1.00 25.76 ? 214 LYS A C   1 
ATOM   339  O  O   . LYS A 1 47  ? -8.155  -5.191  3.638   1.00 23.05 ? 214 LYS A O   1 
ATOM   340  C  CB  . LYS A 1 47  ? -11.271 -4.600  4.300   1.00 28.37 ? 214 LYS A CB  1 
ATOM   341  C  CG  . LYS A 1 47  ? -12.404 -4.262  5.304   1.00 30.51 ? 214 LYS A CG  1 
ATOM   342  C  CD  . LYS A 1 47  ? -13.460 -5.361  5.455   1.00 35.24 ? 214 LYS A CD  1 
ATOM   343  C  CE  . LYS A 1 47  ? -14.637 -4.918  6.373   1.00 35.86 ? 214 LYS A CE  1 
ATOM   344  N  NZ  . LYS A 1 47  ? -14.277 -4.647  7.810   1.00 39.84 ? 214 LYS A NZ  1 
ATOM   345  N  N   . HIS A 1 48  ? -9.458  -6.914  2.926   1.00 24.52 ? 215 HIS A N   1 
ATOM   346  C  CA  . HIS A 1 48  ? -8.583  -7.319  1.820   1.00 24.38 ? 215 HIS A CA  1 
ATOM   347  C  C   . HIS A 1 48  ? -7.165  -7.543  2.305   1.00 22.44 ? 215 HIS A C   1 
ATOM   348  O  O   . HIS A 1 48  ? -6.203  -7.048  1.733   1.00 22.62 ? 215 HIS A O   1 
ATOM   349  C  CB  . HIS A 1 48  ? -8.675  -6.335  0.660   1.00 25.84 ? 215 HIS A CB  1 
ATOM   350  C  CG  . HIS A 1 48  ? -10.078 -6.151  0.193   1.00 30.41 ? 215 HIS A CG  1 
ATOM   351  N  ND1 . HIS A 1 48  ? -10.660 -4.913  0.039   1.00 35.35 ? 215 HIS A ND1 1 
ATOM   352  C  CD2 . HIS A 1 48  ? -11.042 -7.060  -0.078  1.00 36.06 ? 215 HIS A CD2 1 
ATOM   353  C  CE1 . HIS A 1 48  ? -11.917 -5.068  -0.341  1.00 37.83 ? 215 HIS A CE1 1 
ATOM   354  N  NE2 . HIS A 1 48  ? -12.174 -6.361  -0.416  1.00 36.85 ? 215 HIS A NE2 1 
ATOM   355  N  N   . LYS A 1 49  ? -7.045  -8.316  3.385   1.00 22.88 ? 216 LYS A N   1 
ATOM   356  C  CA  . LYS A 1 49  ? -5.726  -8.571  3.957   1.00 22.48 ? 216 LYS A CA  1 
ATOM   357  C  C   . LYS A 1 49  ? -4.760  -9.195  2.924   1.00 22.54 ? 216 LYS A C   1 
ATOM   358  O  O   . LYS A 1 49  ? -5.112  -10.138 2.197   1.00 22.70 ? 216 LYS A O   1 
ATOM   359  C  CB  . LYS A 1 49  ? -5.833  -9.484  5.166   1.00 23.34 ? 216 LYS A CB  1 
ATOM   360  C  CG  . LYS A 1 49  ? -4.514  -9.633  5.898   1.00 24.81 ? 216 LYS A CG  1 
ATOM   361  C  CD  . LYS A 1 49  ? -4.612  -10.648 7.010   1.00 29.45 ? 216 LYS A CD  1 
ATOM   362  C  CE  . LYS A 1 49  ? -5.503  -10.163 8.112   1.00 31.30 ? 216 LYS A CE  1 
ATOM   363  N  NZ  . LYS A 1 49  ? -5.329  -11.047 9.304   1.00 31.23 ? 216 LYS A NZ  1 
ATOM   364  N  N   . LEU A 1 50  ? -3.558  -8.643  2.851   1.00 21.62 ? 217 LEU A N   1 
ATOM   365  C  CA  . LEU A 1 50  ? -2.531  -9.198  1.963   1.00 21.83 ? 217 LEU A CA  1 
ATOM   366  C  C   . LEU A 1 50  ? -2.178  -10.609 2.404   1.00 21.84 ? 217 LEU A C   1 
ATOM   367  O  O   . LEU A 1 50  ? -2.081  -10.896 3.607   1.00 21.08 ? 217 LEU A O   1 
ATOM   368  C  CB  . LEU A 1 50  ? -1.259  -8.325  2.003   1.00 22.67 ? 217 LEU A CB  1 
ATOM   369  C  CG  . LEU A 1 50  ? -1.440  -6.832  1.720   1.00 21.28 ? 217 LEU A CG  1 
ATOM   370  C  CD1 . LEU A 1 50  ? -0.096  -6.090  1.759   1.00 21.41 ? 217 LEU A CD1 1 
ATOM   371  C  CD2 . LEU A 1 50  ? -2.116  -6.642  0.363   1.00 22.36 ? 217 LEU A CD2 1 
ATOM   372  N  N   . THR A 1 51  ? -2.000  -11.499 1.438   1.00 21.32 ? 218 THR A N   1 
ATOM   373  C  CA  . THR A 1 51  ? -1.550  -12.845 1.751   1.00 20.98 ? 218 THR A CA  1 
ATOM   374  C  C   . THR A 1 51  ? -0.020  -12.954 1.748   1.00 21.16 ? 218 THR A C   1 
ATOM   375  O  O   . THR A 1 51  ? 0.686   -12.139 1.108   1.00 22.11 ? 218 THR A O   1 
ATOM   376  C  CB  . THR A 1 51  ? -2.108  -13.878 0.760   1.00 20.98 ? 218 THR A CB  1 
ATOM   377  O  OG1 . THR A 1 51  ? -1.475  -13.689 -0.512  1.00 20.61 ? 218 THR A OG1 1 
ATOM   378  C  CG2 . THR A 1 51  ? -3.613  -13.763 0.639   1.00 20.87 ? 218 THR A CG2 1 
ATOM   379  N  N   . ALA A 1 52  ? 0.491   -13.991 2.408   1.00 21.07 ? 219 ALA A N   1 
ATOM   380  C  CA  . ALA A 1 52  ? 1.937   -14.245 2.409   1.00 20.72 ? 219 ALA A CA  1 
ATOM   381  C  C   . ALA A 1 52  ? 2.444   -14.421 0.976   1.00 20.71 ? 219 ALA A C   1 
ATOM   382  O  O   . ALA A 1 52  ? 3.508   -13.913 0.621   1.00 20.72 ? 219 ALA A O   1 
ATOM   383  C  CB  . ALA A 1 52  ? 2.263   -15.493 3.230   1.00 20.70 ? 219 ALA A CB  1 
ATOM   384  N  N   . GLN A 1 53  ? 1.689   -15.138 0.145   1.00 19.56 ? 220 GLN A N   1 
ATOM   385  C  CA  . GLN A 1 53  ? 2.132   -15.344 -1.236  1.00 20.37 ? 220 GLN A CA  1 
ATOM   386  C  C   . GLN A 1 53  ? 2.169   -14.020 -2.023  1.00 20.69 ? 220 GLN A C   1 
ATOM   387  O  O   . GLN A 1 53  ? 3.111   -13.768 -2.787  1.00 20.20 ? 220 GLN A O   1 
ATOM   388  C  CB  . GLN A 1 53  ? 1.245   -16.368 -1.948  1.00 21.02 ? 220 GLN A CB  1 
ATOM   389  C  CG  . GLN A 1 53  ? 1.733   -16.727 -3.346  1.00 21.89 ? 220 GLN A CG  1 
ATOM   390  C  CD  . GLN A 1 53  ? 3.054   -17.462 -3.318  1.00 23.28 ? 220 GLN A CD  1 
ATOM   391  O  OE1 . GLN A 1 53  ? 3.184   -18.514 -2.691  1.00 24.65 ? 220 GLN A OE1 1 
ATOM   392  N  NE2 . GLN A 1 53  ? 4.043   -16.917 -4.014  1.00 24.69 ? 220 GLN A NE2 1 
ATOM   393  N  N   . GLU A 1 54  ? 1.137   -13.195 -1.855  1.00 20.15 ? 221 GLU A N   1 
ATOM   394  C  CA  . GLU A 1 54  ? 1.093   -11.905 -2.543  1.00 21.42 ? 221 GLU A CA  1 
ATOM   395  C  C   . GLU A 1 54  ? 2.302   -11.078 -2.127  1.00 21.06 ? 221 GLU A C   1 
ATOM   396  O  O   . GLU A 1 54  ? 2.985   -10.464 -2.949  1.00 21.14 ? 221 GLU A O   1 
ATOM   397  C  CB  . GLU A 1 54  ? -0.192  -11.181 -2.190  1.00 21.58 ? 221 GLU A CB  1 
ATOM   398  C  CG  . GLU A 1 54  ? -1.382  -11.705 -2.964  1.00 21.68 ? 221 GLU A CG  1 
ATOM   399  C  CD  . GLU A 1 54  ? -2.708  -11.231 -2.399  1.00 24.61 ? 221 GLU A CD  1 
ATOM   400  O  OE1 . GLU A 1 54  ? -2.753  -10.693 -1.252  1.00 23.16 ? 221 GLU A OE1 1 
ATOM   401  O  OE2 . GLU A 1 54  ? -3.728  -11.429 -3.109  1.00 28.22 ? 221 GLU A OE2 1 
ATOM   402  N  N   . ILE A 1 55  ? 2.608   -11.113 -0.840  1.00 20.85 ? 222 ILE A N   1 
ATOM   403  C  CA  . ILE A 1 55  ? 3.772   -10.377 -0.341  1.00 20.91 ? 222 ILE A CA  1 
ATOM   404  C  C   . ILE A 1 55  ? 5.075   -10.887 -0.937  1.00 21.53 ? 222 ILE A C   1 
ATOM   405  O  O   . ILE A 1 55  ? 5.923   -10.100 -1.353  1.00 22.18 ? 222 ILE A O   1 
ATOM   406  C  CB  . ILE A 1 55  ? 3.782   -10.352 1.199   1.00 20.80 ? 222 ILE A CB  1 
ATOM   407  C  CG1 . ILE A 1 55  ? 2.598   -9.521  1.692   1.00 21.79 ? 222 ILE A CG1 1 
ATOM   408  C  CG2 . ILE A 1 55  ? 5.130   -9.787  1.757   1.00 20.77 ? 222 ILE A CG2 1 
ATOM   409  C  CD1 . ILE A 1 55  ? 2.272   -9.709  3.219   1.00 22.08 ? 222 ILE A CD1 1 
ATOM   410  N  N   . GLU A 1 56  ? 5.241   -12.203 -0.974  1.00 21.64 ? 223 GLU A N   1 
ATOM   411  C  CA  . GLU A 1 56  ? 6.435   -12.788 -1.588  1.00 22.59 ? 223 GLU A CA  1 
ATOM   412  C  C   . GLU A 1 56  ? 6.618   -12.310 -3.032  1.00 22.66 ? 223 GLU A C   1 
ATOM   413  O  O   . GLU A 1 56  ? 7.736   -11.978 -3.441  1.00 23.54 ? 223 GLU A O   1 
ATOM   414  C  CB  . GLU A 1 56  ? 6.361   -14.312 -1.526  1.00 23.62 ? 223 GLU A CB  1 
ATOM   415  C  CG  . GLU A 1 56  ? 7.663   -14.956 -1.853  1.00 27.90 ? 223 GLU A CG  1 
ATOM   416  C  CD  . GLU A 1 56  ? 7.572   -16.481 -1.884  1.00 33.87 ? 223 GLU A CD  1 
ATOM   417  O  OE1 . GLU A 1 56  ? 6.864   -17.059 -1.027  1.00 36.77 ? 223 GLU A OE1 1 
ATOM   418  O  OE2 . GLU A 1 56  ? 8.219   -17.098 -2.762  1.00 37.05 ? 223 GLU A OE2 1 
ATOM   419  N  N   . ASP A 1 57  ? 5.514   -12.244 -3.778  1.00 21.83 ? 224 ASP A N   1 
ATOM   420  C  CA  . ASP A 1 57  ? 5.541   -11.954 -5.213  1.00 22.70 ? 224 ASP A CA  1 
ATOM   421  C  C   . ASP A 1 57  ? 5.615   -10.430 -5.514  1.00 23.12 ? 224 ASP A C   1 
ATOM   422  O  O   . ASP A 1 57  ? 5.909   -10.047 -6.651  1.00 23.73 ? 224 ASP A O   1 
ATOM   423  C  CB  . ASP A 1 57  ? 4.300   -12.552 -5.886  1.00 23.91 ? 224 ASP A CB  1 
ATOM   424  C  CG  . ASP A 1 57  ? 4.314   -14.074 -5.906  1.00 24.58 ? 224 ASP A CG  1 
ATOM   425  O  OD1 . ASP A 1 57  ? 5.423   -14.649 -5.840  1.00 26.24 ? 224 ASP A OD1 1 
ATOM   426  O  OD2 . ASP A 1 57  ? 3.234   -14.707 -6.037  1.00 26.11 ? 224 ASP A OD2 1 
ATOM   427  N  N   . ALA A 1 58  ? 5.359   -9.583  -4.524  1.00 22.70 ? 225 ALA A N   1 
ATOM   428  C  CA  . ALA A 1 58  ? 5.242   -8.142  -4.769  1.00 22.87 ? 225 ALA A CA  1 
ATOM   429  C  C   . ALA A 1 58  ? 6.592   -7.493  -5.125  1.00 23.79 ? 225 ALA A C   1 
ATOM   430  O  O   . ALA A 1 58  ? 7.601   -7.787  -4.487  1.00 24.27 ? 225 ALA A O   1 
ATOM   431  C  CB  . ALA A 1 58  ? 4.629   -7.449  -3.551  1.00 22.82 ? 225 ALA A CB  1 
ATOM   432  N  N   . PRO A 1 59  ? 6.626   -6.614  -6.131  1.00 24.57 ? 226 PRO A N   1 
ATOM   433  C  CA  . PRO A 1 59  ? 7.875   -5.831  -6.354  1.00 23.95 ? 226 PRO A CA  1 
ATOM   434  C  C   . PRO A 1 59  ? 8.226   -4.899  -5.172  1.00 24.15 ? 226 PRO A C   1 
ATOM   435  O  O   . PRO A 1 59  ? 9.400   -4.692  -4.849  1.00 24.12 ? 226 PRO A O   1 
ATOM   436  C  CB  . PRO A 1 59  ? 7.544   -5.001  -7.602  1.00 24.88 ? 226 PRO A CB  1 
ATOM   437  C  CG  . PRO A 1 59  ? 6.451   -5.814  -8.309  1.00 27.34 ? 226 PRO A CG  1 
ATOM   438  C  CD  . PRO A 1 59  ? 5.607   -6.309  -7.145  1.00 25.04 ? 226 PRO A CD  1 
ATOM   439  N  N   . ALA A 1 60  ? 7.187   -4.360  -4.543  1.00 23.26 ? 227 ALA A N   1 
ATOM   440  C  CA  . ALA A 1 60  ? 7.300   -3.552  -3.346  1.00 23.46 ? 227 ALA A CA  1 
ATOM   441  C  C   . ALA A 1 60  ? 5.911   -3.414  -2.755  1.00 23.37 ? 227 ALA A C   1 
ATOM   442  O  O   . ALA A 1 60  ? 4.903   -3.724  -3.417  1.00 22.68 ? 227 ALA A O   1 
ATOM   443  C  CB  . ALA A 1 60  ? 7.840   -2.191  -3.663  1.00 23.70 ? 227 ALA A CB  1 
ATOM   444  N  N   . ILE A 1 61  ? 5.877   -2.923  -1.519  1.00 22.49 ? 228 ILE A N   1 
ATOM   445  C  CA  . ILE A 1 61  ? 4.622   -2.684  -0.821  1.00 23.09 ? 228 ILE A CA  1 
ATOM   446  C  C   . ILE A 1 61  ? 4.581   -1.218  -0.405  1.00 23.42 ? 228 ILE A C   1 
ATOM   447  O  O   . ILE A 1 61  ? 5.547   -0.715  0.183   1.00 23.76 ? 228 ILE A O   1 
ATOM   448  C  CB  . ILE A 1 61  ? 4.464   -3.609  0.422   1.00 23.71 ? 228 ILE A CB  1 
ATOM   449  C  CG1 . ILE A 1 61  ? 4.506   -5.121  0.042   1.00 25.67 ? 228 ILE A CG1 1 
ATOM   450  C  CG2 . ILE A 1 61  ? 3.166   -3.302  1.150   1.00 25.64 ? 228 ILE A CG2 1 
ATOM   451  C  CD1 . ILE A 1 61  ? 5.796   -5.770  0.402   1.00 28.67 ? 228 ILE A CD1 1 
ATOM   452  N  N   . ILE A 1 62  ? 3.458   -0.544  -0.650  1.00 21.70 ? 229 ILE A N   1 
ATOM   453  C  CA  . ILE A 1 62  ? 3.285   0.837   -0.198  1.00 21.67 ? 229 ILE A CA  1 
ATOM   454  C  C   . ILE A 1 62  ? 2.557   0.778   1.139   1.00 22.64 ? 229 ILE A C   1 
ATOM   455  O  O   . ILE A 1 62  ? 1.487   0.182   1.240   1.00 23.34 ? 229 ILE A O   1 
ATOM   456  C  CB  . ILE A 1 62  ? 2.446   1.652   -1.213  1.00 21.75 ? 229 ILE A CB  1 
ATOM   457  C  CG1 . ILE A 1 62  ? 3.141   1.729   -2.575  1.00 22.26 ? 229 ILE A CG1 1 
ATOM   458  C  CG2 . ILE A 1 62  ? 2.065   3.060   -0.652  1.00 21.53 ? 229 ILE A CG2 1 
ATOM   459  C  CD1 . ILE A 1 62  ? 2.152   2.008   -3.702  1.00 23.52 ? 229 ILE A CD1 1 
ATOM   460  N  N   . VAL A 1 63  ? 3.129   1.387   2.164   1.00 21.52 ? 230 VAL A N   1 
ATOM   461  C  CA  . VAL A 1 63  ? 2.419   1.440   3.436   1.00 21.92 ? 230 VAL A CA  1 
ATOM   462  C  C   . VAL A 1 63  ? 2.150   2.911   3.718   1.00 21.67 ? 230 VAL A C   1 
ATOM   463  O  O   . VAL A 1 63  ? 3.067   3.655   4.079   1.00 21.55 ? 230 VAL A O   1 
ATOM   464  C  CB  . VAL A 1 63  ? 3.196   0.768   4.604   1.00 22.26 ? 230 VAL A CB  1 
ATOM   465  C  CG1 . VAL A 1 63  ? 2.470   0.972   5.939   1.00 23.25 ? 230 VAL A CG1 1 
ATOM   466  C  CG2 . VAL A 1 63  ? 3.389   -0.762  4.352   1.00 24.06 ? 230 VAL A CG2 1 
ATOM   467  N  N   . ALA A 1 64  ? 0.906   3.316   3.504   1.00 21.38 ? 231 ALA A N   1 
ATOM   468  C  CA  . ALA A 1 64  ? 0.472   4.708   3.668   1.00 21.36 ? 231 ALA A CA  1 
ATOM   469  C  C   . ALA A 1 64  ? -0.342  4.744   4.951   1.00 22.24 ? 231 ALA A C   1 
ATOM   470  O  O   . ALA A 1 64  ? -1.530  4.381   4.975   1.00 21.02 ? 231 ALA A O   1 
ATOM   471  C  CB  . ALA A 1 64  ? -0.373  5.154   2.415   1.00 22.31 ? 231 ALA A CB  1 
ATOM   472  N  N   . ALA A 1 65  ? 0.317   5.128   6.050   1.00 22.23 ? 232 ALA A N   1 
ATOM   473  C  CA  . ALA A 1 65  ? -0.246  4.883   7.389   1.00 23.17 ? 232 ALA A CA  1 
ATOM   474  C  C   . ALA A 1 65  ? 0.016   5.965   8.398   1.00 24.53 ? 232 ALA A C   1 
ATOM   475  O  O   . ALA A 1 65  ? 1.120   6.496   8.476   1.00 25.90 ? 232 ALA A O   1 
ATOM   476  C  CB  . ALA A 1 65  ? 0.271   3.543   7.941   1.00 24.31 ? 232 ALA A CB  1 
ATOM   477  N  N   . ASP A 1 66  ? -1.014  6.262   9.189   1.00 24.24 ? 233 ASP A N   1 
ATOM   478  C  CA  . ASP A 1 66  ? -0.909  7.228   10.267  1.00 24.63 ? 233 ASP A CA  1 
ATOM   479  C  C   . ASP A 1 66  ? -1.175  6.542   11.615  1.00 24.44 ? 233 ASP A C   1 
ATOM   480  O  O   . ASP A 1 66  ? -1.370  7.207   12.637  1.00 24.53 ? 233 ASP A O   1 
ATOM   481  C  CB  . ASP A 1 66  ? -1.875  8.395   10.030  1.00 25.56 ? 233 ASP A CB  1 
ATOM   482  C  CG  . ASP A 1 66  ? -1.280  9.495   9.137   1.00 26.07 ? 233 ASP A CG  1 
ATOM   483  O  OD1 . ASP A 1 66  ? -0.324  9.240   8.361   1.00 26.60 ? 233 ASP A OD1 1 
ATOM   484  O  OD2 . ASP A 1 66  ? -1.789  10.624  9.213   1.00 29.63 ? 233 ASP A OD2 1 
ATOM   485  N  N   . LYS A 1 67  ? -1.205  5.209   11.595  1.00 24.35 ? 234 LYS A N   1 
ATOM   486  C  CA  . LYS A 1 67  ? -1.177  4.405   12.831  1.00 24.67 ? 234 LYS A CA  1 
ATOM   487  C  C   . LYS A 1 67  ? -0.347  3.162   12.533  1.00 24.41 ? 234 LYS A C   1 
ATOM   488  O  O   . LYS A 1 67  ? -0.048  2.873   11.370  1.00 25.22 ? 234 LYS A O   1 
ATOM   489  C  CB  . LYS A 1 67  ? -2.586  4.018   13.322  1.00 23.93 ? 234 LYS A CB  1 
ATOM   490  C  CG  . LYS A 1 67  ? -3.320  3.006   12.411  1.00 24.23 ? 234 LYS A CG  1 
ATOM   491  C  CD  . LYS A 1 67  ? -4.563  2.443   13.126  1.00 24.84 ? 234 LYS A CD  1 
ATOM   492  C  CE  . LYS A 1 67  ? -5.311  1.450   12.197  1.00 23.56 ? 234 LYS A CE  1 
ATOM   493  N  NZ  . LYS A 1 67  ? -6.469  0.800   12.901  1.00 25.75 ? 234 LYS A NZ  1 
ATOM   494  N  N   . GLN A 1 68  ? 0.037   2.453   13.589  1.00 25.59 ? 235 GLN A N   1 
ATOM   495  C  CA  . GLN A 1 68  ? 0.910   1.298   13.445  1.00 26.21 ? 235 GLN A CA  1 
ATOM   496  C  C   . GLN A 1 68  ? 0.254   0.216   12.597  1.00 25.53 ? 235 GLN A C   1 
ATOM   497  O  O   . GLN A 1 68  ? -0.932  -0.078  12.755  1.00 24.69 ? 235 GLN A O   1 
ATOM   498  C  CB  . GLN A 1 68  ? 1.277   0.724   14.811  1.00 25.61 ? 235 GLN A CB  1 
ATOM   499  C  CG  . GLN A 1 68  ? 2.324   -0.405  14.739  1.00 28.64 ? 235 GLN A CG  1 
ATOM   500  C  CD  . GLN A 1 68  ? 2.926   -0.766  16.100  1.00 30.39 ? 235 GLN A CD  1 
ATOM   501  O  OE1 . GLN A 1 68  ? 3.598   -1.800  16.238  1.00 38.18 ? 235 GLN A OE1 1 
ATOM   502  N  NE2 . GLN A 1 68  ? 2.690   0.076   17.111  1.00 35.82 ? 235 GLN A NE2 1 
ATOM   503  N  N   . VAL A 1 69  ? 1.070   -0.358  11.717  1.00 25.32 ? 236 VAL A N   1 
ATOM   504  C  CA  . VAL A 1 69  ? 0.704   -1.447  10.823  1.00 25.12 ? 236 VAL A CA  1 
ATOM   505  C  C   . VAL A 1 69  ? 1.564   -2.663  11.215  1.00 24.62 ? 236 VAL A C   1 
ATOM   506  O  O   . VAL A 1 69  ? 2.678   -2.495  11.723  1.00 25.62 ? 236 VAL A O   1 
ATOM   507  C  CB  . VAL A 1 69  ? 0.990   -0.992  9.356   1.00 25.88 ? 236 VAL A CB  1 
ATOM   508  C  CG1 . VAL A 1 69  ? 0.957   -2.154  8.377   1.00 26.20 ? 236 VAL A CG1 1 
ATOM   509  C  CG2 . VAL A 1 69  ? -0.013  0.119   8.963   1.00 26.32 ? 236 VAL A CG2 1 
ATOM   510  N  N   . GLU A 1 70  ? 1.030   -3.869  11.057  1.00 24.39 ? 237 GLU A N   1 
ATOM   511  C  CA  . GLU A 1 70  ? 1.852   -5.066  11.267  1.00 24.82 ? 237 GLU A CA  1 
ATOM   512  C  C   . GLU A 1 70  ? 2.913   -5.118  10.157  1.00 23.91 ? 237 GLU A C   1 
ATOM   513  O  O   . GLU A 1 70  ? 2.586   -5.280  8.972   1.00 23.79 ? 237 GLU A O   1 
ATOM   514  C  CB  . GLU A 1 70  ? 0.988   -6.327  11.268  1.00 25.34 ? 237 GLU A CB  1 
ATOM   515  C  CG  . GLU A 1 70  ? 0.036   -6.389  12.485  1.00 31.12 ? 237 GLU A CG  1 
ATOM   516  C  CD  . GLU A 1 70  ? 0.729   -6.134  13.847  1.00 38.56 ? 237 GLU A CD  1 
ATOM   517  O  OE1 . GLU A 1 70  ? 1.748   -6.802  14.164  1.00 40.96 ? 237 GLU A OE1 1 
ATOM   518  O  OE2 . GLU A 1 70  ? 0.245   -5.268  14.622  1.00 41.85 ? 237 GLU A OE2 1 
HETATM 519  N  N   . MSE A 1 71  ? 4.175   -4.960  10.559  1.00 24.27 ? 238 MSE A N   1 
HETATM 520  C  CA  . MSE A 1 71  ? 5.300   -4.800  9.612   1.00 24.47 ? 238 MSE A CA  1 
HETATM 521  C  C   . MSE A 1 71  ? 6.231   -6.018  9.468   1.00 23.82 ? 238 MSE A C   1 
HETATM 522  O  O   . MSE A 1 71  ? 6.916   -6.146  8.445   1.00 24.16 ? 238 MSE A O   1 
HETATM 523  C  CB  . MSE A 1 71  ? 6.156   -3.590  9.998   1.00 25.00 ? 238 MSE A CB  1 
HETATM 524  C  CG  . MSE A 1 71  ? 5.420   -2.242  9.973   1.00 27.13 ? 238 MSE A CG  1 
HETATM 525  SE SE  . MSE A 1 71  ? 5.063   -1.751  8.136   0.80 32.89 ? 238 MSE A SE  1 
HETATM 526  C  CE  . MSE A 1 71  ? 6.900   -1.635  7.458   1.00 31.81 ? 238 MSE A CE  1 
ATOM   527  N  N   A GLU A 1 72  ? 6.259   -6.902  10.459  0.50 23.31 ? 239 GLU A N   1 
ATOM   528  N  N   B GLU A 1 72  ? 6.293   -6.884  10.486  0.50 23.28 ? 239 GLU A N   1 
ATOM   529  C  CA  A GLU A 1 72  ? 7.218   -8.010  10.414  0.50 23.10 ? 239 GLU A CA  1 
ATOM   530  C  CA  B GLU A 1 72  ? 7.220   -8.029  10.433  0.50 23.07 ? 239 GLU A CA  1 
ATOM   531  C  C   A GLU A 1 72  ? 6.972   -9.008  9.273   0.50 22.68 ? 239 GLU A C   1 
ATOM   532  C  C   B GLU A 1 72  ? 7.001   -8.873  9.171   0.50 22.52 ? 239 GLU A C   1 
ATOM   533  O  O   A GLU A 1 72  ? 7.900   -9.680  8.809   0.50 22.74 ? 239 GLU A O   1 
ATOM   534  O  O   B GLU A 1 72  ? 7.969   -9.308  8.532   0.50 21.96 ? 239 GLU A O   1 
ATOM   535  C  CB  A GLU A 1 72  ? 7.363   -8.661  11.782  0.50 23.41 ? 239 GLU A CB  1 
ATOM   536  C  CB  B GLU A 1 72  ? 7.155   -8.887  11.700  0.50 23.56 ? 239 GLU A CB  1 
ATOM   537  C  CG  A GLU A 1 72  ? 7.891   -7.678  12.828  0.50 24.54 ? 239 GLU A CG  1 
ATOM   538  C  CG  B GLU A 1 72  ? 8.294   -9.928  11.830  0.50 25.22 ? 239 GLU A CG  1 
ATOM   539  C  CD  A GLU A 1 72  ? 8.963   -6.725  12.272  0.50 25.66 ? 239 GLU A CD  1 
ATOM   540  C  CD  B GLU A 1 72  ? 9.693   -9.322  12.038  0.50 27.40 ? 239 GLU A CD  1 
ATOM   541  O  OE1 A GLU A 1 72  ? 10.019  -7.212  11.802  0.50 26.34 ? 239 GLU A OE1 1 
ATOM   542  O  OE1 B GLU A 1 72  ? 9.808   -8.181  12.539  0.50 29.54 ? 239 GLU A OE1 1 
ATOM   543  O  OE2 A GLU A 1 72  ? 8.740   -5.491  12.304  0.50 26.14 ? 239 GLU A OE2 1 
ATOM   544  O  OE2 B GLU A 1 72  ? 10.692  -10.004 11.714  0.50 28.80 ? 239 GLU A OE2 1 
ATOM   545  N  N   . ARG A 1 73  ? 5.732   -9.051  8.791   1.00 22.25 ? 240 ARG A N   1 
ATOM   546  C  CA  . ARG A 1 73  ? 5.383   -9.801  7.557   1.00 21.94 ? 240 ARG A CA  1 
ATOM   547  C  C   . ARG A 1 73  ? 6.092   -9.263  6.303   1.00 21.89 ? 240 ARG A C   1 
ATOM   548  O  O   . ARG A 1 73  ? 6.195   -9.976  5.294   1.00 22.38 ? 240 ARG A O   1 
ATOM   549  C  CB  . ARG A 1 73  ? 3.867   -9.780  7.323   1.00 21.48 ? 240 ARG A CB  1 
ATOM   550  C  CG  . ARG A 1 73  ? 3.304   -8.390  7.280   1.00 21.73 ? 240 ARG A CG  1 
ATOM   551  C  CD  . ARG A 1 73  ? 1.798   -8.411  7.044   1.00 21.17 ? 240 ARG A CD  1 
ATOM   552  N  NE  . ARG A 1 73  ? 1.243   -7.077  7.258   1.00 21.68 ? 240 ARG A NE  1 
ATOM   553  C  CZ  . ARG A 1 73  ? 0.074   -6.660  6.761   1.00 21.25 ? 240 ARG A CZ  1 
ATOM   554  N  NH1 . ARG A 1 73  ? -0.662  -7.480  6.005   1.00 21.75 ? 240 ARG A NH1 1 
ATOM   555  N  NH2 . ARG A 1 73  ? -0.366  -5.421  7.011   1.00 21.41 ? 240 ARG A NH2 1 
ATOM   556  N  N   . PHE A 1 74  ? 6.573   -8.016  6.370   1.00 22.07 ? 241 PHE A N   1 
ATOM   557  C  CA  . PHE A 1 74  ? 7.293   -7.413  5.245   1.00 22.16 ? 241 PHE A CA  1 
ATOM   558  C  C   . PHE A 1 74  ? 8.815   -7.493  5.320   1.00 22.33 ? 241 PHE A C   1 
ATOM   559  O  O   . PHE A 1 74  ? 9.476   -6.894  4.481   1.00 22.65 ? 241 PHE A O   1 
ATOM   560  C  CB  . PHE A 1 74  ? 6.900   -5.939  5.052   1.00 21.44 ? 241 PHE A CB  1 
ATOM   561  C  CG  . PHE A 1 74  ? 5.412   -5.721  4.899   1.00 22.04 ? 241 PHE A CG  1 
ATOM   562  C  CD1 . PHE A 1 74  ? 4.698   -6.438  3.945   1.00 22.16 ? 241 PHE A CD1 1 
ATOM   563  C  CD2 . PHE A 1 74  ? 4.743   -4.802  5.696   1.00 21.79 ? 241 PHE A CD2 1 
ATOM   564  C  CE1 . PHE A 1 74  ? 3.314   -6.273  3.788   1.00 21.74 ? 241 PHE A CE1 1 
ATOM   565  C  CE2 . PHE A 1 74  ? 3.310   -4.588  5.532   1.00 21.45 ? 241 PHE A CE2 1 
ATOM   566  C  CZ  . PHE A 1 74  ? 2.623   -5.327  4.572   1.00 20.98 ? 241 PHE A CZ  1 
ATOM   567  N  N   . LYS A 1 75  ? 9.366   -8.189  6.314   1.00 22.55 ? 242 LYS A N   1 
ATOM   568  C  CA  . LYS A 1 75  ? 10.825  -8.288  6.408   1.00 23.74 ? 242 LYS A CA  1 
ATOM   569  C  C   . LYS A 1 75  ? 11.438  -8.802  5.101   1.00 23.26 ? 242 LYS A C   1 
ATOM   570  O  O   . LYS A 1 75  ? 10.963  -9.799  4.521   1.00 23.34 ? 242 LYS A O   1 
ATOM   571  C  CB  . LYS A 1 75  ? 11.224  -9.175  7.590   1.00 24.26 ? 242 LYS A CB  1 
ATOM   572  C  CG  . LYS A 1 75  ? 12.724  -9.428  7.668   1.00 28.64 ? 242 LYS A CG  1 
ATOM   573  C  CD  . LYS A 1 75  ? 13.204  -9.779  9.073   1.00 32.01 ? 242 LYS A CD  1 
ATOM   574  C  CE  . LYS A 1 75  ? 14.731  -9.762  9.147   1.00 35.69 ? 242 LYS A CE  1 
ATOM   575  N  NZ  . LYS A 1 75  ? 15.270  -8.356  9.101   1.00 37.14 ? 242 LYS A NZ  1 
ATOM   576  N  N   . GLY A 1 76  ? 12.476  -8.108  4.632   1.00 22.74 ? 243 GLY A N   1 
ATOM   577  C  CA  . GLY A 1 76  ? 13.151  -8.471  3.388   1.00 23.20 ? 243 GLY A CA  1 
ATOM   578  C  C   . GLY A 1 76  ? 12.540  -7.922  2.111   1.00 23.56 ? 243 GLY A C   1 
ATOM   579  O  O   . GLY A 1 76  ? 13.144  -8.052  1.027   1.00 24.48 ? 243 GLY A O   1 
ATOM   580  N  N   . LYS A 1 77  ? 11.351  -7.323  2.229   1.00 23.23 ? 244 LYS A N   1 
ATOM   581  C  CA  . LYS A 1 77  ? 10.643  -6.724  1.100   1.00 23.14 ? 244 LYS A CA  1 
ATOM   582  C  C   . LYS A 1 77  ? 10.936  -5.234  1.032   1.00 22.65 ? 244 LYS A C   1 
ATOM   583  O  O   . LYS A 1 77  ? 11.216  -4.616  2.073   1.00 23.04 ? 244 LYS A O   1 
ATOM   584  C  CB  . LYS A 1 77  ? 9.120   -6.908  1.275   1.00 24.05 ? 244 LYS A CB  1 
ATOM   585  C  CG  . LYS A 1 77  ? 8.681   -8.365  1.273   1.00 25.05 ? 244 LYS A CG  1 
ATOM   586  C  CD  . LYS A 1 77  ? 8.997   -9.074  -0.041  1.00 26.01 ? 244 LYS A CD  1 
ATOM   587  C  CE  . LYS A 1 77  ? 8.370   -8.393  -1.264  1.00 26.18 ? 244 LYS A CE  1 
ATOM   588  N  NZ  . LYS A 1 77  ? 8.498   -9.265  -2.494  1.00 25.35 ? 244 LYS A NZ  1 
ATOM   589  N  N   . ARG A 1 78  ? 10.826  -4.660  -0.172  1.00 21.68 ? 245 ARG A N   1 
ATOM   590  C  CA  . ARG A 1 78  ? 10.927  -3.200  -0.317  1.00 21.78 ? 245 ARG A CA  1 
ATOM   591  C  C   . ARG A 1 78  ? 9.616   -2.578  0.097   1.00 22.44 ? 245 ARG A C   1 
ATOM   592  O  O   . ARG A 1 78  ? 8.554   -2.937  -0.450  1.00 23.60 ? 245 ARG A O   1 
ATOM   593  C  CB  . ARG A 1 78  ? 11.316  -2.784  -1.740  1.00 21.37 ? 245 ARG A CB  1 
ATOM   594  C  CG  . ARG A 1 78  ? 12.682  -3.312  -2.111  1.00 21.55 ? 245 ARG A CG  1 
ATOM   595  C  CD  . ARG A 1 78  ? 13.155  -2.895  -3.485  1.00 23.27 ? 245 ARG A CD  1 
ATOM   596  N  NE  . ARG A 1 78  ? 14.532  -3.369  -3.650  1.00 21.98 ? 245 ARG A NE  1 
ATOM   597  C  CZ  . ARG A 1 78  ? 15.609  -2.736  -3.169  1.00 19.88 ? 245 ARG A CZ  1 
ATOM   598  N  NH1 . ARG A 1 78  ? 15.456  -1.563  -2.533  1.00 20.34 ? 245 ARG A NH1 1 
ATOM   599  N  NH2 . ARG A 1 78  ? 16.833  -3.243  -3.335  1.00 21.85 ? 245 ARG A NH2 1 
ATOM   600  N  N   . VAL A 1 79  ? 9.690   -1.658  1.056   1.00 21.27 ? 246 VAL A N   1 
ATOM   601  C  CA  . VAL A 1 79  ? 8.473   -1.036  1.618   1.00 22.68 ? 246 VAL A CA  1 
ATOM   602  C  C   . VAL A 1 79  ? 8.604   0.477   1.525   1.00 22.65 ? 246 VAL A C   1 
ATOM   603  O  O   . VAL A 1 79  ? 9.567   1.049   2.005   1.00 23.15 ? 246 VAL A O   1 
ATOM   604  C  CB  . VAL A 1 79  ? 8.218   -1.459  3.082   1.00 22.06 ? 246 VAL A CB  1 
ATOM   605  C  CG1 . VAL A 1 79  ? 6.895   -0.838  3.606   1.00 25.10 ? 246 VAL A CG1 1 
ATOM   606  C  CG2 . VAL A 1 79  ? 8.178   -2.994  3.211   1.00 24.59 ? 246 VAL A CG2 1 
ATOM   607  N  N   . LEU A 1 80  ? 7.631   1.091   0.859   1.00 22.90 ? 247 LEU A N   1 
ATOM   608  C  CA  . LEU A 1 80  ? 7.577   2.543   0.750   1.00 23.44 ? 247 LEU A CA  1 
ATOM   609  C  C   . LEU A 1 80  ? 6.652   3.035   1.853   1.00 23.69 ? 247 LEU A C   1 
ATOM   610  O  O   . LEU A 1 80  ? 5.412   2.946   1.743   1.00 23.43 ? 247 LEU A O   1 
ATOM   611  C  CB  . LEU A 1 80  ? 7.069   2.958   -0.642  1.00 22.62 ? 247 LEU A CB  1 
ATOM   612  C  CG  . LEU A 1 80  ? 6.999   4.463   -0.948  1.00 24.03 ? 247 LEU A CG  1 
ATOM   613  C  CD1 . LEU A 1 80  ? 8.377   5.118   -0.785  1.00 27.14 ? 247 LEU A CD1 1 
ATOM   614  C  CD2 . LEU A 1 80  ? 6.462   4.655   -2.366  1.00 25.52 ? 247 LEU A CD2 1 
ATOM   615  N  N   . GLN A 1 81  ? 7.249   3.533   2.933   1.00 22.34 ? 248 GLN A N   1 
ATOM   616  C  CA  . GLN A 1 81  ? 6.481   3.963   4.103   1.00 23.05 ? 248 GLN A CA  1 
ATOM   617  C  C   . GLN A 1 81  ? 6.273   5.466   4.044   1.00 23.18 ? 248 GLN A C   1 
ATOM   618  O  O   . GLN A 1 81  ? 7.247   6.248   4.083   1.00 23.66 ? 248 GLN A O   1 
ATOM   619  C  CB  . GLN A 1 81  ? 7.208   3.629   5.404   1.00 23.89 ? 248 GLN A CB  1 
ATOM   620  C  CG  . GLN A 1 81  ? 7.410   2.151   5.644   1.00 27.33 ? 248 GLN A CG  1 
ATOM   621  C  CD  . GLN A 1 81  ? 8.190   1.901   6.927   1.00 29.82 ? 248 GLN A CD  1 
ATOM   622  O  OE1 . GLN A 1 81  ? 7.666   2.086   8.024   1.00 33.07 ? 248 GLN A OE1 1 
ATOM   623  N  NE2 . GLN A 1 81  ? 9.454   1.497   6.791   1.00 28.34 ? 248 GLN A NE2 1 
ATOM   624  N  N   . VAL A 1 82  ? 5.005   5.867   3.982   1.00 22.76 ? 249 VAL A N   1 
ATOM   625  C  CA  . VAL A 1 82  ? 4.622   7.277   3.859   1.00 21.75 ? 249 VAL A CA  1 
ATOM   626  C  C   . VAL A 1 82  ? 3.393   7.559   4.723   1.00 21.98 ? 249 VAL A C   1 
ATOM   627  O  O   . VAL A 1 82  ? 2.691   6.627   5.134   1.00 22.08 ? 249 VAL A O   1 
ATOM   628  C  CB  . VAL A 1 82  ? 4.304   7.663   2.379   1.00 21.80 ? 249 VAL A CB  1 
ATOM   629  C  CG1 . VAL A 1 82  ? 5.550   7.559   1.472   1.00 21.94 ? 249 VAL A CG1 1 
ATOM   630  C  CG2 . VAL A 1 82  ? 3.173   6.805   1.811   1.00 21.87 ? 249 VAL A CG2 1 
ATOM   631  N  N   . PRO A 1 83  ? 3.107   8.848   4.990   1.00 21.46 ? 250 PRO A N   1 
ATOM   632  C  CA  . PRO A 1 83  ? 1.865   9.150   5.720   1.00 21.43 ? 250 PRO A CA  1 
ATOM   633  C  C   . PRO A 1 83  ? 0.640   8.757   4.909   1.00 21.12 ? 250 PRO A C   1 
ATOM   634  O  O   . PRO A 1 83  ? 0.701   8.676   3.685   1.00 21.09 ? 250 PRO A O   1 
ATOM   635  C  CB  . PRO A 1 83  ? 1.895   10.677  5.845   1.00 21.83 ? 250 PRO A CB  1 
ATOM   636  C  CG  . PRO A 1 83  ? 3.333   11.047  5.660   1.00 23.34 ? 250 PRO A CG  1 
ATOM   637  C  CD  . PRO A 1 83  ? 3.864   10.071  4.671   1.00 22.26 ? 250 PRO A CD  1 
ATOM   638  N  N   . VAL A 1 84  ? -0.478  8.525   5.586   1.00 20.91 ? 251 VAL A N   1 
ATOM   639  C  CA  . VAL A 1 84  ? -1.658  8.101   4.848   1.00 21.61 ? 251 VAL A CA  1 
ATOM   640  C  C   . VAL A 1 84  ? -2.068  9.179   3.832   1.00 21.36 ? 251 VAL A C   1 
ATOM   641  O  O   . VAL A 1 84  ? -2.598  8.858   2.768   1.00 21.25 ? 251 VAL A O   1 
ATOM   642  C  CB  . VAL A 1 84  ? -2.803  7.701   5.798   1.00 21.56 ? 251 VAL A CB  1 
ATOM   643  C  CG1 . VAL A 1 84  ? -3.365  8.901   6.494   1.00 21.66 ? 251 VAL A CG1 1 
ATOM   644  C  CG2 . VAL A 1 84  ? -3.880  6.895   5.036   1.00 23.92 ? 251 VAL A CG2 1 
ATOM   645  N  N   . THR A 1 85  ? -1.804  10.441  4.164   1.00 21.20 ? 252 THR A N   1 
ATOM   646  C  CA  . THR A 1 85  ? -2.154  11.559  3.285   1.00 21.39 ? 252 THR A CA  1 
ATOM   647  C  C   . THR A 1 85  ? -1.454  11.456  1.925   1.00 21.83 ? 252 THR A C   1 
ATOM   648  O  O   . THR A 1 85  ? -1.992  11.928  0.929   1.00 22.19 ? 252 THR A O   1 
ATOM   649  C  CB  . THR A 1 85  ? -1.802  12.892  3.927   1.00 22.19 ? 252 THR A CB  1 
ATOM   650  O  OG1 . THR A 1 85  ? -0.417  12.859  4.292   1.00 22.90 ? 252 THR A OG1 1 
ATOM   651  C  CG2 . THR A 1 85  ? -2.666  13.108  5.154   1.00 21.81 ? 252 THR A CG2 1 
ATOM   652  N  N   . ALA A 1 86  ? -0.264  10.837  1.886   1.00 21.20 ? 253 ALA A N   1 
ATOM   653  C  CA  . ALA A 1 86  ? 0.438   10.655  0.603   1.00 22.33 ? 253 ALA A CA  1 
ATOM   654  C  C   . ALA A 1 86  ? -0.358  9.784   -0.357  1.00 22.61 ? 253 ALA A C   1 
ATOM   655  O  O   . ALA A 1 86  ? -0.329  9.988   -1.563  1.00 22.50 ? 253 ALA A O   1 
ATOM   656  C  CB  . ALA A 1 86  ? 1.844   10.081  0.807   1.00 22.60 ? 253 ALA A CB  1 
ATOM   657  N  N   . GLY A 1 87  ? -1.083  8.793   0.172   1.00 22.87 ? 254 GLY A N   1 
ATOM   658  C  CA  . GLY A 1 87  ? -1.938  8.001   -0.697  1.00 23.00 ? 254 GLY A CA  1 
ATOM   659  C  C   . GLY A 1 87  ? -3.013  8.801   -1.423  1.00 23.40 ? 254 GLY A C   1 
ATOM   660  O  O   . GLY A 1 87  ? -3.416  8.466   -2.540  1.00 23.73 ? 254 GLY A O   1 
ATOM   661  N  N   . ILE A 1 88  ? -3.498  9.857   -0.764  1.00 23.40 ? 255 ILE A N   1 
ATOM   662  C  CA  . ILE A 1 88  ? -4.510  10.731  -1.318  1.00 24.28 ? 255 ILE A CA  1 
ATOM   663  C  C   . ILE A 1 88  ? -3.872  11.769  -2.246  1.00 23.51 ? 255 ILE A C   1 
ATOM   664  O  O   . ILE A 1 88  ? -4.360  12.036  -3.342  1.00 24.75 ? 255 ILE A O   1 
ATOM   665  C  CB  . ILE A 1 88  ? -5.304  11.448  -0.176  1.00 24.53 ? 255 ILE A CB  1 
ATOM   666  C  CG1 . ILE A 1 88  ? -5.899  10.402  0.785   1.00 24.78 ? 255 ILE A CG1 1 
ATOM   667  C  CG2 . ILE A 1 88  ? -6.362  12.370  -0.758  1.00 24.81 ? 255 ILE A CG2 1 
ATOM   668  C  CD1 . ILE A 1 88  ? -6.392  10.912  2.149   1.00 25.63 ? 255 ILE A CD1 1 
ATOM   669  N  N   . ARG A 1 89  ? -2.760  12.357  -1.814  1.00 23.64 ? 256 ARG A N   1 
ATOM   670  C  CA  . ARG A 1 89  ? -2.189  13.505  -2.523  1.00 23.48 ? 256 ARG A CA  1 
ATOM   671  C  C   . ARG A 1 89  ? -1.306  13.184  -3.701  1.00 24.16 ? 256 ARG A C   1 
ATOM   672  O  O   . ARG A 1 89  ? -1.238  13.973  -4.645  1.00 23.95 ? 256 ARG A O   1 
ATOM   673  C  CB  . ARG A 1 89  ? -1.342  14.320  -1.578  1.00 23.03 ? 256 ARG A CB  1 
ATOM   674  C  CG  . ARG A 1 89  ? -2.092  14.967  -0.510  1.00 23.20 ? 256 ARG A CG  1 
ATOM   675  C  CD  . ARG A 1 89  ? -1.068  15.505  0.435   1.00 25.21 ? 256 ARG A CD  1 
ATOM   676  N  NE  . ARG A 1 89  ? -1.711  16.079  1.593   1.00 25.29 ? 256 ARG A NE  1 
ATOM   677  C  CZ  . ARG A 1 89  ? -1.087  16.299  2.743   1.00 22.98 ? 256 ARG A CZ  1 
ATOM   678  N  NH1 . ARG A 1 89  ? -1.759  16.831  3.737   1.00 22.84 ? 256 ARG A NH1 1 
ATOM   679  N  NH2 . ARG A 1 89  ? 0.184   15.937  2.877   1.00 26.40 ? 256 ARG A NH2 1 
ATOM   680  N  N   . ARG A 1 90  ? -0.617  12.038  -3.640  1.00 23.48 ? 257 ARG A N   1 
ATOM   681  C  CA  . ARG A 1 90  ? 0.374   11.705  -4.651  1.00 24.25 ? 257 ARG A CA  1 
ATOM   682  C  C   . ARG A 1 90  ? 0.377   10.203  -4.999  1.00 23.64 ? 257 ARG A C   1 
ATOM   683  O  O   . ARG A 1 90  ? 1.434   9.578   -5.041  1.00 23.34 ? 257 ARG A O   1 
ATOM   684  C  CB  . ARG A 1 90  ? 1.777   12.228  -4.229  1.00 24.14 ? 257 ARG A CB  1 
ATOM   685  C  CG  . ARG A 1 90  ? 2.309   11.736  -2.844  1.00 25.34 ? 257 ARG A CG  1 
ATOM   686  C  CD  . ARG A 1 90  ? 3.655   12.408  -2.482  1.00 26.56 ? 257 ARG A CD  1 
ATOM   687  N  NE  . ARG A 1 90  ? 4.112   12.090  -1.123  1.00 28.22 ? 257 ARG A NE  1 
ATOM   688  C  CZ  . ARG A 1 90  ? 5.155   11.313  -0.831  1.00 30.75 ? 257 ARG A CZ  1 
ATOM   689  N  NH1 . ARG A 1 90  ? 5.882   10.762  -1.801  1.00 30.62 ? 257 ARG A NH1 1 
ATOM   690  N  NH2 . ARG A 1 90  ? 5.475   11.078  0.440   1.00 30.05 ? 257 ARG A NH2 1 
ATOM   691  N  N   . PRO A 1 91  ? -0.816  9.619   -5.278  1.00 23.67 ? 258 PRO A N   1 
ATOM   692  C  CA  . PRO A 1 91  ? -0.847  8.172   -5.565  1.00 23.56 ? 258 PRO A CA  1 
ATOM   693  C  C   . PRO A 1 91  ? 0.010   7.783   -6.765  1.00 24.19 ? 258 PRO A C   1 
ATOM   694  O  O   . PRO A 1 91  ? 0.627   6.704   -6.754  1.00 24.23 ? 258 PRO A O   1 
ATOM   695  C  CB  . PRO A 1 91  ? -2.349  7.888   -5.837  1.00 23.20 ? 258 PRO A CB  1 
ATOM   696  C  CG  . PRO A 1 91  ? -2.946  9.237   -6.173  1.00 24.50 ? 258 PRO A CG  1 
ATOM   697  C  CD  . PRO A 1 91  ? -2.169  10.215  -5.341  1.00 23.98 ? 258 PRO A CD  1 
ATOM   698  N  N   . GLN A 1 92  ? 0.060   8.632   -7.790  1.00 23.88 ? 259 GLN A N   1 
ATOM   699  C  CA  . GLN A 1 92  ? 0.908   8.313   -8.950  1.00 24.42 ? 259 GLN A CA  1 
ATOM   700  C  C   . GLN A 1 92  ? 2.368   8.134   -8.569  1.00 24.68 ? 259 GLN A C   1 
ATOM   701  O  O   . GLN A 1 92  ? 2.995   7.144   -8.942  1.00 24.21 ? 259 GLN A O   1 
ATOM   702  C  CB  . GLN A 1 92  ? 0.783   9.349   -10.067 1.00 24.63 ? 259 GLN A CB  1 
ATOM   703  C  CG  . GLN A 1 92  ? 1.678   8.980   -11.246 1.00 24.34 ? 259 GLN A CG  1 
ATOM   704  C  CD  . GLN A 1 92  ? 1.329   9.695   -12.534 1.00 28.14 ? 259 GLN A CD  1 
ATOM   705  O  OE1 . GLN A 1 92  ? 0.232   10.230  -12.698 1.00 29.08 ? 259 GLN A OE1 1 
ATOM   706  N  NE2 . GLN A 1 92  ? 2.271   9.700   -13.464 1.00 29.07 ? 259 GLN A NE2 1 
ATOM   707  N  N   . GLU A 1 93  ? 2.914   9.097   -7.833  1.00 25.42 ? 260 GLU A N   1 
ATOM   708  C  CA  . GLU A 1 93  ? 4.294   8.995   -7.335  1.00 26.05 ? 260 GLU A CA  1 
ATOM   709  C  C   . GLU A 1 93  ? 4.533   7.687   -6.555  1.00 25.18 ? 260 GLU A C   1 
ATOM   710  O  O   . GLU A 1 93  ? 5.530   7.000   -6.751  1.00 24.00 ? 260 GLU A O   1 
ATOM   711  C  CB  . GLU A 1 93  ? 4.610   10.193  -6.447  1.00 27.05 ? 260 GLU A CB  1 
ATOM   712  C  CG  . GLU A 1 93  ? 6.019   10.225  -5.929  1.00 31.22 ? 260 GLU A CG  1 
ATOM   713  C  CD  . GLU A 1 93  ? 6.284   11.471  -5.103  1.00 36.33 ? 260 GLU A CD  1 
ATOM   714  O  OE1 . GLU A 1 93  ? 5.786   12.556  -5.464  1.00 39.69 ? 260 GLU A OE1 1 
ATOM   715  O  OE2 . GLU A 1 93  ? 6.983   11.348  -4.086  1.00 40.20 ? 260 GLU A OE2 1 
ATOM   716  N  N   . LEU A 1 94  ? 3.612   7.341   -5.658  1.00 23.95 ? 261 LEU A N   1 
ATOM   717  C  CA  . LEU A 1 94  ? 3.811   6.144   -4.853  1.00 23.98 ? 261 LEU A CA  1 
ATOM   718  C  C   . LEU A 1 94  ? 3.789   4.884   -5.712  1.00 24.02 ? 261 LEU A C   1 
ATOM   719  O  O   . LEU A 1 94  ? 4.610   3.981   -5.543  1.00 24.80 ? 261 LEU A O   1 
ATOM   720  C  CB  . LEU A 1 94  ? 2.744   6.040   -3.755  1.00 23.23 ? 261 LEU A CB  1 
ATOM   721  C  CG  . LEU A 1 94  ? 2.650   7.230   -2.778  1.00 23.91 ? 261 LEU A CG  1 
ATOM   722  C  CD1 . LEU A 1 94  ? 1.548   6.902   -1.738  1.00 24.37 ? 261 LEU A CD1 1 
ATOM   723  C  CD2 . LEU A 1 94  ? 3.992   7.574   -2.120  1.00 23.68 ? 261 LEU A CD2 1 
ATOM   724  N  N   . ILE A 1 95  ? 2.824   4.822   -6.618  1.00 24.37 ? 262 ILE A N   1 
ATOM   725  C  CA  . ILE A 1 95  ? 2.690   3.660   -7.498  1.00 23.85 ? 262 ILE A CA  1 
ATOM   726  C  C   . ILE A 1 95  ? 3.921   3.514   -8.390  1.00 24.71 ? 262 ILE A C   1 
ATOM   727  O  O   . ILE A 1 95  ? 4.463   2.414   -8.502  1.00 24.30 ? 262 ILE A O   1 
ATOM   728  C  CB  . ILE A 1 95  ? 1.418   3.750   -8.361  1.00 24.17 ? 262 ILE A CB  1 
ATOM   729  C  CG1 . ILE A 1 95  ? 0.186   3.575   -7.450  1.00 23.62 ? 262 ILE A CG1 1 
ATOM   730  C  CG2 . ILE A 1 95  ? 1.451   2.704   -9.498  1.00 22.74 ? 262 ILE A CG2 1 
ATOM   731  C  CD1 . ILE A 1 95  ? -1.134  3.972   -8.110  1.00 24.32 ? 262 ILE A CD1 1 
ATOM   732  N  N   A GLU A 1 96  ? 4.371   4.624   -8.960  0.50 24.75 ? 263 GLU A N   1 
ATOM   733  N  N   B GLU A 1 96  ? 4.359   4.596   -9.025  0.50 24.69 ? 263 GLU A N   1 
ATOM   734  C  CA  A GLU A 1 96  ? 5.511   4.589   -9.889  0.50 25.34 ? 263 GLU A CA  1 
ATOM   735  C  CA  B GLU A 1 96  ? 5.554   4.483   -9.888  0.50 25.05 ? 263 GLU A CA  1 
ATOM   736  C  C   A GLU A 1 96  ? 6.845   4.305   -9.171  0.50 25.41 ? 263 GLU A C   1 
ATOM   737  C  C   B GLU A 1 96  ? 6.790   4.104   -9.070  0.50 24.93 ? 263 GLU A C   1 
ATOM   738  O  O   A GLU A 1 96  ? 7.726   3.656   -9.734  0.50 25.58 ? 263 GLU A O   1 
ATOM   739  O  O   B GLU A 1 96  ? 7.542   3.204   -9.453  0.50 23.85 ? 263 GLU A O   1 
ATOM   740  C  CB  A GLU A 1 96  ? 5.516   5.815   -10.829 0.50 25.65 ? 263 GLU A CB  1 
ATOM   741  C  CB  B GLU A 1 96  ? 5.797   5.689   -10.820 0.50 25.61 ? 263 GLU A CB  1 
ATOM   742  C  CG  A GLU A 1 96  ? 4.266   5.836   -11.747 0.50 26.31 ? 263 GLU A CG  1 
ATOM   743  C  CG  B GLU A 1 96  ? 5.046   6.959   -10.506 0.50 26.75 ? 263 GLU A CG  1 
ATOM   744  C  CD  A GLU A 1 96  ? 4.303   6.822   -12.919 0.50 26.23 ? 263 GLU A CD  1 
ATOM   745  C  CD  B GLU A 1 96  ? 5.345   8.102   -11.471 0.50 25.78 ? 263 GLU A CD  1 
ATOM   746  O  OE1 A GLU A 1 96  ? 4.616   8.020   -12.734 0.50 26.71 ? 263 GLU A OE1 1 
ATOM   747  O  OE1 B GLU A 1 96  ? 5.213   7.925   -12.710 0.50 27.60 ? 263 GLU A OE1 1 
ATOM   748  O  OE2 A GLU A 1 96  ? 3.969   6.396   -14.050 0.50 29.64 ? 263 GLU A OE2 1 
ATOM   749  O  OE2 B GLU A 1 96  ? 5.696   9.193   -10.987 0.50 25.26 ? 263 GLU A OE2 1 
ATOM   750  N  N   . LYS A 1 97  ? 6.963   4.740   -7.912  1.00 25.13 ? 264 LYS A N   1 
ATOM   751  C  CA  . LYS A 1 97  ? 8.094   4.372   -7.050  1.00 26.20 ? 264 LYS A CA  1 
ATOM   752  C  C   . LYS A 1 97  ? 8.052   2.875   -6.691  1.00 25.90 ? 264 LYS A C   1 
ATOM   753  O  O   . LYS A 1 97  ? 9.062   2.191   -6.753  1.00 25.94 ? 264 LYS A O   1 
ATOM   754  C  CB  . LYS A 1 97  ? 8.152   5.234   -5.790  1.00 26.18 ? 264 LYS A CB  1 
ATOM   755  C  CG  . LYS A 1 97  ? 8.637   6.667   -6.054  1.00 27.49 ? 264 LYS A CG  1 
ATOM   756  C  CD  . LYS A 1 97  ? 8.646   7.482   -4.746  1.00 29.00 ? 264 LYS A CD  1 
ATOM   757  C  CE  . LYS A 1 97  ? 9.434   8.784   -4.862  1.00 33.91 ? 264 LYS A CE  1 
ATOM   758  N  NZ  . LYS A 1 97  ? 10.892  8.548   -4.818  1.00 38.19 ? 264 LYS A NZ  1 
ATOM   759  N  N   . ALA A 1 98  ? 6.871   2.358   -6.337  1.00 25.11 ? 265 ALA A N   1 
ATOM   760  C  CA  . ALA A 1 98  ? 6.738   0.936   -6.037  1.00 25.08 ? 265 ALA A CA  1 
ATOM   761  C  C   . ALA A 1 98  ? 7.089   0.065   -7.265  1.00 26.29 ? 265 ALA A C   1 
ATOM   762  O  O   . ALA A 1 98  ? 7.835   -0.921  -7.138  1.00 26.47 ? 265 ALA A O   1 
ATOM   763  C  CB  . ALA A 1 98  ? 5.322   0.627   -5.535  1.00 25.10 ? 265 ALA A CB  1 
HETATM 764  N  N   . MSE A 1 99  ? 6.567   0.452   -8.436  1.00 26.92 ? 266 MSE A N   1 
HETATM 765  C  CA  A MSE A 1 99  ? 6.850   -0.264  -9.687  0.50 27.50 ? 266 MSE A CA  1 
HETATM 766  C  CA  B MSE A 1 99  ? 6.856   -0.213  -9.722  0.50 28.37 ? 266 MSE A CA  1 
HETATM 767  C  C   . MSE A 1 99  ? 8.355   -0.290  -9.978  1.00 27.64 ? 266 MSE A C   1 
HETATM 768  O  O   . MSE A 1 99  ? 8.878   -1.327  -10.424 1.00 28.42 ? 266 MSE A O   1 
HETATM 769  C  CB  A MSE A 1 99  ? 6.104   0.378   -10.863 0.50 27.60 ? 266 MSE A CB  1 
HETATM 770  C  CB  B MSE A 1 99  ? 6.254   0.577   -10.887 0.50 29.00 ? 266 MSE A CB  1 
HETATM 771  C  CG  A MSE A 1 99  ? 6.066   -0.461  -12.146 0.50 28.98 ? 266 MSE A CG  1 
HETATM 772  C  CG  B MSE A 1 99  ? 4.791   0.922   -10.770 0.50 34.51 ? 266 MSE A CG  1 
HETATM 773  SE SE  A MSE A 1 99  ? 5.217   -2.218  -11.923 0.50 36.78 ? 266 MSE A SE  1 
HETATM 774  SE SE  B MSE A 1 99  ? 3.646   -0.363  -11.630 0.50 48.73 ? 266 MSE A SE  1 
HETATM 775  C  CE  A MSE A 1 99  ? 3.621   -1.678  -10.929 0.50 32.75 ? 266 MSE A CE  1 
HETATM 776  C  CE  B MSE A 1 99  ? 3.896   -1.880  -10.433 0.50 43.85 ? 266 MSE A CE  1 
ATOM   777  N  N   . ASN A 1 100 ? 9.016   0.847   -9.737  1.00 26.69 ? 267 ASN A N   1 
ATOM   778  C  CA  . ASN A 1 100 ? 10.462  1.041   -9.957  1.00 26.72 ? 267 ASN A CA  1 
ATOM   779  C  C   . ASN A 1 100 ? 11.299  0.516   -8.799  1.00 26.35 ? 267 ASN A C   1 
ATOM   780  O  O   . ASN A 1 100 ? 12.537  0.607   -8.823  1.00 26.08 ? 267 ASN A O   1 
ATOM   781  C  CB  . ASN A 1 100 ? 10.772  2.529   -10.137 1.00 27.12 ? 267 ASN A CB  1 
ATOM   782  C  CG  . ASN A 1 100 ? 10.287  3.077   -11.453 1.00 29.85 ? 267 ASN A CG  1 
ATOM   783  O  OD1 . ASN A 1 100 ? 10.150  2.342   -12.429 1.00 33.94 ? 267 ASN A OD1 1 
ATOM   784  N  ND2 . ASN A 1 100 ? 10.054  4.389   -11.502 1.00 32.91 ? 267 ASN A ND2 1 
ATOM   785  N  N   . GLN A 1 101 ? 10.623  -0.036  -7.792  1.00 25.20 ? 268 GLN A N   1 
ATOM   786  C  CA  . GLN A 1 101 ? 11.268  -0.535  -6.579  1.00 25.29 ? 268 GLN A CA  1 
ATOM   787  C  C   . GLN A 1 101 ? 12.134  0.544   -5.915  1.00 24.88 ? 268 GLN A C   1 
ATOM   788  O  O   . GLN A 1 101 ? 13.171  0.224   -5.330  1.00 26.04 ? 268 GLN A O   1 
ATOM   789  C  CB  . GLN A 1 101 ? 12.071  -1.796  -6.872  1.00 25.15 ? 268 GLN A CB  1 
ATOM   790  C  CG  . GLN A 1 101 ? 11.224  -2.856  -7.533  1.00 25.50 ? 268 GLN A CG  1 
ATOM   791  C  CD  . GLN A 1 101 ? 11.969  -4.132  -7.667  1.00 28.21 ? 268 GLN A CD  1 
ATOM   792  O  OE1 . GLN A 1 101 ? 12.879  -4.247  -8.495  1.00 27.29 ? 268 GLN A OE1 1 
ATOM   793  N  NE2 . GLN A 1 101 ? 11.617  -5.109  -6.836  1.00 29.99 ? 268 GLN A NE2 1 
ATOM   794  N  N   . ASP A 1 102 ? 11.692  1.798   -6.007  1.00 25.42 ? 269 ASP A N   1 
ATOM   795  C  CA  . ASP A 1 102 ? 12.391  2.960   -5.433  1.00 25.38 ? 269 ASP A CA  1 
ATOM   796  C  C   . ASP A 1 102 ? 11.913  3.020   -3.963  1.00 24.35 ? 269 ASP A C   1 
ATOM   797  O  O   . ASP A 1 102 ? 11.193  3.951   -3.569  1.00 24.44 ? 269 ASP A O   1 
ATOM   798  C  CB  . ASP A 1 102 ? 11.994  4.244   -6.210  1.00 26.21 ? 269 ASP A CB  1 
ATOM   799  C  CG  . ASP A 1 102 ? 12.752  5.521   -5.762  1.00 29.68 ? 269 ASP A CG  1 
ATOM   800  O  OD1 . ASP A 1 102 ? 13.726  5.453   -4.982  1.00 28.90 ? 269 ASP A OD1 1 
ATOM   801  O  OD2 . ASP A 1 102 ? 12.358  6.633   -6.208  1.00 32.19 ? 269 ASP A OD2 1 
ATOM   802  N  N   . ALA A 1 103 ? 12.263  1.979   -3.194  1.00 23.12 ? 270 ALA A N   1 
ATOM   803  C  CA  . ALA A 1 103 ? 11.859  1.872   -1.757  1.00 22.04 ? 270 ALA A CA  1 
ATOM   804  C  C   . ALA A 1 103 ? 12.846  0.958   -1.012  1.00 22.35 ? 270 ALA A C   1 
ATOM   805  O  O   . ALA A 1 103 ? 13.328  -0.040  -1.582  1.00 22.12 ? 270 ALA A O   1 
ATOM   806  C  CB  . ALA A 1 103 ? 10.435  1.354   -1.621  1.00 23.37 ? 270 ALA A CB  1 
ATOM   807  N  N   . PRO A 1 104 ? 13.153  1.291   0.243   1.00 20.67 ? 271 PRO A N   1 
ATOM   808  C  CA  . PRO A 1 104 ? 14.202  0.539   0.938   1.00 20.35 ? 271 PRO A CA  1 
ATOM   809  C  C   . PRO A 1 104 ? 13.720  -0.834  1.421   1.00 18.87 ? 271 PRO A C   1 
ATOM   810  O  O   . PRO A 1 104 ? 12.556  -1.021  1.701   1.00 20.13 ? 271 PRO A O   1 
ATOM   811  C  CB  . PRO A 1 104 ? 14.530  1.425   2.153   1.00 19.93 ? 271 PRO A CB  1 
ATOM   812  C  CG  . PRO A 1 104 ? 13.298  2.201   2.423   1.00 21.94 ? 271 PRO A CG  1 
ATOM   813  C  CD  . PRO A 1 104 ? 12.572  2.368   1.090   1.00 21.59 ? 271 PRO A CD  1 
ATOM   814  N  N   A ILE A 1 105 ? 14.646  -1.787  1.521   0.50 19.37 ? 272 ILE A N   1 
ATOM   815  N  N   B ILE A 1 105 ? 14.666  -1.769  1.520   0.50 19.64 ? 272 ILE A N   1 
ATOM   816  C  CA  A ILE A 1 105 ? 14.300  -3.101  2.067   0.50 18.48 ? 272 ILE A CA  1 
ATOM   817  C  CA  B ILE A 1 105 ? 14.416  -3.087  2.110   0.50 19.19 ? 272 ILE A CA  1 
ATOM   818  C  C   A ILE A 1 105 ? 14.091  -2.981  3.567   0.50 19.18 ? 272 ILE A C   1 
ATOM   819  C  C   B ILE A 1 105 ? 14.070  -2.915  3.590   0.50 19.55 ? 272 ILE A C   1 
ATOM   820  O  O   A ILE A 1 105 ? 14.927  -2.416  4.282   0.50 18.55 ? 272 ILE A O   1 
ATOM   821  O  O   B ILE A 1 105 ? 14.780  -2.222  4.319   0.50 19.00 ? 272 ILE A O   1 
ATOM   822  C  CB  A ILE A 1 105 ? 15.418  -4.113  1.825   0.50 18.38 ? 272 ILE A CB  1 
ATOM   823  C  CB  B ILE A 1 105 ? 15.693  -3.967  1.973   0.50 19.21 ? 272 ILE A CB  1 
ATOM   824  C  CG1 A ILE A 1 105 ? 15.628  -4.289  0.327   0.50 16.86 ? 272 ILE A CG1 1 
ATOM   825  C  CG1 B ILE A 1 105 ? 16.019  -4.213  0.487   0.50 19.11 ? 272 ILE A CG1 1 
ATOM   826  C  CG2 A ILE A 1 105 ? 15.110  -5.454  2.502   0.50 17.74 ? 272 ILE A CG2 1 
ATOM   827  C  CG2 B ILE A 1 105 ? 15.586  -5.268  2.781   0.50 18.55 ? 272 ILE A CG2 1 
ATOM   828  C  CD1 A ILE A 1 105 ? 16.910  -4.982  0.006   0.50 16.64 ? 272 ILE A CD1 1 
ATOM   829  C  CD1 B ILE A 1 105 ? 15.065  -5.157  -0.240  0.50 20.52 ? 272 ILE A CD1 1 
ATOM   830  N  N   . TYR A 1 106 ? 12.974  -3.530  4.026   1.00 19.67 ? 273 TYR A N   1 
ATOM   831  C  CA  . TYR A 1 106 ? 12.602  -3.480  5.423   1.00 21.81 ? 273 TYR A CA  1 
ATOM   832  C  C   . TYR A 1 106 ? 13.345  -4.554  6.221   1.00 21.95 ? 273 TYR A C   1 
ATOM   833  O  O   . TYR A 1 106 ? 13.382  -5.729  5.837   1.00 22.54 ? 273 TYR A O   1 
ATOM   834  C  CB  . TYR A 1 106 ? 11.086  -3.617  5.542   1.00 23.60 ? 273 TYR A CB  1 
ATOM   835  C  CG  . TYR A 1 106 ? 10.620  -3.443  6.953   1.00 24.96 ? 273 TYR A CG  1 
ATOM   836  C  CD1 . TYR A 1 106 ? 10.605  -2.165  7.552   1.00 26.25 ? 273 TYR A CD1 1 
ATOM   837  C  CD2 . TYR A 1 106 ? 10.214  -4.539  7.709   1.00 26.18 ? 273 TYR A CD2 1 
ATOM   838  C  CE1 . TYR A 1 106 ? 10.197  -2.000  8.859   1.00 27.44 ? 273 TYR A CE1 1 
ATOM   839  C  CE2 . TYR A 1 106 ? 9.810   -4.372  9.051   1.00 27.79 ? 273 TYR A CE2 1 
ATOM   840  C  CZ  . TYR A 1 106 ? 9.804   -3.105  9.603   1.00 28.78 ? 273 TYR A CZ  1 
ATOM   841  O  OH  . TYR A 1 106 ? 9.406   -2.930  10.920  1.00 29.21 ? 273 TYR A OH  1 
ATOM   842  O  OXT . TYR A 1 106 ? 13.968  -4.273  7.265   1.00 24.19 ? 273 TYR A OXT 1 
HETATM 843  O  O   . HOH B 2 .   ? 2.007   -9.528  -5.388  1.00 16.77 ? 274 HOH A O   1 
HETATM 844  O  O   . HOH B 2 .   ? -0.434  -10.411 5.677   1.00 19.14 ? 275 HOH A O   1 
HETATM 845  O  O   . HOH B 2 .   ? 17.176  -0.811  3.745   1.00 16.28 ? 276 HOH A O   1 
HETATM 846  O  O   . HOH B 2 .   ? -1.469  -2.049  -18.845 1.00 20.54 ? 277 HOH A O   1 
HETATM 847  O  O   . HOH B 2 .   ? -0.462  -17.103 1.072   1.00 20.25 ? 278 HOH A O   1 
HETATM 848  O  O   . HOH B 2 .   ? 1.432   -4.053  -10.126 1.00 19.61 ? 279 HOH A O   1 
HETATM 849  O  O   . HOH B 2 .   ? 10.094  3.781   3.073   1.00 22.10 ? 280 HOH A O   1 
HETATM 850  O  O   . HOH B 2 .   ? -9.939  9.519   -2.441  1.00 21.45 ? 281 HOH A O   1 
HETATM 851  O  O   . HOH B 2 .   ? -7.760  -4.136  -3.226  1.00 21.95 ? 282 HOH A O   1 
HETATM 852  O  O   . HOH B 2 .   ? 10.509  -6.099  -2.602  1.00 22.99 ? 283 HOH A O   1 
HETATM 853  O  O   . HOH B 2 .   ? 5.505   -13.563 2.488   1.00 21.68 ? 284 HOH A O   1 
HETATM 854  O  O   . HOH B 2 .   ? 4.709   -12.267 4.856   1.00 22.82 ? 285 HOH A O   1 
HETATM 855  O  O   . HOH B 2 .   ? -2.619  -15.071 -2.572  1.00 18.25 ? 286 HOH A O   1 
HETATM 856  O  O   . HOH B 2 .   ? -10.559 -1.629  6.869   1.00 22.59 ? 287 HOH A O   1 
HETATM 857  O  O   . HOH B 2 .   ? -9.263  -2.405  -0.781  1.00 23.23 ? 288 HOH A O   1 
HETATM 858  O  O   . HOH B 2 .   ? -2.353  -17.298 -1.023  0.50 19.50 ? 289 HOH A O   1 
HETATM 859  O  O   . HOH B 2 .   ? 11.298  5.672   1.222   1.00 24.24 ? 290 HOH A O   1 
HETATM 860  O  O   . HOH B 2 .   ? -6.546  12.142  -4.740  1.00 22.60 ? 291 HOH A O   1 
HETATM 861  O  O   . HOH B 2 .   ? -7.243  -0.465  -9.559  1.00 22.29 ? 292 HOH A O   1 
HETATM 862  O  O   . HOH B 2 .   ? 0.460   14.609  5.936   1.00 25.64 ? 293 HOH A O   1 
HETATM 863  O  O   . HOH B 2 .   ? 8.538   -11.097 4.232   1.00 24.73 ? 294 HOH A O   1 
HETATM 864  O  O   . HOH B 2 .   ? -9.446  5.449   -12.772 1.00 27.91 ? 295 HOH A O   1 
HETATM 865  O  O   . HOH B 2 .   ? -11.099 -0.374  0.055   1.00 21.96 ? 296 HOH A O   1 
HETATM 866  O  O   . HOH B 2 .   ? 1.746   -12.315 5.375   1.00 25.11 ? 297 HOH A O   1 
HETATM 867  O  O   . HOH B 2 .   ? -11.985 -8.271  3.239   1.00 28.75 ? 298 HOH A O   1 
HETATM 868  O  O   . HOH B 2 .   ? 18.527  -9.248  9.881   1.00 23.72 ? 299 HOH A O   1 
HETATM 869  O  O   . HOH B 2 .   ? -1.552  -4.201  9.820   1.00 25.08 ? 300 HOH A O   1 
HETATM 870  O  O   . HOH B 2 .   ? -5.957  -1.468  -11.644 1.00 24.32 ? 301 HOH A O   1 
HETATM 871  O  O   . HOH B 2 .   ? -1.341  -15.150 4.389   1.00 24.35 ? 302 HOH A O   1 
HETATM 872  O  O   . HOH B 2 .   ? -1.315  -15.390 -4.877  1.00 24.01 ? 303 HOH A O   1 
HETATM 873  O  O   . HOH B 2 .   ? -6.073  11.304  -7.311  1.00 27.73 ? 304 HOH A O   1 
HETATM 874  O  O   . HOH B 2 .   ? -3.275  -13.127 5.053   1.00 30.09 ? 305 HOH A O   1 
HETATM 875  O  O   . HOH B 2 .   ? -1.834  -4.217  -15.735 1.00 24.96 ? 306 HOH A O   1 
HETATM 876  O  O   . HOH B 2 .   ? -7.545  -2.239  -7.525  1.00 26.17 ? 307 HOH A O   1 
HETATM 877  O  O   . HOH B 2 .   ? -12.538 8.487   -2.032  1.00 28.92 ? 308 HOH A O   1 
HETATM 878  O  O   . HOH B 2 .   ? 1.271   -20.029 -1.756  1.00 24.27 ? 309 HOH A O   1 
HETATM 879  O  O   . HOH B 2 .   ? -9.185  11.024  -4.504  1.00 24.32 ? 310 HOH A O   1 
HETATM 880  O  O   . HOH B 2 .   ? -6.881  -10.386 11.200  1.00 34.02 ? 311 HOH A O   1 
HETATM 881  O  O   . HOH B 2 .   ? -3.138  -7.117  8.554   1.00 26.12 ? 312 HOH A O   1 
HETATM 882  O  O   . HOH B 2 .   ? 0.779   -13.734 -5.588  1.00 22.86 ? 313 HOH A O   1 
HETATM 883  O  O   . HOH B 2 .   ? 0.296   -11.271 -6.530  1.00 25.70 ? 314 HOH A O   1 
HETATM 884  O  O   . HOH B 2 .   ? 11.503  -0.421  4.635   1.00 32.02 ? 315 HOH A O   1 
HETATM 885  O  O   . HOH B 2 .   ? -9.254  -9.746  4.734   1.00 27.27 ? 316 HOH A O   1 
HETATM 886  O  O   . HOH B 2 .   ? 15.488  3.661   -4.435  1.00 30.95 ? 317 HOH A O   1 
HETATM 887  O  O   . HOH B 2 .   ? 14.961  3.698   -1.796  1.00 28.86 ? 318 HOH A O   1 
HETATM 888  O  O   . HOH B 2 .   ? -1.095  11.410  -8.296  1.00 29.57 ? 319 HOH A O   1 
HETATM 889  O  O   . HOH B 2 .   ? -6.608  8.837   -7.842  1.00 22.00 ? 320 HOH A O   1 
HETATM 890  O  O   . HOH B 2 .   ? 9.552   1.230   10.490  1.00 38.79 ? 321 HOH A O   1 
HETATM 891  O  O   . HOH B 2 .   ? -2.424  -0.005  15.065  1.00 28.25 ? 322 HOH A O   1 
HETATM 892  O  O   . HOH B 2 .   ? 15.600  -7.031  6.475   1.00 31.88 ? 323 HOH A O   1 
HETATM 893  O  O   . HOH B 2 .   ? 7.968   -3.759  -11.032 1.00 30.70 ? 324 HOH A O   1 
HETATM 894  O  O   . HOH B 2 .   ? 12.985  -7.848  -1.634  1.00 39.68 ? 325 HOH A O   1 
HETATM 895  O  O   . HOH B 2 .   ? -7.123  8.992   -10.440 1.00 34.09 ? 326 HOH A O   1 
HETATM 896  O  O   . HOH B 2 .   ? 1.412   3.656   -16.993 1.00 25.37 ? 327 HOH A O   1 
HETATM 897  O  O   . HOH B 2 .   ? 3.789   4.472   6.817   1.00 30.95 ? 328 HOH A O   1 
HETATM 898  O  O   . HOH B 2 .   ? 13.530  0.408   5.784   1.00 25.22 ? 329 HOH A O   1 
HETATM 899  O  O   . HOH B 2 .   ? 4.364   -7.495  12.807  1.00 34.34 ? 330 HOH A O   1 
HETATM 900  O  O   . HOH B 2 .   ? 16.930  -10.292 11.794  1.00 43.45 ? 331 HOH A O   1 
HETATM 901  O  O   . HOH B 2 .   ? 11.637  5.853   -1.625  1.00 26.18 ? 332 HOH A O   1 
HETATM 902  O  O   . HOH B 2 .   ? 0.100   -4.623  -13.290 1.00 27.70 ? 333 HOH A O   1 
HETATM 903  O  O   . HOH B 2 .   ? -3.450  12.590  -7.902  1.00 30.55 ? 334 HOH A O   1 
HETATM 904  O  O   . HOH B 2 .   ? 3.448   -8.851  10.550  1.00 29.50 ? 335 HOH A O   1 
HETATM 905  O  O   . HOH B 2 .   ? -2.065  -17.523 3.142   1.00 27.07 ? 336 HOH A O   1 
HETATM 906  O  O   . HOH B 2 .   ? -3.113  -0.975  11.397  1.00 22.96 ? 337 HOH A O   1 
HETATM 907  O  O   . HOH B 2 .   ? 2.037   13.691  -0.286  1.00 29.25 ? 338 HOH A O   1 
HETATM 908  O  O   . HOH B 2 .   ? -4.276  -0.755  -19.426 1.00 30.71 ? 339 HOH A O   1 
HETATM 909  O  O   . HOH B 2 .   ? 19.695  -3.541  -2.926  1.00 27.90 ? 340 HOH A O   1 
HETATM 910  O  O   . HOH B 2 .   ? 1.650   11.826  -7.782  1.00 33.41 ? 341 HOH A O   1 
HETATM 911  O  O   . HOH B 2 .   ? 3.001   3.924   -15.007 1.00 36.87 ? 342 HOH A O   1 
HETATM 912  O  O   . HOH B 2 .   ? 4.927   -4.446  13.275  1.00 39.37 ? 343 HOH A O   1 
HETATM 913  O  O   . HOH B 2 .   ? 7.824   -12.161 1.637   1.00 23.35 ? 344 HOH A O   1 
HETATM 914  O  O   . HOH B 2 .   ? 0.816   -9.506  10.387  1.00 41.07 ? 345 HOH A O   1 
HETATM 915  O  O   . HOH B 2 .   ? 1.742   13.531  2.097   1.00 31.88 ? 346 HOH A O   1 
HETATM 916  O  O   . HOH B 2 .   ? 1.392   -19.148 0.879   1.00 28.75 ? 347 HOH A O   1 
HETATM 917  O  O   . HOH B 2 .   ? -3.738  15.086  -7.057  1.00 37.62 ? 348 HOH A O   1 
HETATM 918  O  O   . HOH B 2 .   ? -5.778  -13.510 4.302   1.00 36.02 ? 349 HOH A O   1 
HETATM 919  O  O   . HOH B 2 .   ? -10.967 -2.310  1.940   1.00 32.46 ? 350 HOH A O   1 
HETATM 920  O  O   . HOH B 2 .   ? -6.514  -0.189  -16.229 1.00 37.81 ? 351 HOH A O   1 
HETATM 921  O  O   . HOH B 2 .   ? -14.868 9.550   3.825   1.00 39.55 ? 352 HOH A O   1 
HETATM 922  O  O   . HOH B 2 .   ? 11.287  -9.952  -2.725  1.00 40.48 ? 353 HOH A O   1 
HETATM 923  O  O   . HOH B 2 .   ? -6.965  -11.931 2.403   1.00 34.91 ? 354 HOH A O   1 
HETATM 924  O  O   . HOH B 2 .   ? -8.253  2.769   13.182  1.00 29.59 ? 355 HOH A O   1 
HETATM 925  O  O   . HOH B 2 .   ? -0.380  3.609   16.191  1.00 34.58 ? 356 HOH A O   1 
HETATM 926  O  O   . HOH B 2 .   ? -2.185  8.823   -16.535 1.00 48.54 ? 357 HOH A O   1 
HETATM 927  O  O   . HOH B 2 .   ? -6.838  -11.399 -3.051  1.00 42.04 ? 358 HOH A O   1 
HETATM 928  O  O   . HOH B 2 .   ? -15.581 1.510   4.776   1.00 30.23 ? 359 HOH A O   1 
HETATM 929  O  O   . HOH B 2 .   ? -13.403 -1.915  6.792   1.00 37.11 ? 360 HOH A O   1 
HETATM 930  O  O   . HOH B 2 .   ? 1.237   -19.308 -6.021  1.00 34.40 ? 361 HOH A O   1 
HETATM 931  O  O   . HOH B 2 .   ? 6.138   -16.043 3.153   1.00 39.27 ? 362 HOH A O   1 
HETATM 932  O  O   . HOH B 2 .   ? 3.909   -17.765 0.857   1.00 38.97 ? 363 HOH A O   1 
HETATM 933  O  O   . HOH B 2 .   ? 15.820  6.586   -6.300  1.00 40.69 ? 364 HOH A O   1 
HETATM 934  O  O   . HOH B 2 .   ? -8.749  -10.080 7.306   1.00 43.23 ? 365 HOH A O   1 
HETATM 935  O  O   . HOH B 2 .   ? 4.767   -11.927 10.680  1.00 47.28 ? 366 HOH A O   1 
HETATM 936  O  O   . HOH B 2 .   ? 8.422   9.155   -0.044  1.00 39.50 ? 367 HOH A O   1 
HETATM 937  O  O   . HOH B 2 .   ? -4.728  -3.910  -15.216 1.00 38.53 ? 368 HOH A O   1 
HETATM 938  O  O   . HOH B 2 .   ? 9.125   7.383   2.186   1.00 32.44 ? 369 HOH A O   1 
HETATM 939  O  O   . HOH B 2 .   ? -2.523  2.168   16.812  1.00 42.40 ? 370 HOH A O   1 
HETATM 940  O  O   . HOH B 2 .   ? -6.376  -6.310  -7.139  1.00 46.51 ? 371 HOH A O   1 
HETATM 941  O  O   . HOH B 2 .   ? -9.101  -10.000 -0.471  1.00 49.29 ? 372 HOH A O   1 
HETATM 942  O  O   . HOH B 2 .   ? 8.209   -9.756  -7.668  1.00 52.01 ? 373 HOH A O   1 
HETATM 943  O  O   . HOH B 2 .   ? -9.290  4.890   -15.613 1.00 40.30 ? 374 HOH A O   1 
HETATM 944  O  O   . HOH B 2 .   ? -11.359 4.482   -11.433 1.00 38.91 ? 375 HOH A O   1 
HETATM 945  O  O   . HOH B 2 .   ? 9.808   -7.893  -8.805  1.00 45.77 ? 376 HOH A O   1 
HETATM 946  O  O   . HOH B 2 .   ? 16.476  -8.949  4.773   1.00 28.01 ? 377 HOH A O   1 
HETATM 947  O  O   . HOH B 2 .   ? -6.234  -16.243 3.919   1.00 46.81 ? 378 HOH A O   1 
HETATM 948  O  O   . HOH B 2 .   ? 11.692  -5.616  -11.742 1.00 48.75 ? 379 HOH A O   1 
HETATM 949  O  O   . HOH B 2 .   ? -4.642  4.216   16.502  1.00 47.26 ? 380 HOH A O   1 
HETATM 950  O  O   . HOH B 2 .   ? -17.351 -1.789  7.401   1.00 39.69 ? 381 HOH A O   1 
HETATM 951  O  O   . HOH B 2 .   ? -13.487 9.036   -7.494  1.00 36.43 ? 382 HOH A O   1 
HETATM 952  O  O   . HOH B 2 .   ? -6.044  3.638   -18.634 1.00 43.33 ? 383 HOH A O   1 
HETATM 953  O  O   . HOH B 2 .   ? 15.016  -11.002 5.742   1.00 48.00 ? 384 HOH A O   1 
HETATM 954  O  O   . HOH B 2 .   ? -14.305 -0.874  3.968   1.00 35.88 ? 385 HOH A O   1 
HETATM 955  O  O   . HOH B 2 .   ? 2.256   9.863   9.206   1.00 34.07 ? 386 HOH A O   1 
HETATM 956  O  O   . HOH B 2 .   ? 11.389  -1.343  -12.034 1.00 43.02 ? 387 HOH A O   1 
HETATM 957  O  O   . HOH B 2 .   ? 5.703   9.762   -14.750 1.00 53.92 ? 388 HOH A O   1 
HETATM 958  O  O   . HOH B 2 .   ? 9.208   7.439   -12.688 1.00 43.85 ? 389 HOH A O   1 
HETATM 959  O  O   . HOH B 2 .   ? 4.002   -17.942 4.714   1.00 56.15 ? 390 HOH A O   1 
HETATM 960  O  O   . HOH B 2 .   ? 11.385  4.513   5.309   1.00 33.53 ? 391 HOH A O   1 
HETATM 961  O  O   . HOH B 2 .   ? -8.843  -6.620  -3.159  1.00 50.82 ? 392 HOH A O   1 
HETATM 962  O  O   . HOH B 2 .   ? 0.250   -15.853 6.533   1.00 41.56 ? 393 HOH A O   1 
HETATM 963  O  O   . HOH B 2 .   ? 9.216   -6.167  -10.809 1.00 43.66 ? 394 HOH A O   1 
HETATM 964  O  O   . HOH B 2 .   ? -7.726  -12.734 7.728   1.00 47.14 ? 395 HOH A O   1 
HETATM 965  O  O   . HOH B 2 .   ? 11.842  -11.543 2.298   1.00 39.31 ? 396 HOH A O   1 
HETATM 966  O  O   . HOH B 2 .   ? 8.444   5.430   -14.079 1.00 50.15 ? 397 HOH A O   1 
HETATM 967  O  O   . HOH B 2 .   ? -3.320  -5.674  11.023  1.00 39.98 ? 398 HOH A O   1 
HETATM 968  O  O   . HOH B 2 .   ? 1.495   12.654  8.982   1.00 39.81 ? 399 HOH A O   1 
HETATM 969  O  O   . HOH B 2 .   ? -13.810 -2.780  1.876   1.00 38.29 ? 400 HOH A O   1 
HETATM 970  O  O   . HOH B 2 .   ? -16.703 -5.789  4.076   1.00 54.17 ? 401 HOH A O   1 
HETATM 971  O  O   . HOH B 2 .   ? 16.400  -8.863  1.942   1.00 45.30 ? 402 HOH A O   1 
HETATM 972  O  O   . HOH B 2 .   ? 7.464   8.436   -8.972  1.00 45.88 ? 403 HOH A O   1 
HETATM 973  O  O   . HOH B 2 .   ? -16.365 1.061   12.124  1.00 43.10 ? 404 HOH A O   1 
HETATM 974  O  O   . HOH B 2 .   ? 12.444  4.382   -14.780 1.00 48.76 ? 405 HOH A O   1 
HETATM 975  O  O   . HOH B 2 .   ? 2.686   16.112  -1.985  1.00 49.17 ? 406 HOH A O   1 
HETATM 976  O  O   . HOH B 2 .   ? -9.197  9.734   -6.681  1.00 43.37 ? 407 HOH A O   1 
HETATM 977  O  O   . HOH B 2 .   ? 8.674   -13.209 5.950   1.00 52.18 ? 408 HOH A O   1 
HETATM 978  O  O   . HOH B 2 .   ? 5.075   -13.853 6.926   1.00 40.89 ? 409 HOH A O   1 
HETATM 979  O  O   . HOH B 2 .   ? -2.394  11.716  12.483  1.00 54.40 ? 410 HOH A O   1 
HETATM 980  O  O   . HOH B 2 .   ? 8.719   -12.143 8.478   1.00 44.69 ? 411 HOH A O   1 
HETATM 981  O  O   . HOH B 2 .   ? -18.508 -7.741  3.864   1.00 59.41 ? 412 HOH A O   1 
HETATM 982  O  O   . HOH B 2 .   ? 10.700  8.257   -1.979  1.00 52.74 ? 413 HOH A O   1 
HETATM 983  O  O   . HOH B 2 .   ? 2.490   7.903   -16.595 1.00 40.91 ? 414 HOH A O   1 
HETATM 984  O  O   . HOH B 2 .   ? 0.198   -7.033  -12.563 1.00 38.59 ? 415 HOH A O   1 
HETATM 985  O  O   . HOH B 2 .   ? -3.822  -12.206 -5.531  1.00 34.45 ? 416 HOH A O   1 
HETATM 986  O  O   . HOH B 2 .   ? 9.212   6.744   -10.083 1.00 47.17 ? 417 HOH A O   1 
HETATM 987  O  O   . HOH B 2 .   ? -2.609  5.680   16.804  1.00 57.56 ? 418 HOH A O   1 
HETATM 988  O  O   . HOH B 2 .   ? -9.524  8.507   -12.333 1.00 54.78 ? 419 HOH A O   1 
HETATM 989  O  O   . HOH B 2 .   ? 14.007  -5.735  9.595   1.00 47.86 ? 420 HOH A O   1 
HETATM 990  O  O   . HOH B 2 .   ? 7.402   10.763  2.625   1.00 44.43 ? 421 HOH A O   1 
HETATM 991  O  O   . HOH B 2 .   ? -13.087 -6.869  8.570   1.00 40.69 ? 422 HOH A O   1 
HETATM 992  O  O   . HOH B 2 .   ? 11.455  2.151   -15.639 1.00 52.80 ? 423 HOH A O   1 
HETATM 993  O  O   . HOH B 2 .   ? 3.485   -8.509  -12.710 1.00 40.74 ? 424 HOH A O   1 
HETATM 994  O  O   . HOH B 2 .   ? 4.339   13.434  2.243   1.00 29.30 ? 425 HOH A O   1 
HETATM 995  O  O   . HOH B 2 .   ? -9.538  9.308   9.555   1.00 41.91 ? 426 HOH A O   1 
HETATM 996  O  O   . HOH B 2 .   ? -14.845 6.052   5.127   1.00 36.42 ? 427 HOH A O   1 
HETATM 997  O  O   . HOH B 2 .   ? 3.569   -16.099 6.843   1.00 52.66 ? 428 HOH A O   1 
HETATM 998  O  O   . HOH B 2 .   ? 0.518   16.426  -4.958  1.00 54.07 ? 429 HOH A O   1 
HETATM 999  O  O   . HOH B 2 .   ? -6.316  -8.751  -6.050  1.00 38.22 ? 430 HOH A O   1 
HETATM 1000 O  O   . HOH B 2 .   ? -15.047 3.870   6.870   1.00 46.43 ? 431 HOH A O   1 
HETATM 1001 O  O   . HOH B 2 .   ? -17.515 -3.407  4.885   1.00 45.71 ? 432 HOH A O   1 
HETATM 1002 O  O   . HOH B 2 .   ? -15.176 4.290   3.101   1.00 39.85 ? 433 HOH A O   1 
HETATM 1003 O  O   . HOH B 2 .   ? -9.412  -9.736  9.805   1.00 30.84 ? 434 HOH A O   1 
HETATM 1004 O  O   . HOH B 2 .   ? -14.213 5.563   0.660   1.00 35.59 ? 435 HOH A O   1 
HETATM 1005 O  O   . HOH B 2 .   ? 0.837   9.944   -16.354 1.00 53.89 ? 436 HOH A O   1 
HETATM 1006 O  O   . HOH B 2 .   ? 1.879   5.868   12.682  1.00 44.16 ? 437 HOH A O   1 
HETATM 1007 O  O   . HOH B 2 .   ? -0.765  13.023  8.148   1.00 42.75 ? 438 HOH A O   1 
HETATM 1008 O  O   . HOH B 2 .   ? 14.523  -6.084  -4.780  1.00 50.15 ? 439 HOH A O   1 
HETATM 1009 O  O   . HOH B 2 .   ? -0.257  -2.960  14.173  1.00 53.68 ? 440 HOH A O   1 
HETATM 1010 O  O   . HOH B 2 .   ? -1.353  11.808  -11.218 1.00 42.32 ? 441 HOH A O   1 
HETATM 1011 O  O   . HOH B 2 .   ? -3.140  12.506  -14.058 1.00 52.94 ? 442 HOH A O   1 
HETATM 1012 O  O   . HOH B 2 .   ? -12.143 -3.433  -2.327  1.00 46.09 ? 443 HOH A O   1 
HETATM 1013 O  O   . HOH B 2 .   ? 8.274   -0.620  11.810  1.00 49.97 ? 444 HOH A O   1 
HETATM 1014 O  O   . HOH B 2 .   ? 6.828   14.224  -2.821  1.00 52.58 ? 445 HOH A O   1 
HETATM 1015 O  O   . HOH B 2 .   ? -11.067 -6.139  -4.205  1.00 50.30 ? 446 HOH A O   1 
HETATM 1016 O  O   . HOH B 2 .   ? 7.882   9.082   4.629   1.00 56.26 ? 447 HOH A O   1 
HETATM 1017 O  O   . HOH B 2 .   ? 11.683  -6.847  -4.835  1.00 60.70 ? 448 HOH A O   1 
HETATM 1018 O  O   . HOH B 2 .   ? 4.956   -1.605  13.392  1.00 51.86 ? 449 HOH A O   1 
HETATM 1019 O  O   . HOH B 2 .   ? 10.871  -9.290  -5.440  1.00 66.30 ? 450 HOH A O   1 
HETATM 1020 O  O   . HOH B 2 .   ? -1.550  -10.599 -14.032 1.00 41.93 ? 451 HOH A O   1 
HETATM 1021 O  O   . HOH B 2 .   ? 3.500   11.967  -10.184 1.00 57.42 ? 452 HOH A O   1 
HETATM 1022 O  O   . HOH B 2 .   ? 8.520   10.893  -7.925  1.00 59.91 ? 453 HOH A O   1 
HETATM 1023 O  O   . HOH B 2 .   ? 7.156   -4.826  14.219  1.00 50.09 ? 454 HOH A O   1 
HETATM 1024 O  O   . HOH B 2 .   ? 9.004   -4.092  16.510  1.00 54.30 ? 455 HOH A O   1 
HETATM 1025 O  O   . HOH B 2 .   ? 4.751   15.705  -3.634  1.00 53.46 ? 456 HOH A O   1 
HETATM 1026 O  O   . HOH B 2 .   ? 13.728  6.999   -2.951  1.00 52.54 ? 457 HOH A O   1 
HETATM 1027 O  O   . HOH B 2 .   ? 2.860   -17.148 -7.245  1.00 45.04 ? 458 HOH A O   1 
HETATM 1028 O  O   . HOH B 2 .   ? 6.511   -18.557 -4.265  1.00 54.22 ? 459 HOH A O   1 
HETATM 1029 O  O   . HOH B 2 .   ? 6.902   3.145   -12.926 1.00 50.93 ? 460 HOH A O   1 
HETATM 1030 O  O   . HOH B 2 .   ? -0.069  6.342   16.188  1.00 52.80 ? 461 HOH A O   1 
HETATM 1031 O  O   . HOH B 2 .   ? -5.018  -0.888  14.830  1.00 34.43 ? 462 HOH A O   1 
HETATM 1032 O  O   . HOH B 2 .   ? 12.474  -6.147  11.600  1.00 50.01 ? 463 HOH A O   1 
HETATM 1033 O  O   . HOH B 2 .   ? -2.792  -4.828  13.283  1.00 45.16 ? 464 HOH A O   1 
HETATM 1034 O  O   . HOH B 2 .   ? 3.706   0.974   11.263  1.00 34.66 ? 465 HOH A O   1 
HETATM 1035 O  O   . HOH B 2 .   ? 4.863   2.542   8.447   1.00 39.76 ? 466 HOH A O   1 
HETATM 1036 O  O   . HOH B 2 .   ? 11.204  6.368   -8.689  1.00 50.29 ? 467 HOH A O   1 
HETATM 1037 O  O   . HOH B 2 .   ? -15.007 -0.065  15.638  1.00 53.99 ? 468 HOH A O   1 
HETATM 1038 O  O   . HOH B 2 .   ? -7.617  9.264   11.732  1.00 45.57 ? 469 HOH A O   1 
HETATM 1039 O  O   . HOH B 2 .   ? 4.286   -12.742 -12.615 1.00 51.50 ? 470 HOH A O   1 
HETATM 1040 O  O   . HOH B 2 .   ? 8.090   -14.389 -6.229  1.00 59.29 ? 471 HOH A O   1 
HETATM 1041 O  O   . HOH B 2 .   ? 6.641   -11.377 -12.804 1.00 60.45 ? 472 HOH A O   1 
HETATM 1042 O  O   . HOH B 2 .   ? -13.383 7.553   3.302   1.00 49.13 ? 473 HOH A O   1 
HETATM 1043 O  O   . HOH B 2 .   ? 9.514   -11.574 -5.751  1.00 57.38 ? 474 HOH A O   1 
HETATM 1044 O  O   . HOH B 2 .   ? 10.619  1.625   4.434   1.00 47.61 ? 475 HOH A O   1 
HETATM 1045 O  O   . HOH B 2 .   ? 2.294   12.936  3.863   1.00 41.07 ? 476 HOH A O   1 
HETATM 1046 O  O   . HOH B 2 .   ? 3.886   -20.734 -4.249  1.00 52.58 ? 477 HOH A O   1 
HETATM 1047 O  O   . HOH B 2 .   ? -13.484 8.043   0.452   1.00 75.95 ? 478 HOH A O   1 
HETATM 1048 O  O   . HOH B 2 .   ? -1.898  7.570   15.176  1.00 60.33 ? 479 HOH A O   1 
HETATM 1049 O  O   . HOH B 2 .   ? 5.785   -17.196 -6.740  1.00 48.80 ? 480 HOH A O   1 
HETATM 1050 O  O   . HOH B 2 .   ? -10.087 2.562   15.048  1.00 59.22 ? 481 HOH A O   1 
HETATM 1051 O  O   . HOH B 2 .   ? 7.252   8.792   -2.298  1.00 53.66 ? 482 HOH A O   1 
# 
